data_3T97
# 
_entry.id   3T97 
# 
_audit_conform.dict_name       mmcif_pdbx.dic 
_audit_conform.dict_version    5.387 
_audit_conform.dict_location   http://mmcif.pdb.org/dictionaries/ascii/mmcif_pdbx.dic 
# 
loop_
_database_2.database_id 
_database_2.database_code 
_database_2.pdbx_database_accession 
_database_2.pdbx_DOI 
PDB   3T97         pdb_00003t97 10.2210/pdb3t97/pdb 
RCSB  RCSB067195   ?            ?                   
WWPDB D_1000067195 ?            ?                   
# 
loop_
_pdbx_audit_revision_history.ordinal 
_pdbx_audit_revision_history.data_content_type 
_pdbx_audit_revision_history.major_revision 
_pdbx_audit_revision_history.minor_revision 
_pdbx_audit_revision_history.revision_date 
1 'Structure model' 1 0 2011-11-02 
2 'Structure model' 1 1 2011-11-09 
3 'Structure model' 1 2 2024-02-28 
# 
_pdbx_audit_revision_details.ordinal             1 
_pdbx_audit_revision_details.revision_ordinal    1 
_pdbx_audit_revision_details.data_content_type   'Structure model' 
_pdbx_audit_revision_details.provider            repository 
_pdbx_audit_revision_details.type                'Initial release' 
_pdbx_audit_revision_details.description         ? 
_pdbx_audit_revision_details.details             ? 
# 
loop_
_pdbx_audit_revision_group.ordinal 
_pdbx_audit_revision_group.revision_ordinal 
_pdbx_audit_revision_group.data_content_type 
_pdbx_audit_revision_group.group 
1 2 'Structure model' 'Database references' 
2 3 'Structure model' 'Data collection'     
3 3 'Structure model' 'Database references' 
# 
loop_
_pdbx_audit_revision_category.ordinal 
_pdbx_audit_revision_category.revision_ordinal 
_pdbx_audit_revision_category.data_content_type 
_pdbx_audit_revision_category.category 
1 3 'Structure model' chem_comp_atom     
2 3 'Structure model' chem_comp_bond     
3 3 'Structure model' database_2         
4 3 'Structure model' struct_ref_seq_dif 
# 
loop_
_pdbx_audit_revision_item.ordinal 
_pdbx_audit_revision_item.revision_ordinal 
_pdbx_audit_revision_item.data_content_type 
_pdbx_audit_revision_item.item 
1 3 'Structure model' '_database_2.pdbx_DOI'                
2 3 'Structure model' '_database_2.pdbx_database_accession' 
3 3 'Structure model' '_struct_ref_seq_dif.details'         
# 
_pdbx_database_status.status_code                     REL 
_pdbx_database_status.entry_id                        3T97 
_pdbx_database_status.recvd_initial_deposition_date   2011-08-02 
_pdbx_database_status.deposit_site                    RCSB 
_pdbx_database_status.process_site                    RCSB 
_pdbx_database_status.status_code_sf                  REL 
_pdbx_database_status.status_code_mr                  ? 
_pdbx_database_status.SG_entry                        ? 
_pdbx_database_status.status_code_cs                  ? 
_pdbx_database_status.pdb_format_compatible           Y 
_pdbx_database_status.status_code_nmr_data            ? 
_pdbx_database_status.methods_development_category    ? 
# 
_pdbx_database_related.db_name        PDB 
_pdbx_database_related.db_id          3T98 
_pdbx_database_related.details        . 
_pdbx_database_related.content_type   unspecified 
# 
loop_
_audit_author.name 
_audit_author.pdbx_ordinal 
'Chauhan, R.' 1 
'Blobel, G.'  2 
'Melcak, I.'  3 
# 
_citation.id                        primary 
_citation.title                     'Molecular architecture of the transport channel of the nuclear pore complex.' 
_citation.journal_abbrev            'Cell(Cambridge,Mass.)' 
_citation.journal_volume            147 
_citation.page_first                590 
_citation.page_last                 602 
_citation.year                      2011 
_citation.journal_id_ASTM           CELLB5 
_citation.country                   US 
_citation.journal_id_ISSN           0092-8674 
_citation.journal_id_CSD            0998 
_citation.book_publisher            ? 
_citation.pdbx_database_id_PubMed   22036567 
_citation.pdbx_database_id_DOI      10.1016/j.cell.2011.09.034 
# 
loop_
_citation_author.citation_id 
_citation_author.name 
_citation_author.ordinal 
_citation_author.identifier_ORCID 
primary 'Solmaz, S.R.' 1 ? 
primary 'Chauhan, R.'  2 ? 
primary 'Blobel, G.'   3 ? 
primary 'Melcak, I.'   4 ? 
# 
loop_
_entity.id 
_entity.type 
_entity.src_method 
_entity.pdbx_description 
_entity.formula_weight 
_entity.pdbx_number_of_molecules 
_entity.pdbx_ec 
_entity.pdbx_mutation 
_entity.pdbx_fragment 
_entity.details 
1 polymer man 'Nuclear pore complex protein Nup54' 7624.819 1  ? ? 'UNP residues 346-407' ? 
2 polymer man 'Nuclear pore glycoprotein p62'      7537.403 2  ? ? 'UNP residues 362-425' ? 
3 water   nat water                                18.015   29 ? ? ?                      ? 
# 
loop_
_entity_name_com.entity_id 
_entity_name_com.name 
1 '54 kDa nucleoporin, Nucleoporin Nup54' 
2 '62 kDa nucleoporin, Nucleoporin Nup62' 
# 
loop_
_entity_poly.entity_id 
_entity_poly.type 
_entity_poly.nstd_linkage 
_entity_poly.nstd_monomer 
_entity_poly.pdbx_seq_one_letter_code 
_entity_poly.pdbx_seq_one_letter_code_can 
_entity_poly.pdbx_strand_id 
_entity_poly.pdbx_target_identifier 
1 'polypeptide(L)' no no GSHMTKQHQTRLDIISEDISELQKNQTTTMAKIAQYKRKLMDLSHRTLQVLIKQEIQRKSGYAIQ 
GSHMTKQHQTRLDIISEDISELQKNQTTTMAKIAQYKRKLMDLSHRTLQVLIKQEIQRKSGYAIQ B   ? 
2 'polypeptide(L)' no no NAWDRTLIENGEKITSLHREVEKVKLDQKRLDQELDFILSQQKELEDLLSPLEESVKEQSGTIY  
NAWDRTLIENGEKITSLHREVEKVKLDQKRLDQELDFILSQQKELEDLLSPLEESVKEQSGTIY  C,A ? 
# 
_pdbx_entity_nonpoly.entity_id   3 
_pdbx_entity_nonpoly.name        water 
_pdbx_entity_nonpoly.comp_id     HOH 
# 
loop_
_entity_poly_seq.entity_id 
_entity_poly_seq.num 
_entity_poly_seq.mon_id 
_entity_poly_seq.hetero 
1 1  GLY n 
1 2  SER n 
1 3  HIS n 
1 4  MET n 
1 5  THR n 
1 6  LYS n 
1 7  GLN n 
1 8  HIS n 
1 9  GLN n 
1 10 THR n 
1 11 ARG n 
1 12 LEU n 
1 13 ASP n 
1 14 ILE n 
1 15 ILE n 
1 16 SER n 
1 17 GLU n 
1 18 ASP n 
1 19 ILE n 
1 20 SER n 
1 21 GLU n 
1 22 LEU n 
1 23 GLN n 
1 24 LYS n 
1 25 ASN n 
1 26 GLN n 
1 27 THR n 
1 28 THR n 
1 29 THR n 
1 30 MET n 
1 31 ALA n 
1 32 LYS n 
1 33 ILE n 
1 34 ALA n 
1 35 GLN n 
1 36 TYR n 
1 37 LYS n 
1 38 ARG n 
1 39 LYS n 
1 40 LEU n 
1 41 MET n 
1 42 ASP n 
1 43 LEU n 
1 44 SER n 
1 45 HIS n 
1 46 ARG n 
1 47 THR n 
1 48 LEU n 
1 49 GLN n 
1 50 VAL n 
1 51 LEU n 
1 52 ILE n 
1 53 LYS n 
1 54 GLN n 
1 55 GLU n 
1 56 ILE n 
1 57 GLN n 
1 58 ARG n 
1 59 LYS n 
1 60 SER n 
1 61 GLY n 
1 62 TYR n 
1 63 ALA n 
1 64 ILE n 
1 65 GLN n 
2 1  ASN n 
2 2  ALA n 
2 3  TRP n 
2 4  ASP n 
2 5  ARG n 
2 6  THR n 
2 7  LEU n 
2 8  ILE n 
2 9  GLU n 
2 10 ASN n 
2 11 GLY n 
2 12 GLU n 
2 13 LYS n 
2 14 ILE n 
2 15 THR n 
2 16 SER n 
2 17 LEU n 
2 18 HIS n 
2 19 ARG n 
2 20 GLU n 
2 21 VAL n 
2 22 GLU n 
2 23 LYS n 
2 24 VAL n 
2 25 LYS n 
2 26 LEU n 
2 27 ASP n 
2 28 GLN n 
2 29 LYS n 
2 30 ARG n 
2 31 LEU n 
2 32 ASP n 
2 33 GLN n 
2 34 GLU n 
2 35 LEU n 
2 36 ASP n 
2 37 PHE n 
2 38 ILE n 
2 39 LEU n 
2 40 SER n 
2 41 GLN n 
2 42 GLN n 
2 43 LYS n 
2 44 GLU n 
2 45 LEU n 
2 46 GLU n 
2 47 ASP n 
2 48 LEU n 
2 49 LEU n 
2 50 SER n 
2 51 PRO n 
2 52 LEU n 
2 53 GLU n 
2 54 GLU n 
2 55 SER n 
2 56 VAL n 
2 57 LYS n 
2 58 GLU n 
2 59 GLN n 
2 60 SER n 
2 61 GLY n 
2 62 THR n 
2 63 ILE n 
2 64 TYR n 
# 
loop_
_entity_src_gen.entity_id 
_entity_src_gen.pdbx_src_id 
_entity_src_gen.pdbx_alt_source_flag 
_entity_src_gen.pdbx_seq_type 
_entity_src_gen.pdbx_beg_seq_num 
_entity_src_gen.pdbx_end_seq_num 
_entity_src_gen.gene_src_common_name 
_entity_src_gen.gene_src_genus 
_entity_src_gen.pdbx_gene_src_gene 
_entity_src_gen.gene_src_species 
_entity_src_gen.gene_src_strain 
_entity_src_gen.gene_src_tissue 
_entity_src_gen.gene_src_tissue_fraction 
_entity_src_gen.gene_src_details 
_entity_src_gen.pdbx_gene_src_fragment 
_entity_src_gen.pdbx_gene_src_scientific_name 
_entity_src_gen.pdbx_gene_src_ncbi_taxonomy_id 
_entity_src_gen.pdbx_gene_src_variant 
_entity_src_gen.pdbx_gene_src_cell_line 
_entity_src_gen.pdbx_gene_src_atcc 
_entity_src_gen.pdbx_gene_src_organ 
_entity_src_gen.pdbx_gene_src_organelle 
_entity_src_gen.pdbx_gene_src_cell 
_entity_src_gen.pdbx_gene_src_cellular_location 
_entity_src_gen.host_org_common_name 
_entity_src_gen.pdbx_host_org_scientific_name 
_entity_src_gen.pdbx_host_org_ncbi_taxonomy_id 
_entity_src_gen.host_org_genus 
_entity_src_gen.pdbx_host_org_gene 
_entity_src_gen.pdbx_host_org_organ 
_entity_src_gen.host_org_species 
_entity_src_gen.pdbx_host_org_tissue 
_entity_src_gen.pdbx_host_org_tissue_fraction 
_entity_src_gen.pdbx_host_org_strain 
_entity_src_gen.pdbx_host_org_variant 
_entity_src_gen.pdbx_host_org_cell_line 
_entity_src_gen.pdbx_host_org_atcc 
_entity_src_gen.pdbx_host_org_culture_collection 
_entity_src_gen.pdbx_host_org_cell 
_entity_src_gen.pdbx_host_org_organelle 
_entity_src_gen.pdbx_host_org_cellular_location 
_entity_src_gen.pdbx_host_org_vector_type 
_entity_src_gen.pdbx_host_org_vector 
_entity_src_gen.host_org_details 
_entity_src_gen.expression_system_id 
_entity_src_gen.plasmid_name 
_entity_src_gen.plasmid_details 
_entity_src_gen.pdbx_description 
1 1 sample ? ? ? rat ? Nup54 ? ? ? ? ? ? 'Rattus norvegicus' 10116 ? ? ? ? ? ? ? ? 'Escherichia coli' 469008 ? ? ? ? ? ? 
'BL21(DE3)RIL' ? ? ? ? ? ? ? Plasmid ? ? ? pET28 ? ? 
2 1 sample ? ? ? rat ? Nup62 ? ? ? ? ? ? 'Rattus norvegicus' 10116 ? ? ? ? ? ? ? ? 'Escherichia coli' 469008 ? ? ? ? ? ? 
'BL2(DE3)RIL'  ? ? ? ? ? ? ? Plasmid ? ? ? pET28 ? ? 
# 
loop_
_chem_comp.id 
_chem_comp.type 
_chem_comp.mon_nstd_flag 
_chem_comp.name 
_chem_comp.pdbx_synonyms 
_chem_comp.formula 
_chem_comp.formula_weight 
ALA 'L-peptide linking' y ALANINE         ? 'C3 H7 N O2'     89.093  
ARG 'L-peptide linking' y ARGININE        ? 'C6 H15 N4 O2 1' 175.209 
ASN 'L-peptide linking' y ASPARAGINE      ? 'C4 H8 N2 O3'    132.118 
ASP 'L-peptide linking' y 'ASPARTIC ACID' ? 'C4 H7 N O4'     133.103 
GLN 'L-peptide linking' y GLUTAMINE       ? 'C5 H10 N2 O3'   146.144 
GLU 'L-peptide linking' y 'GLUTAMIC ACID' ? 'C5 H9 N O4'     147.129 
GLY 'peptide linking'   y GLYCINE         ? 'C2 H5 N O2'     75.067  
HIS 'L-peptide linking' y HISTIDINE       ? 'C6 H10 N3 O2 1' 156.162 
HOH non-polymer         . WATER           ? 'H2 O'           18.015  
ILE 'L-peptide linking' y ISOLEUCINE      ? 'C6 H13 N O2'    131.173 
LEU 'L-peptide linking' y LEUCINE         ? 'C6 H13 N O2'    131.173 
LYS 'L-peptide linking' y LYSINE          ? 'C6 H15 N2 O2 1' 147.195 
MET 'L-peptide linking' y METHIONINE      ? 'C5 H11 N O2 S'  149.211 
PHE 'L-peptide linking' y PHENYLALANINE   ? 'C9 H11 N O2'    165.189 
PRO 'L-peptide linking' y PROLINE         ? 'C5 H9 N O2'     115.130 
SER 'L-peptide linking' y SERINE          ? 'C3 H7 N O3'     105.093 
THR 'L-peptide linking' y THREONINE       ? 'C4 H9 N O3'     119.119 
TRP 'L-peptide linking' y TRYPTOPHAN      ? 'C11 H12 N2 O2'  204.225 
TYR 'L-peptide linking' y TYROSINE        ? 'C9 H11 N O3'    181.189 
VAL 'L-peptide linking' y VALINE          ? 'C5 H11 N O2'    117.146 
# 
loop_
_pdbx_poly_seq_scheme.asym_id 
_pdbx_poly_seq_scheme.entity_id 
_pdbx_poly_seq_scheme.seq_id 
_pdbx_poly_seq_scheme.mon_id 
_pdbx_poly_seq_scheme.ndb_seq_num 
_pdbx_poly_seq_scheme.pdb_seq_num 
_pdbx_poly_seq_scheme.auth_seq_num 
_pdbx_poly_seq_scheme.pdb_mon_id 
_pdbx_poly_seq_scheme.auth_mon_id 
_pdbx_poly_seq_scheme.pdb_strand_id 
_pdbx_poly_seq_scheme.pdb_ins_code 
_pdbx_poly_seq_scheme.hetero 
A 1 1  GLY 1  343 ?   ?   ?   B . n 
A 1 2  SER 2  344 ?   ?   ?   B . n 
A 1 3  HIS 3  345 345 HIS HIS B . n 
A 1 4  MET 4  346 346 MET MET B . n 
A 1 5  THR 5  347 347 THR THR B . n 
A 1 6  LYS 6  348 348 LYS LYS B . n 
A 1 7  GLN 7  349 349 GLN GLN B . n 
A 1 8  HIS 8  350 350 HIS HIS B . n 
A 1 9  GLN 9  351 351 GLN GLN B . n 
A 1 10 THR 10 352 352 THR THR B . n 
A 1 11 ARG 11 353 353 ARG ARG B . n 
A 1 12 LEU 12 354 354 LEU LEU B . n 
A 1 13 ASP 13 355 355 ASP ASP B . n 
A 1 14 ILE 14 356 356 ILE ILE B . n 
A 1 15 ILE 15 357 357 ILE ILE B . n 
A 1 16 SER 16 358 358 SER SER B . n 
A 1 17 GLU 17 359 359 GLU GLU B . n 
A 1 18 ASP 18 360 360 ASP ASP B . n 
A 1 19 ILE 19 361 361 ILE ILE B . n 
A 1 20 SER 20 362 362 SER SER B . n 
A 1 21 GLU 21 363 363 GLU GLU B . n 
A 1 22 LEU 22 364 364 LEU LEU B . n 
A 1 23 GLN 23 365 365 GLN GLN B . n 
A 1 24 LYS 24 366 366 LYS LYS B . n 
A 1 25 ASN 25 367 367 ASN ASN B . n 
A 1 26 GLN 26 368 368 GLN GLN B . n 
A 1 27 THR 27 369 369 THR THR B . n 
A 1 28 THR 28 370 370 THR THR B . n 
A 1 29 THR 29 371 371 THR THR B . n 
A 1 30 MET 30 372 372 MET MET B . n 
A 1 31 ALA 31 373 373 ALA ALA B . n 
A 1 32 LYS 32 374 374 LYS LYS B . n 
A 1 33 ILE 33 375 375 ILE ILE B . n 
A 1 34 ALA 34 376 376 ALA ALA B . n 
A 1 35 GLN 35 377 377 GLN GLN B . n 
A 1 36 TYR 36 378 378 TYR TYR B . n 
A 1 37 LYS 37 379 379 LYS LYS B . n 
A 1 38 ARG 38 380 380 ARG ARG B . n 
A 1 39 LYS 39 381 381 LYS LYS B . n 
A 1 40 LEU 40 382 382 LEU LEU B . n 
A 1 41 MET 41 383 383 MET MET B . n 
A 1 42 ASP 42 384 384 ASP ASP B . n 
A 1 43 LEU 43 385 385 LEU LEU B . n 
A 1 44 SER 44 386 386 SER SER B . n 
A 1 45 HIS 45 387 387 HIS HIS B . n 
A 1 46 ARG 46 388 388 ARG ARG B . n 
A 1 47 THR 47 389 389 THR THR B . n 
A 1 48 LEU 48 390 390 LEU LEU B . n 
A 1 49 GLN 49 391 391 GLN GLN B . n 
A 1 50 VAL 50 392 392 VAL VAL B . n 
A 1 51 LEU 51 393 393 LEU LEU B . n 
A 1 52 ILE 52 394 394 ILE ILE B . n 
A 1 53 LYS 53 395 395 LYS LYS B . n 
A 1 54 GLN 54 396 396 GLN GLN B . n 
A 1 55 GLU 55 397 397 GLU GLU B . n 
A 1 56 ILE 56 398 398 ILE ILE B . n 
A 1 57 GLN 57 399 399 GLN GLN B . n 
A 1 58 ARG 58 400 400 ARG ARG B . n 
A 1 59 LYS 59 401 401 LYS LYS B . n 
A 1 60 SER 60 402 402 SER SER B . n 
A 1 61 GLY 61 403 ?   ?   ?   B . n 
A 1 62 TYR 62 404 ?   ?   ?   B . n 
A 1 63 ALA 63 405 ?   ?   ?   B . n 
A 1 64 ILE 64 406 ?   ?   ?   B . n 
A 1 65 GLN 65 407 ?   ?   ?   B . n 
B 2 1  ASN 1  362 ?   ?   ?   C . n 
B 2 2  ALA 2  363 ?   ?   ?   C . n 
B 2 3  TRP 3  364 364 TRP TRP C . n 
B 2 4  ASP 4  365 365 ASP ASP C . n 
B 2 5  ARG 5  366 366 ARG ARG C . n 
B 2 6  THR 6  367 367 THR THR C . n 
B 2 7  LEU 7  368 368 LEU LEU C . n 
B 2 8  ILE 8  369 369 ILE ILE C . n 
B 2 9  GLU 9  370 370 GLU GLU C . n 
B 2 10 ASN 10 371 371 ASN ASN C . n 
B 2 11 GLY 11 372 372 GLY GLY C . n 
B 2 12 GLU 12 373 373 GLU GLU C . n 
B 2 13 LYS 13 374 374 LYS LYS C . n 
B 2 14 ILE 14 375 375 ILE ILE C . n 
B 2 15 THR 15 376 376 THR THR C . n 
B 2 16 SER 16 377 377 SER SER C . n 
B 2 17 LEU 17 378 378 LEU LEU C . n 
B 2 18 HIS 18 379 379 HIS HIS C . n 
B 2 19 ARG 19 380 380 ARG ARG C . n 
B 2 20 GLU 20 381 381 GLU GLU C . n 
B 2 21 VAL 21 382 382 VAL VAL C . n 
B 2 22 GLU 22 383 383 GLU GLU C . n 
B 2 23 LYS 23 384 384 LYS LYS C . n 
B 2 24 VAL 24 385 385 VAL VAL C . n 
B 2 25 LYS 25 386 386 LYS LYS C . n 
B 2 26 LEU 26 387 387 LEU LEU C . n 
B 2 27 ASP 27 388 388 ASP ASP C . n 
B 2 28 GLN 28 389 389 GLN GLN C . n 
B 2 29 LYS 29 390 390 LYS LYS C . n 
B 2 30 ARG 30 391 391 ARG ARG C . n 
B 2 31 LEU 31 392 392 LEU LEU C . n 
B 2 32 ASP 32 393 393 ASP ASP C . n 
B 2 33 GLN 33 394 394 GLN GLN C . n 
B 2 34 GLU 34 395 395 GLU GLU C . n 
B 2 35 LEU 35 396 396 LEU LEU C . n 
B 2 36 ASP 36 397 397 ASP ASP C . n 
B 2 37 PHE 37 398 398 PHE PHE C . n 
B 2 38 ILE 38 399 399 ILE ILE C . n 
B 2 39 LEU 39 400 400 LEU LEU C . n 
B 2 40 SER 40 401 401 SER SER C . n 
B 2 41 GLN 41 402 402 GLN GLN C . n 
B 2 42 GLN 42 403 403 GLN GLN C . n 
B 2 43 LYS 43 404 404 LYS LYS C . n 
B 2 44 GLU 44 405 405 GLU GLU C . n 
B 2 45 LEU 45 406 406 LEU LEU C . n 
B 2 46 GLU 46 407 407 GLU GLU C . n 
B 2 47 ASP 47 408 408 ASP ASP C . n 
B 2 48 LEU 48 409 409 LEU LEU C . n 
B 2 49 LEU 49 410 410 LEU LEU C . n 
B 2 50 SER 50 411 411 SER SER C . n 
B 2 51 PRO 51 412 412 PRO PRO C . n 
B 2 52 LEU 52 413 413 LEU LEU C . n 
B 2 53 GLU 53 414 414 GLU GLU C . n 
B 2 54 GLU 54 415 415 GLU GLU C . n 
B 2 55 SER 55 416 416 SER SER C . n 
B 2 56 VAL 56 417 417 VAL VAL C . n 
B 2 57 LYS 57 418 ?   ?   ?   C . n 
B 2 58 GLU 58 419 ?   ?   ?   C . n 
B 2 59 GLN 59 420 ?   ?   ?   C . n 
B 2 60 SER 60 421 ?   ?   ?   C . n 
B 2 61 GLY 61 422 ?   ?   ?   C . n 
B 2 62 THR 62 423 ?   ?   ?   C . n 
B 2 63 ILE 63 424 ?   ?   ?   C . n 
B 2 64 TYR 64 425 ?   ?   ?   C . n 
C 2 1  ASN 1  362 ?   ?   ?   A . n 
C 2 2  ALA 2  363 ?   ?   ?   A . n 
C 2 3  TRP 3  364 364 TRP TRP A . n 
C 2 4  ASP 4  365 365 ASP ASP A . n 
C 2 5  ARG 5  366 366 ARG ARG A . n 
C 2 6  THR 6  367 367 THR THR A . n 
C 2 7  LEU 7  368 368 LEU LEU A . n 
C 2 8  ILE 8  369 369 ILE ILE A . n 
C 2 9  GLU 9  370 370 GLU GLU A . n 
C 2 10 ASN 10 371 371 ASN ASN A . n 
C 2 11 GLY 11 372 372 GLY GLY A . n 
C 2 12 GLU 12 373 373 GLU GLU A . n 
C 2 13 LYS 13 374 374 LYS LYS A . n 
C 2 14 ILE 14 375 375 ILE ILE A . n 
C 2 15 THR 15 376 376 THR THR A . n 
C 2 16 SER 16 377 377 SER SER A . n 
C 2 17 LEU 17 378 378 LEU LEU A . n 
C 2 18 HIS 18 379 379 HIS HIS A . n 
C 2 19 ARG 19 380 380 ARG ARG A . n 
C 2 20 GLU 20 381 381 GLU GLU A . n 
C 2 21 VAL 21 382 382 VAL VAL A . n 
C 2 22 GLU 22 383 383 GLU GLU A . n 
C 2 23 LYS 23 384 384 LYS LYS A . n 
C 2 24 VAL 24 385 385 VAL VAL A . n 
C 2 25 LYS 25 386 386 LYS LYS A . n 
C 2 26 LEU 26 387 387 LEU LEU A . n 
C 2 27 ASP 27 388 388 ASP ASP A . n 
C 2 28 GLN 28 389 389 GLN GLN A . n 
C 2 29 LYS 29 390 390 LYS LYS A . n 
C 2 30 ARG 30 391 391 ARG ARG A . n 
C 2 31 LEU 31 392 392 LEU LEU A . n 
C 2 32 ASP 32 393 393 ASP ASP A . n 
C 2 33 GLN 33 394 394 GLN GLN A . n 
C 2 34 GLU 34 395 395 GLU GLU A . n 
C 2 35 LEU 35 396 396 LEU LEU A . n 
C 2 36 ASP 36 397 397 ASP ASP A . n 
C 2 37 PHE 37 398 398 PHE PHE A . n 
C 2 38 ILE 38 399 399 ILE ILE A . n 
C 2 39 LEU 39 400 400 LEU LEU A . n 
C 2 40 SER 40 401 401 SER SER A . n 
C 2 41 GLN 41 402 402 GLN GLN A . n 
C 2 42 GLN 42 403 403 GLN GLN A . n 
C 2 43 LYS 43 404 404 LYS LYS A . n 
C 2 44 GLU 44 405 405 GLU GLU A . n 
C 2 45 LEU 45 406 406 LEU LEU A . n 
C 2 46 GLU 46 407 407 GLU GLU A . n 
C 2 47 ASP 47 408 408 ASP ASP A . n 
C 2 48 LEU 48 409 409 LEU LEU A . n 
C 2 49 LEU 49 410 410 LEU LEU A . n 
C 2 50 SER 50 411 411 SER SER A . n 
C 2 51 PRO 51 412 412 PRO PRO A . n 
C 2 52 LEU 52 413 413 LEU LEU A . n 
C 2 53 GLU 53 414 414 GLU GLU A . n 
C 2 54 GLU 54 415 415 GLU GLU A . n 
C 2 55 SER 55 416 416 SER SER A . n 
C 2 56 VAL 56 417 417 VAL VAL A . n 
C 2 57 LYS 57 418 418 LYS LYS A . n 
C 2 58 GLU 58 419 419 GLU GLU A . n 
C 2 59 GLN 59 420 ?   ?   ?   A . n 
C 2 60 SER 60 421 ?   ?   ?   A . n 
C 2 61 GLY 61 422 ?   ?   ?   A . n 
C 2 62 THR 62 423 ?   ?   ?   A . n 
C 2 63 ILE 63 424 ?   ?   ?   A . n 
C 2 64 TYR 64 425 ?   ?   ?   A . n 
# 
loop_
_pdbx_nonpoly_scheme.asym_id 
_pdbx_nonpoly_scheme.entity_id 
_pdbx_nonpoly_scheme.mon_id 
_pdbx_nonpoly_scheme.ndb_seq_num 
_pdbx_nonpoly_scheme.pdb_seq_num 
_pdbx_nonpoly_scheme.auth_seq_num 
_pdbx_nonpoly_scheme.pdb_mon_id 
_pdbx_nonpoly_scheme.auth_mon_id 
_pdbx_nonpoly_scheme.pdb_strand_id 
_pdbx_nonpoly_scheme.pdb_ins_code 
D 3 HOH 1  2  2  HOH HOH B . 
D 3 HOH 2  3  3  HOH HOH B . 
D 3 HOH 3  6  6  HOH HOH B . 
D 3 HOH 4  13 13 HOH HOH B . 
D 3 HOH 5  15 15 HOH HOH B . 
D 3 HOH 6  17 17 HOH HOH B . 
D 3 HOH 7  19 19 HOH HOH B . 
D 3 HOH 8  20 20 HOH HOH B . 
D 3 HOH 9  26 26 HOH HOH B . 
E 3 HOH 1  5  5  HOH HOH C . 
E 3 HOH 2  11 11 HOH HOH C . 
E 3 HOH 3  12 12 HOH HOH C . 
E 3 HOH 4  16 16 HOH HOH C . 
E 3 HOH 5  21 21 HOH HOH C . 
E 3 HOH 6  22 22 HOH HOH C . 
E 3 HOH 7  23 23 HOH HOH C . 
E 3 HOH 8  25 25 HOH HOH C . 
E 3 HOH 9  27 27 HOH HOH C . 
F 3 HOH 1  1  1  HOH HOH A . 
F 3 HOH 2  4  4  HOH HOH A . 
F 3 HOH 3  7  7  HOH HOH A . 
F 3 HOH 4  8  8  HOH HOH A . 
F 3 HOH 5  9  9  HOH HOH A . 
F 3 HOH 6  10 10 HOH HOH A . 
F 3 HOH 7  14 14 HOH HOH A . 
F 3 HOH 8  18 18 HOH HOH A . 
F 3 HOH 9  24 24 HOH HOH A . 
F 3 HOH 10 28 28 HOH HOH A . 
F 3 HOH 11 29 29 HOH HOH A . 
# 
loop_
_software.name 
_software.classification 
_software.version 
_software.citation_id 
_software.pdbx_ordinal 
ADSC     'data collection' Quantum ? 1 
PHENIX   'model building'  .       ? 2 
CNS      refinement        1.1     ? 3 
HKL-2000 'data reduction'  .       ? 4 
HKL-2000 'data scaling'    .       ? 5 
PHENIX   phasing           .       ? 6 
# 
_cell.entry_id           3T97 
_cell.length_a           25.010 
_cell.length_b           62.350 
_cell.length_c           121.340 
_cell.angle_alpha        90.00 
_cell.angle_beta         90.00 
_cell.angle_gamma        90.00 
_cell.Z_PDB              8 
_cell.pdbx_unique_axis   ? 
_cell.length_a_esd       ? 
_cell.length_b_esd       ? 
_cell.length_c_esd       ? 
_cell.angle_alpha_esd    ? 
_cell.angle_beta_esd     ? 
_cell.angle_gamma_esd    ? 
# 
_symmetry.entry_id                         3T97 
_symmetry.space_group_name_H-M             'P 21 21 21' 
_symmetry.pdbx_full_space_group_name_H-M   ? 
_symmetry.cell_setting                     ? 
_symmetry.Int_Tables_number                19 
_symmetry.space_group_name_Hall            ? 
# 
_exptl.entry_id          3T97 
_exptl.method            'X-RAY DIFFRACTION' 
_exptl.crystals_number   1 
# 
_exptl_crystal.id                    1 
_exptl_crystal.density_meas          ? 
_exptl_crystal.density_Matthews      2.08 
_exptl_crystal.density_percent_sol   40.98 
_exptl_crystal.description           ? 
_exptl_crystal.F_000                 ? 
_exptl_crystal.preparation           ? 
# 
_exptl_crystal_grow.crystal_id      1 
_exptl_crystal_grow.method          'VAPOR DIFFUSION, HANGING DROP' 
_exptl_crystal_grow.temp            293 
_exptl_crystal_grow.temp_details    ? 
_exptl_crystal_grow.pH              7.9 
_exptl_crystal_grow.pdbx_details    '18-22% PEG 4000,0.1M Tris-acetate, pH 7.9, VAPOR DIFFUSION, HANGING DROP, temperature 293K' 
_exptl_crystal_grow.pdbx_pH_range   ? 
# 
_diffrn.id                     1 
_diffrn.ambient_temp           100 
_diffrn.ambient_temp_details   ? 
_diffrn.crystal_id             1 
# 
_diffrn_detector.diffrn_id              1 
_diffrn_detector.detector               CCD 
_diffrn_detector.type                   'ADSC QUANTUM 315' 
_diffrn_detector.pdbx_collection_date   2008-12-10 
_diffrn_detector.details                ? 
# 
_diffrn_radiation.diffrn_id                        1 
_diffrn_radiation.wavelength_id                    1 
_diffrn_radiation.pdbx_monochromatic_or_laue_m_l   M 
_diffrn_radiation.monochromator                    'Si (220), Si (311)' 
_diffrn_radiation.pdbx_diffrn_protocol             'SINGLE WAVELENGTH' 
_diffrn_radiation.pdbx_scattering_type             x-ray 
# 
_diffrn_radiation_wavelength.id           1 
_diffrn_radiation_wavelength.wavelength   0.9918 
_diffrn_radiation_wavelength.wt           1.0 
# 
_diffrn_source.diffrn_id                   1 
_diffrn_source.source                      SYNCHROTRON 
_diffrn_source.type                        'APS BEAMLINE 24-ID-E' 
_diffrn_source.pdbx_synchrotron_site       APS 
_diffrn_source.pdbx_synchrotron_beamline   24-ID-E 
_diffrn_source.pdbx_wavelength             ? 
_diffrn_source.pdbx_wavelength_list        0.9918 
# 
_reflns.entry_id                     3T97 
_reflns.observed_criterion_sigma_I   0 
_reflns.observed_criterion_sigma_F   0 
_reflns.d_resolution_low             50 
_reflns.d_resolution_high            2.8 
_reflns.number_obs                   4819 
_reflns.number_all                   ? 
_reflns.percent_possible_obs         100 
_reflns.pdbx_Rmerge_I_obs            ? 
_reflns.pdbx_Rsym_value              0.074 
_reflns.pdbx_netI_over_sigmaI        41.4 
_reflns.B_iso_Wilson_estimate        70.4 
_reflns.pdbx_redundancy              6.1 
_reflns.R_free_details               ? 
_reflns.limit_h_max                  ? 
_reflns.limit_h_min                  ? 
_reflns.limit_k_max                  ? 
_reflns.limit_k_min                  ? 
_reflns.limit_l_max                  ? 
_reflns.limit_l_min                  ? 
_reflns.observed_criterion_F_max     ? 
_reflns.observed_criterion_F_min     ? 
_reflns.pdbx_chi_squared             ? 
_reflns.pdbx_scaling_rejects         ? 
_reflns.pdbx_ordinal                 1 
_reflns.pdbx_diffrn_id               1 
# 
_reflns_shell.d_res_high             2.8 
_reflns_shell.d_res_low              2.9 
_reflns_shell.percent_possible_all   100 
_reflns_shell.Rmerge_I_obs           ? 
_reflns_shell.pdbx_Rsym_value        0.244 
_reflns_shell.meanI_over_sigI_obs    5.9 
_reflns_shell.pdbx_redundancy        6.7 
_reflns_shell.percent_possible_obs   ? 
_reflns_shell.number_unique_all      329 
_reflns_shell.number_measured_all    ? 
_reflns_shell.number_measured_obs    ? 
_reflns_shell.number_unique_obs      ? 
_reflns_shell.pdbx_chi_squared       ? 
_reflns_shell.pdbx_ordinal           1 
_reflns_shell.pdbx_diffrn_id         1 
# 
_refine.entry_id                                 3T97 
_refine.ls_number_reflns_obs                     4802 
_refine.ls_number_reflns_all                     ? 
_refine.pdbx_ls_sigma_I                          ? 
_refine.pdbx_ls_sigma_F                          0 
_refine.pdbx_data_cutoff_high_absF               ? 
_refine.pdbx_data_cutoff_low_absF                ? 
_refine.pdbx_data_cutoff_high_rms_absF           ? 
_refine.ls_d_res_low                             20 
_refine.ls_d_res_high                            2.8 
_refine.ls_percent_reflns_obs                    100 
_refine.ls_R_factor_obs                          0.2305 
_refine.ls_R_factor_all                          ? 
_refine.ls_R_factor_R_work                       0.2353 
_refine.ls_R_factor_R_free                       0.2710 
_refine.ls_R_factor_R_free_error                 ? 
_refine.ls_R_factor_R_free_error_details         ? 
_refine.ls_percent_reflns_R_free                 ? 
_refine.ls_number_reflns_R_free                  888 
_refine.ls_number_parameters                     ? 
_refine.ls_number_restraints                     ? 
_refine.occupancy_min                            ? 
_refine.occupancy_max                            ? 
_refine.correlation_coeff_Fo_to_Fc               ? 
_refine.correlation_coeff_Fo_to_Fc_free          ? 
_refine.B_iso_mean                               ? 
_refine.aniso_B[1][1]                            ? 
_refine.aniso_B[2][2]                            ? 
_refine.aniso_B[3][3]                            ? 
_refine.aniso_B[1][2]                            ? 
_refine.aniso_B[1][3]                            ? 
_refine.aniso_B[2][3]                            ? 
_refine.solvent_model_details                    ? 
_refine.solvent_model_param_ksol                 ? 
_refine.solvent_model_param_bsol                 ? 
_refine.pdbx_solvent_vdw_probe_radii             ? 
_refine.pdbx_solvent_ion_probe_radii             ? 
_refine.pdbx_solvent_shrinkage_radii             ? 
_refine.pdbx_ls_cross_valid_method               THROUGHOUT 
_refine.details                                  ? 
_refine.pdbx_starting_model                      ? 
_refine.pdbx_method_to_determine_struct          SAD 
_refine.pdbx_isotropic_thermal_model             anisotropic 
_refine.pdbx_stereochemistry_target_values       'Engh & Huber' 
_refine.pdbx_stereochem_target_val_spec_case     ? 
_refine.pdbx_R_Free_selection_details            random 
_refine.pdbx_overall_ESU_R_Free                  ? 
_refine.overall_SU_ML                            ? 
_refine.pdbx_overall_phase_error                 ? 
_refine.overall_SU_B                             ? 
_refine.overall_SU_R_Cruickshank_DPI             ? 
_refine.ls_redundancy_reflns_obs                 ? 
_refine.B_iso_min                                ? 
_refine.B_iso_max                                ? 
_refine.overall_SU_R_free                        ? 
_refine.ls_wR_factor_R_free                      ? 
_refine.ls_wR_factor_R_work                      ? 
_refine.overall_FOM_free_R_set                   ? 
_refine.overall_FOM_work_R_set                   ? 
_refine.pdbx_diffrn_id                           1 
_refine.pdbx_refine_id                           'X-RAY DIFFRACTION' 
_refine.pdbx_overall_ESU_R                       ? 
_refine.pdbx_TLS_residual_ADP_flag               ? 
_refine.pdbx_overall_SU_R_free_Cruickshank_DPI   ? 
_refine.pdbx_overall_SU_R_Blow_DPI               ? 
_refine.pdbx_overall_SU_R_free_Blow_DPI          ? 
# 
_refine_analyze.entry_id                        3T97 
_refine_analyze.Luzzati_coordinate_error_obs    0.39 
_refine_analyze.Luzzati_sigma_a_obs             0.51 
_refine_analyze.Luzzati_d_res_low_obs           5.0 
_refine_analyze.Luzzati_coordinate_error_free   0.48 
_refine_analyze.Luzzati_sigma_a_free            0.79 
_refine_analyze.Luzzati_d_res_low_free          ? 
_refine_analyze.number_disordered_residues      ? 
_refine_analyze.occupancy_sum_hydrogen          ? 
_refine_analyze.occupancy_sum_non_hydrogen      ? 
_refine_analyze.pdbx_Luzzati_d_res_high_obs     ? 
_refine_analyze.pdbx_refine_id                  'X-RAY DIFFRACTION' 
# 
_refine_hist.pdbx_refine_id                   'X-RAY DIFFRACTION' 
_refine_hist.cycle_id                         LAST 
_refine_hist.pdbx_number_atoms_protein        1405 
_refine_hist.pdbx_number_atoms_nucleic_acid   0 
_refine_hist.pdbx_number_atoms_ligand         0 
_refine_hist.number_atoms_solvent             29 
_refine_hist.number_atoms_total               1434 
_refine_hist.d_res_high                       2.8 
_refine_hist.d_res_low                        20 
# 
loop_
_refine_ls_restr.type 
_refine_ls_restr.dev_ideal 
_refine_ls_restr.dev_ideal_target 
_refine_ls_restr.weight 
_refine_ls_restr.number 
_refine_ls_restr.pdbx_restraint_function 
_refine_ls_restr.pdbx_refine_id 
c_bond_d    0.007 ? ? ? ? 'X-RAY DIFFRACTION' 
c_angle_deg 1.102 ? ? ? ? 'X-RAY DIFFRACTION' 
# 
_refine_ls_shell.pdbx_total_number_of_bins_used   ? 
_refine_ls_shell.d_res_high                       2.8 
_refine_ls_shell.d_res_low                        2.9 
_refine_ls_shell.number_reflns_R_work             ? 
_refine_ls_shell.R_factor_R_work                  0.3291 
_refine_ls_shell.percent_reflns_obs               ? 
_refine_ls_shell.R_factor_R_free                  0.449 
_refine_ls_shell.R_factor_R_free_error            ? 
_refine_ls_shell.percent_reflns_R_free            ? 
_refine_ls_shell.number_reflns_R_free             85 
_refine_ls_shell.number_reflns_all                ? 
_refine_ls_shell.R_factor_all                     ? 
_refine_ls_shell.number_reflns_obs                782 
_refine_ls_shell.redundancy_reflns_obs            ? 
_refine_ls_shell.pdbx_refine_id                   'X-RAY DIFFRACTION' 
# 
_struct.entry_id                  3T97 
_struct.title                     'Molecular Architecture of the Transport Channel of the Nuclear Pore Complex: Nup62/Nup54' 
_struct.pdbx_model_details        ? 
_struct.pdbx_CASP_flag            ? 
_struct.pdbx_model_type_details   ? 
# 
_struct_keywords.entry_id        3T97 
_struct_keywords.pdbx_keywords   'PROTEIN TRANSPORT' 
_struct_keywords.text            
;nucleoporin, coiled-coil, nuclear pore complex, central transport channel, alpha helical proteins, triple helix, buried polar residues, structural proteins, nucleoporins, FG repeat, nucleocytoplasmic transport, Nup58, Nup88, Nup93, karyopherin, nuclear envelope, nuclear pore membrane domain, central channel, PROTEIN TRANSPORT
;
# 
loop_
_struct_asym.id 
_struct_asym.pdbx_blank_PDB_chainid_flag 
_struct_asym.pdbx_modified 
_struct_asym.entity_id 
_struct_asym.details 
A N N 1 ? 
B N N 2 ? 
C N N 2 ? 
D N N 3 ? 
E N N 3 ? 
F N N 3 ? 
# 
loop_
_struct_ref.id 
_struct_ref.db_name 
_struct_ref.db_code 
_struct_ref.pdbx_db_accession 
_struct_ref.entity_id 
_struct_ref.pdbx_seq_one_letter_code 
_struct_ref.pdbx_align_begin 
_struct_ref.pdbx_db_isoform 
1 UNP NUP54_RAT P70582 1 MTKQHQTRLDIISEDISELQKNQTTTMAKIAQYKRKLMDLSHRTLQVLIKQEIQRKSGYAIQ   346 ? 
2 UNP NUP62_RAT P17955 2 NAWDRTLIENGEKITSLHREVEKVKLDQKRLDQELDFILSQQKELEDLLSPLEESVKEQSGTIY 362 ? 
# 
loop_
_struct_ref_seq.align_id 
_struct_ref_seq.ref_id 
_struct_ref_seq.pdbx_PDB_id_code 
_struct_ref_seq.pdbx_strand_id 
_struct_ref_seq.seq_align_beg 
_struct_ref_seq.pdbx_seq_align_beg_ins_code 
_struct_ref_seq.seq_align_end 
_struct_ref_seq.pdbx_seq_align_end_ins_code 
_struct_ref_seq.pdbx_db_accession 
_struct_ref_seq.db_align_beg 
_struct_ref_seq.pdbx_db_align_beg_ins_code 
_struct_ref_seq.db_align_end 
_struct_ref_seq.pdbx_db_align_end_ins_code 
_struct_ref_seq.pdbx_auth_seq_align_beg 
_struct_ref_seq.pdbx_auth_seq_align_end 
1 1 3T97 B 4 ? 65 ? P70582 346 ? 407 ? 346 407 
2 2 3T97 C 1 ? 64 ? P17955 362 ? 425 ? 362 425 
3 2 3T97 A 1 ? 64 ? P17955 362 ? 425 ? 362 425 
# 
loop_
_struct_ref_seq_dif.align_id 
_struct_ref_seq_dif.pdbx_pdb_id_code 
_struct_ref_seq_dif.mon_id 
_struct_ref_seq_dif.pdbx_pdb_strand_id 
_struct_ref_seq_dif.seq_num 
_struct_ref_seq_dif.pdbx_pdb_ins_code 
_struct_ref_seq_dif.pdbx_seq_db_name 
_struct_ref_seq_dif.pdbx_seq_db_accession_code 
_struct_ref_seq_dif.db_mon_id 
_struct_ref_seq_dif.pdbx_seq_db_seq_num 
_struct_ref_seq_dif.details 
_struct_ref_seq_dif.pdbx_auth_seq_num 
_struct_ref_seq_dif.pdbx_ordinal 
1 3T97 GLY B 1 ? UNP P70582 ? ? 'expression tag' 343 1 
1 3T97 SER B 2 ? UNP P70582 ? ? 'expression tag' 344 2 
1 3T97 HIS B 3 ? UNP P70582 ? ? 'expression tag' 345 3 
# 
_pdbx_struct_assembly.id                   1 
_pdbx_struct_assembly.details              author_and_software_defined_assembly 
_pdbx_struct_assembly.method_details       PISA 
_pdbx_struct_assembly.oligomeric_details   trimeric 
_pdbx_struct_assembly.oligomeric_count     3 
# 
loop_
_pdbx_struct_assembly_prop.biol_id 
_pdbx_struct_assembly_prop.type 
_pdbx_struct_assembly_prop.value 
_pdbx_struct_assembly_prop.details 
1 'ABSA (A^2)' 6240  ? 
1 MORE         -50   ? 
1 'SSA (A^2)'  10970 ? 
# 
_pdbx_struct_assembly_gen.assembly_id       1 
_pdbx_struct_assembly_gen.oper_expression   1 
_pdbx_struct_assembly_gen.asym_id_list      A,B,C,D,E,F 
# 
_pdbx_struct_oper_list.id                   1 
_pdbx_struct_oper_list.type                 'identity operation' 
_pdbx_struct_oper_list.name                 1_555 
_pdbx_struct_oper_list.symmetry_operation   x,y,z 
_pdbx_struct_oper_list.matrix[1][1]         1.0000000000 
_pdbx_struct_oper_list.matrix[1][2]         0.0000000000 
_pdbx_struct_oper_list.matrix[1][3]         0.0000000000 
_pdbx_struct_oper_list.vector[1]            0.0000000000 
_pdbx_struct_oper_list.matrix[2][1]         0.0000000000 
_pdbx_struct_oper_list.matrix[2][2]         1.0000000000 
_pdbx_struct_oper_list.matrix[2][3]         0.0000000000 
_pdbx_struct_oper_list.vector[2]            0.0000000000 
_pdbx_struct_oper_list.matrix[3][1]         0.0000000000 
_pdbx_struct_oper_list.matrix[3][2]         0.0000000000 
_pdbx_struct_oper_list.matrix[3][3]         1.0000000000 
_pdbx_struct_oper_list.vector[3]            0.0000000000 
# 
_struct_biol.id        1 
_struct_biol.details   ? 
# 
loop_
_struct_conf.conf_type_id 
_struct_conf.id 
_struct_conf.pdbx_PDB_helix_id 
_struct_conf.beg_label_comp_id 
_struct_conf.beg_label_asym_id 
_struct_conf.beg_label_seq_id 
_struct_conf.pdbx_beg_PDB_ins_code 
_struct_conf.end_label_comp_id 
_struct_conf.end_label_asym_id 
_struct_conf.end_label_seq_id 
_struct_conf.pdbx_end_PDB_ins_code 
_struct_conf.beg_auth_comp_id 
_struct_conf.beg_auth_asym_id 
_struct_conf.beg_auth_seq_id 
_struct_conf.end_auth_comp_id 
_struct_conf.end_auth_asym_id 
_struct_conf.end_auth_seq_id 
_struct_conf.pdbx_PDB_helix_class 
_struct_conf.details 
_struct_conf.pdbx_PDB_helix_length 
HELX_P HELX_P1 1 MET A 4  ? SER A 60 ? MET B 346 SER B 402 1 ? 57 
HELX_P HELX_P2 2 ARG B 5  ? GLU B 44 ? ARG C 366 GLU C 405 1 ? 40 
HELX_P HELX_P3 3 GLU B 44 ? SER B 50 ? GLU C 405 SER C 411 1 ? 7  
HELX_P HELX_P4 4 ASP C 4  ? SER C 55 ? ASP A 365 SER A 416 1 ? 52 
# 
_struct_conf_type.id          HELX_P 
_struct_conf_type.criteria    ? 
_struct_conf_type.reference   ? 
# 
loop_
_pdbx_validate_torsion.id 
_pdbx_validate_torsion.PDB_model_num 
_pdbx_validate_torsion.auth_comp_id 
_pdbx_validate_torsion.auth_asym_id 
_pdbx_validate_torsion.auth_seq_id 
_pdbx_validate_torsion.PDB_ins_code 
_pdbx_validate_torsion.label_alt_id 
_pdbx_validate_torsion.phi 
_pdbx_validate_torsion.psi 
1 1 ASP C 365 ? ? 54.15  7.47  
2 1 ARG C 366 ? ? 52.36  10.38 
3 1 LYS A 418 ? ? -73.45 43.18 
# 
loop_
_pdbx_unobs_or_zero_occ_residues.id 
_pdbx_unobs_or_zero_occ_residues.PDB_model_num 
_pdbx_unobs_or_zero_occ_residues.polymer_flag 
_pdbx_unobs_or_zero_occ_residues.occupancy_flag 
_pdbx_unobs_or_zero_occ_residues.auth_asym_id 
_pdbx_unobs_or_zero_occ_residues.auth_comp_id 
_pdbx_unobs_or_zero_occ_residues.auth_seq_id 
_pdbx_unobs_or_zero_occ_residues.PDB_ins_code 
_pdbx_unobs_or_zero_occ_residues.label_asym_id 
_pdbx_unobs_or_zero_occ_residues.label_comp_id 
_pdbx_unobs_or_zero_occ_residues.label_seq_id 
1  1 Y 1 B GLY 343 ? A GLY 1  
2  1 Y 1 B SER 344 ? A SER 2  
3  1 Y 1 B GLY 403 ? A GLY 61 
4  1 Y 1 B TYR 404 ? A TYR 62 
5  1 Y 1 B ALA 405 ? A ALA 63 
6  1 Y 1 B ILE 406 ? A ILE 64 
7  1 Y 1 B GLN 407 ? A GLN 65 
8  1 Y 1 C ASN 362 ? B ASN 1  
9  1 Y 1 C ALA 363 ? B ALA 2  
10 1 Y 1 C LYS 418 ? B LYS 57 
11 1 Y 1 C GLU 419 ? B GLU 58 
12 1 Y 1 C GLN 420 ? B GLN 59 
13 1 Y 1 C SER 421 ? B SER 60 
14 1 Y 1 C GLY 422 ? B GLY 61 
15 1 Y 1 C THR 423 ? B THR 62 
16 1 Y 1 C ILE 424 ? B ILE 63 
17 1 Y 1 C TYR 425 ? B TYR 64 
18 1 Y 1 A ASN 362 ? C ASN 1  
19 1 Y 1 A ALA 363 ? C ALA 2  
20 1 Y 1 A GLN 420 ? C GLN 59 
21 1 Y 1 A SER 421 ? C SER 60 
22 1 Y 1 A GLY 422 ? C GLY 61 
23 1 Y 1 A THR 423 ? C THR 62 
24 1 Y 1 A ILE 424 ? C ILE 63 
25 1 Y 1 A TYR 425 ? C TYR 64 
# 
loop_
_chem_comp_atom.comp_id 
_chem_comp_atom.atom_id 
_chem_comp_atom.type_symbol 
_chem_comp_atom.pdbx_aromatic_flag 
_chem_comp_atom.pdbx_stereo_config 
_chem_comp_atom.pdbx_ordinal 
ALA N    N N N 1   
ALA CA   C N S 2   
ALA C    C N N 3   
ALA O    O N N 4   
ALA CB   C N N 5   
ALA OXT  O N N 6   
ALA H    H N N 7   
ALA H2   H N N 8   
ALA HA   H N N 9   
ALA HB1  H N N 10  
ALA HB2  H N N 11  
ALA HB3  H N N 12  
ALA HXT  H N N 13  
ARG N    N N N 14  
ARG CA   C N S 15  
ARG C    C N N 16  
ARG O    O N N 17  
ARG CB   C N N 18  
ARG CG   C N N 19  
ARG CD   C N N 20  
ARG NE   N N N 21  
ARG CZ   C N N 22  
ARG NH1  N N N 23  
ARG NH2  N N N 24  
ARG OXT  O N N 25  
ARG H    H N N 26  
ARG H2   H N N 27  
ARG HA   H N N 28  
ARG HB2  H N N 29  
ARG HB3  H N N 30  
ARG HG2  H N N 31  
ARG HG3  H N N 32  
ARG HD2  H N N 33  
ARG HD3  H N N 34  
ARG HE   H N N 35  
ARG HH11 H N N 36  
ARG HH12 H N N 37  
ARG HH21 H N N 38  
ARG HH22 H N N 39  
ARG HXT  H N N 40  
ASN N    N N N 41  
ASN CA   C N S 42  
ASN C    C N N 43  
ASN O    O N N 44  
ASN CB   C N N 45  
ASN CG   C N N 46  
ASN OD1  O N N 47  
ASN ND2  N N N 48  
ASN OXT  O N N 49  
ASN H    H N N 50  
ASN H2   H N N 51  
ASN HA   H N N 52  
ASN HB2  H N N 53  
ASN HB3  H N N 54  
ASN HD21 H N N 55  
ASN HD22 H N N 56  
ASN HXT  H N N 57  
ASP N    N N N 58  
ASP CA   C N S 59  
ASP C    C N N 60  
ASP O    O N N 61  
ASP CB   C N N 62  
ASP CG   C N N 63  
ASP OD1  O N N 64  
ASP OD2  O N N 65  
ASP OXT  O N N 66  
ASP H    H N N 67  
ASP H2   H N N 68  
ASP HA   H N N 69  
ASP HB2  H N N 70  
ASP HB3  H N N 71  
ASP HD2  H N N 72  
ASP HXT  H N N 73  
GLN N    N N N 74  
GLN CA   C N S 75  
GLN C    C N N 76  
GLN O    O N N 77  
GLN CB   C N N 78  
GLN CG   C N N 79  
GLN CD   C N N 80  
GLN OE1  O N N 81  
GLN NE2  N N N 82  
GLN OXT  O N N 83  
GLN H    H N N 84  
GLN H2   H N N 85  
GLN HA   H N N 86  
GLN HB2  H N N 87  
GLN HB3  H N N 88  
GLN HG2  H N N 89  
GLN HG3  H N N 90  
GLN HE21 H N N 91  
GLN HE22 H N N 92  
GLN HXT  H N N 93  
GLU N    N N N 94  
GLU CA   C N S 95  
GLU C    C N N 96  
GLU O    O N N 97  
GLU CB   C N N 98  
GLU CG   C N N 99  
GLU CD   C N N 100 
GLU OE1  O N N 101 
GLU OE2  O N N 102 
GLU OXT  O N N 103 
GLU H    H N N 104 
GLU H2   H N N 105 
GLU HA   H N N 106 
GLU HB2  H N N 107 
GLU HB3  H N N 108 
GLU HG2  H N N 109 
GLU HG3  H N N 110 
GLU HE2  H N N 111 
GLU HXT  H N N 112 
GLY N    N N N 113 
GLY CA   C N N 114 
GLY C    C N N 115 
GLY O    O N N 116 
GLY OXT  O N N 117 
GLY H    H N N 118 
GLY H2   H N N 119 
GLY HA2  H N N 120 
GLY HA3  H N N 121 
GLY HXT  H N N 122 
HIS N    N N N 123 
HIS CA   C N S 124 
HIS C    C N N 125 
HIS O    O N N 126 
HIS CB   C N N 127 
HIS CG   C Y N 128 
HIS ND1  N Y N 129 
HIS CD2  C Y N 130 
HIS CE1  C Y N 131 
HIS NE2  N Y N 132 
HIS OXT  O N N 133 
HIS H    H N N 134 
HIS H2   H N N 135 
HIS HA   H N N 136 
HIS HB2  H N N 137 
HIS HB3  H N N 138 
HIS HD1  H N N 139 
HIS HD2  H N N 140 
HIS HE1  H N N 141 
HIS HE2  H N N 142 
HIS HXT  H N N 143 
HOH O    O N N 144 
HOH H1   H N N 145 
HOH H2   H N N 146 
ILE N    N N N 147 
ILE CA   C N S 148 
ILE C    C N N 149 
ILE O    O N N 150 
ILE CB   C N S 151 
ILE CG1  C N N 152 
ILE CG2  C N N 153 
ILE CD1  C N N 154 
ILE OXT  O N N 155 
ILE H    H N N 156 
ILE H2   H N N 157 
ILE HA   H N N 158 
ILE HB   H N N 159 
ILE HG12 H N N 160 
ILE HG13 H N N 161 
ILE HG21 H N N 162 
ILE HG22 H N N 163 
ILE HG23 H N N 164 
ILE HD11 H N N 165 
ILE HD12 H N N 166 
ILE HD13 H N N 167 
ILE HXT  H N N 168 
LEU N    N N N 169 
LEU CA   C N S 170 
LEU C    C N N 171 
LEU O    O N N 172 
LEU CB   C N N 173 
LEU CG   C N N 174 
LEU CD1  C N N 175 
LEU CD2  C N N 176 
LEU OXT  O N N 177 
LEU H    H N N 178 
LEU H2   H N N 179 
LEU HA   H N N 180 
LEU HB2  H N N 181 
LEU HB3  H N N 182 
LEU HG   H N N 183 
LEU HD11 H N N 184 
LEU HD12 H N N 185 
LEU HD13 H N N 186 
LEU HD21 H N N 187 
LEU HD22 H N N 188 
LEU HD23 H N N 189 
LEU HXT  H N N 190 
LYS N    N N N 191 
LYS CA   C N S 192 
LYS C    C N N 193 
LYS O    O N N 194 
LYS CB   C N N 195 
LYS CG   C N N 196 
LYS CD   C N N 197 
LYS CE   C N N 198 
LYS NZ   N N N 199 
LYS OXT  O N N 200 
LYS H    H N N 201 
LYS H2   H N N 202 
LYS HA   H N N 203 
LYS HB2  H N N 204 
LYS HB3  H N N 205 
LYS HG2  H N N 206 
LYS HG3  H N N 207 
LYS HD2  H N N 208 
LYS HD3  H N N 209 
LYS HE2  H N N 210 
LYS HE3  H N N 211 
LYS HZ1  H N N 212 
LYS HZ2  H N N 213 
LYS HZ3  H N N 214 
LYS HXT  H N N 215 
MET N    N N N 216 
MET CA   C N S 217 
MET C    C N N 218 
MET O    O N N 219 
MET CB   C N N 220 
MET CG   C N N 221 
MET SD   S N N 222 
MET CE   C N N 223 
MET OXT  O N N 224 
MET H    H N N 225 
MET H2   H N N 226 
MET HA   H N N 227 
MET HB2  H N N 228 
MET HB3  H N N 229 
MET HG2  H N N 230 
MET HG3  H N N 231 
MET HE1  H N N 232 
MET HE2  H N N 233 
MET HE3  H N N 234 
MET HXT  H N N 235 
PHE N    N N N 236 
PHE CA   C N S 237 
PHE C    C N N 238 
PHE O    O N N 239 
PHE CB   C N N 240 
PHE CG   C Y N 241 
PHE CD1  C Y N 242 
PHE CD2  C Y N 243 
PHE CE1  C Y N 244 
PHE CE2  C Y N 245 
PHE CZ   C Y N 246 
PHE OXT  O N N 247 
PHE H    H N N 248 
PHE H2   H N N 249 
PHE HA   H N N 250 
PHE HB2  H N N 251 
PHE HB3  H N N 252 
PHE HD1  H N N 253 
PHE HD2  H N N 254 
PHE HE1  H N N 255 
PHE HE2  H N N 256 
PHE HZ   H N N 257 
PHE HXT  H N N 258 
PRO N    N N N 259 
PRO CA   C N S 260 
PRO C    C N N 261 
PRO O    O N N 262 
PRO CB   C N N 263 
PRO CG   C N N 264 
PRO CD   C N N 265 
PRO OXT  O N N 266 
PRO H    H N N 267 
PRO HA   H N N 268 
PRO HB2  H N N 269 
PRO HB3  H N N 270 
PRO HG2  H N N 271 
PRO HG3  H N N 272 
PRO HD2  H N N 273 
PRO HD3  H N N 274 
PRO HXT  H N N 275 
SER N    N N N 276 
SER CA   C N S 277 
SER C    C N N 278 
SER O    O N N 279 
SER CB   C N N 280 
SER OG   O N N 281 
SER OXT  O N N 282 
SER H    H N N 283 
SER H2   H N N 284 
SER HA   H N N 285 
SER HB2  H N N 286 
SER HB3  H N N 287 
SER HG   H N N 288 
SER HXT  H N N 289 
THR N    N N N 290 
THR CA   C N S 291 
THR C    C N N 292 
THR O    O N N 293 
THR CB   C N R 294 
THR OG1  O N N 295 
THR CG2  C N N 296 
THR OXT  O N N 297 
THR H    H N N 298 
THR H2   H N N 299 
THR HA   H N N 300 
THR HB   H N N 301 
THR HG1  H N N 302 
THR HG21 H N N 303 
THR HG22 H N N 304 
THR HG23 H N N 305 
THR HXT  H N N 306 
TRP N    N N N 307 
TRP CA   C N S 308 
TRP C    C N N 309 
TRP O    O N N 310 
TRP CB   C N N 311 
TRP CG   C Y N 312 
TRP CD1  C Y N 313 
TRP CD2  C Y N 314 
TRP NE1  N Y N 315 
TRP CE2  C Y N 316 
TRP CE3  C Y N 317 
TRP CZ2  C Y N 318 
TRP CZ3  C Y N 319 
TRP CH2  C Y N 320 
TRP OXT  O N N 321 
TRP H    H N N 322 
TRP H2   H N N 323 
TRP HA   H N N 324 
TRP HB2  H N N 325 
TRP HB3  H N N 326 
TRP HD1  H N N 327 
TRP HE1  H N N 328 
TRP HE3  H N N 329 
TRP HZ2  H N N 330 
TRP HZ3  H N N 331 
TRP HH2  H N N 332 
TRP HXT  H N N 333 
TYR N    N N N 334 
TYR CA   C N S 335 
TYR C    C N N 336 
TYR O    O N N 337 
TYR CB   C N N 338 
TYR CG   C Y N 339 
TYR CD1  C Y N 340 
TYR CD2  C Y N 341 
TYR CE1  C Y N 342 
TYR CE2  C Y N 343 
TYR CZ   C Y N 344 
TYR OH   O N N 345 
TYR OXT  O N N 346 
TYR H    H N N 347 
TYR H2   H N N 348 
TYR HA   H N N 349 
TYR HB2  H N N 350 
TYR HB3  H N N 351 
TYR HD1  H N N 352 
TYR HD2  H N N 353 
TYR HE1  H N N 354 
TYR HE2  H N N 355 
TYR HH   H N N 356 
TYR HXT  H N N 357 
VAL N    N N N 358 
VAL CA   C N S 359 
VAL C    C N N 360 
VAL O    O N N 361 
VAL CB   C N N 362 
VAL CG1  C N N 363 
VAL CG2  C N N 364 
VAL OXT  O N N 365 
VAL H    H N N 366 
VAL H2   H N N 367 
VAL HA   H N N 368 
VAL HB   H N N 369 
VAL HG11 H N N 370 
VAL HG12 H N N 371 
VAL HG13 H N N 372 
VAL HG21 H N N 373 
VAL HG22 H N N 374 
VAL HG23 H N N 375 
VAL HXT  H N N 376 
# 
loop_
_chem_comp_bond.comp_id 
_chem_comp_bond.atom_id_1 
_chem_comp_bond.atom_id_2 
_chem_comp_bond.value_order 
_chem_comp_bond.pdbx_aromatic_flag 
_chem_comp_bond.pdbx_stereo_config 
_chem_comp_bond.pdbx_ordinal 
ALA N   CA   sing N N 1   
ALA N   H    sing N N 2   
ALA N   H2   sing N N 3   
ALA CA  C    sing N N 4   
ALA CA  CB   sing N N 5   
ALA CA  HA   sing N N 6   
ALA C   O    doub N N 7   
ALA C   OXT  sing N N 8   
ALA CB  HB1  sing N N 9   
ALA CB  HB2  sing N N 10  
ALA CB  HB3  sing N N 11  
ALA OXT HXT  sing N N 12  
ARG N   CA   sing N N 13  
ARG N   H    sing N N 14  
ARG N   H2   sing N N 15  
ARG CA  C    sing N N 16  
ARG CA  CB   sing N N 17  
ARG CA  HA   sing N N 18  
ARG C   O    doub N N 19  
ARG C   OXT  sing N N 20  
ARG CB  CG   sing N N 21  
ARG CB  HB2  sing N N 22  
ARG CB  HB3  sing N N 23  
ARG CG  CD   sing N N 24  
ARG CG  HG2  sing N N 25  
ARG CG  HG3  sing N N 26  
ARG CD  NE   sing N N 27  
ARG CD  HD2  sing N N 28  
ARG CD  HD3  sing N N 29  
ARG NE  CZ   sing N N 30  
ARG NE  HE   sing N N 31  
ARG CZ  NH1  sing N N 32  
ARG CZ  NH2  doub N N 33  
ARG NH1 HH11 sing N N 34  
ARG NH1 HH12 sing N N 35  
ARG NH2 HH21 sing N N 36  
ARG NH2 HH22 sing N N 37  
ARG OXT HXT  sing N N 38  
ASN N   CA   sing N N 39  
ASN N   H    sing N N 40  
ASN N   H2   sing N N 41  
ASN CA  C    sing N N 42  
ASN CA  CB   sing N N 43  
ASN CA  HA   sing N N 44  
ASN C   O    doub N N 45  
ASN C   OXT  sing N N 46  
ASN CB  CG   sing N N 47  
ASN CB  HB2  sing N N 48  
ASN CB  HB3  sing N N 49  
ASN CG  OD1  doub N N 50  
ASN CG  ND2  sing N N 51  
ASN ND2 HD21 sing N N 52  
ASN ND2 HD22 sing N N 53  
ASN OXT HXT  sing N N 54  
ASP N   CA   sing N N 55  
ASP N   H    sing N N 56  
ASP N   H2   sing N N 57  
ASP CA  C    sing N N 58  
ASP CA  CB   sing N N 59  
ASP CA  HA   sing N N 60  
ASP C   O    doub N N 61  
ASP C   OXT  sing N N 62  
ASP CB  CG   sing N N 63  
ASP CB  HB2  sing N N 64  
ASP CB  HB3  sing N N 65  
ASP CG  OD1  doub N N 66  
ASP CG  OD2  sing N N 67  
ASP OD2 HD2  sing N N 68  
ASP OXT HXT  sing N N 69  
GLN N   CA   sing N N 70  
GLN N   H    sing N N 71  
GLN N   H2   sing N N 72  
GLN CA  C    sing N N 73  
GLN CA  CB   sing N N 74  
GLN CA  HA   sing N N 75  
GLN C   O    doub N N 76  
GLN C   OXT  sing N N 77  
GLN CB  CG   sing N N 78  
GLN CB  HB2  sing N N 79  
GLN CB  HB3  sing N N 80  
GLN CG  CD   sing N N 81  
GLN CG  HG2  sing N N 82  
GLN CG  HG3  sing N N 83  
GLN CD  OE1  doub N N 84  
GLN CD  NE2  sing N N 85  
GLN NE2 HE21 sing N N 86  
GLN NE2 HE22 sing N N 87  
GLN OXT HXT  sing N N 88  
GLU N   CA   sing N N 89  
GLU N   H    sing N N 90  
GLU N   H2   sing N N 91  
GLU CA  C    sing N N 92  
GLU CA  CB   sing N N 93  
GLU CA  HA   sing N N 94  
GLU C   O    doub N N 95  
GLU C   OXT  sing N N 96  
GLU CB  CG   sing N N 97  
GLU CB  HB2  sing N N 98  
GLU CB  HB3  sing N N 99  
GLU CG  CD   sing N N 100 
GLU CG  HG2  sing N N 101 
GLU CG  HG3  sing N N 102 
GLU CD  OE1  doub N N 103 
GLU CD  OE2  sing N N 104 
GLU OE2 HE2  sing N N 105 
GLU OXT HXT  sing N N 106 
GLY N   CA   sing N N 107 
GLY N   H    sing N N 108 
GLY N   H2   sing N N 109 
GLY CA  C    sing N N 110 
GLY CA  HA2  sing N N 111 
GLY CA  HA3  sing N N 112 
GLY C   O    doub N N 113 
GLY C   OXT  sing N N 114 
GLY OXT HXT  sing N N 115 
HIS N   CA   sing N N 116 
HIS N   H    sing N N 117 
HIS N   H2   sing N N 118 
HIS CA  C    sing N N 119 
HIS CA  CB   sing N N 120 
HIS CA  HA   sing N N 121 
HIS C   O    doub N N 122 
HIS C   OXT  sing N N 123 
HIS CB  CG   sing N N 124 
HIS CB  HB2  sing N N 125 
HIS CB  HB3  sing N N 126 
HIS CG  ND1  sing Y N 127 
HIS CG  CD2  doub Y N 128 
HIS ND1 CE1  doub Y N 129 
HIS ND1 HD1  sing N N 130 
HIS CD2 NE2  sing Y N 131 
HIS CD2 HD2  sing N N 132 
HIS CE1 NE2  sing Y N 133 
HIS CE1 HE1  sing N N 134 
HIS NE2 HE2  sing N N 135 
HIS OXT HXT  sing N N 136 
HOH O   H1   sing N N 137 
HOH O   H2   sing N N 138 
ILE N   CA   sing N N 139 
ILE N   H    sing N N 140 
ILE N   H2   sing N N 141 
ILE CA  C    sing N N 142 
ILE CA  CB   sing N N 143 
ILE CA  HA   sing N N 144 
ILE C   O    doub N N 145 
ILE C   OXT  sing N N 146 
ILE CB  CG1  sing N N 147 
ILE CB  CG2  sing N N 148 
ILE CB  HB   sing N N 149 
ILE CG1 CD1  sing N N 150 
ILE CG1 HG12 sing N N 151 
ILE CG1 HG13 sing N N 152 
ILE CG2 HG21 sing N N 153 
ILE CG2 HG22 sing N N 154 
ILE CG2 HG23 sing N N 155 
ILE CD1 HD11 sing N N 156 
ILE CD1 HD12 sing N N 157 
ILE CD1 HD13 sing N N 158 
ILE OXT HXT  sing N N 159 
LEU N   CA   sing N N 160 
LEU N   H    sing N N 161 
LEU N   H2   sing N N 162 
LEU CA  C    sing N N 163 
LEU CA  CB   sing N N 164 
LEU CA  HA   sing N N 165 
LEU C   O    doub N N 166 
LEU C   OXT  sing N N 167 
LEU CB  CG   sing N N 168 
LEU CB  HB2  sing N N 169 
LEU CB  HB3  sing N N 170 
LEU CG  CD1  sing N N 171 
LEU CG  CD2  sing N N 172 
LEU CG  HG   sing N N 173 
LEU CD1 HD11 sing N N 174 
LEU CD1 HD12 sing N N 175 
LEU CD1 HD13 sing N N 176 
LEU CD2 HD21 sing N N 177 
LEU CD2 HD22 sing N N 178 
LEU CD2 HD23 sing N N 179 
LEU OXT HXT  sing N N 180 
LYS N   CA   sing N N 181 
LYS N   H    sing N N 182 
LYS N   H2   sing N N 183 
LYS CA  C    sing N N 184 
LYS CA  CB   sing N N 185 
LYS CA  HA   sing N N 186 
LYS C   O    doub N N 187 
LYS C   OXT  sing N N 188 
LYS CB  CG   sing N N 189 
LYS CB  HB2  sing N N 190 
LYS CB  HB3  sing N N 191 
LYS CG  CD   sing N N 192 
LYS CG  HG2  sing N N 193 
LYS CG  HG3  sing N N 194 
LYS CD  CE   sing N N 195 
LYS CD  HD2  sing N N 196 
LYS CD  HD3  sing N N 197 
LYS CE  NZ   sing N N 198 
LYS CE  HE2  sing N N 199 
LYS CE  HE3  sing N N 200 
LYS NZ  HZ1  sing N N 201 
LYS NZ  HZ2  sing N N 202 
LYS NZ  HZ3  sing N N 203 
LYS OXT HXT  sing N N 204 
MET N   CA   sing N N 205 
MET N   H    sing N N 206 
MET N   H2   sing N N 207 
MET CA  C    sing N N 208 
MET CA  CB   sing N N 209 
MET CA  HA   sing N N 210 
MET C   O    doub N N 211 
MET C   OXT  sing N N 212 
MET CB  CG   sing N N 213 
MET CB  HB2  sing N N 214 
MET CB  HB3  sing N N 215 
MET CG  SD   sing N N 216 
MET CG  HG2  sing N N 217 
MET CG  HG3  sing N N 218 
MET SD  CE   sing N N 219 
MET CE  HE1  sing N N 220 
MET CE  HE2  sing N N 221 
MET CE  HE3  sing N N 222 
MET OXT HXT  sing N N 223 
PHE N   CA   sing N N 224 
PHE N   H    sing N N 225 
PHE N   H2   sing N N 226 
PHE CA  C    sing N N 227 
PHE CA  CB   sing N N 228 
PHE CA  HA   sing N N 229 
PHE C   O    doub N N 230 
PHE C   OXT  sing N N 231 
PHE CB  CG   sing N N 232 
PHE CB  HB2  sing N N 233 
PHE CB  HB3  sing N N 234 
PHE CG  CD1  doub Y N 235 
PHE CG  CD2  sing Y N 236 
PHE CD1 CE1  sing Y N 237 
PHE CD1 HD1  sing N N 238 
PHE CD2 CE2  doub Y N 239 
PHE CD2 HD2  sing N N 240 
PHE CE1 CZ   doub Y N 241 
PHE CE1 HE1  sing N N 242 
PHE CE2 CZ   sing Y N 243 
PHE CE2 HE2  sing N N 244 
PHE CZ  HZ   sing N N 245 
PHE OXT HXT  sing N N 246 
PRO N   CA   sing N N 247 
PRO N   CD   sing N N 248 
PRO N   H    sing N N 249 
PRO CA  C    sing N N 250 
PRO CA  CB   sing N N 251 
PRO CA  HA   sing N N 252 
PRO C   O    doub N N 253 
PRO C   OXT  sing N N 254 
PRO CB  CG   sing N N 255 
PRO CB  HB2  sing N N 256 
PRO CB  HB3  sing N N 257 
PRO CG  CD   sing N N 258 
PRO CG  HG2  sing N N 259 
PRO CG  HG3  sing N N 260 
PRO CD  HD2  sing N N 261 
PRO CD  HD3  sing N N 262 
PRO OXT HXT  sing N N 263 
SER N   CA   sing N N 264 
SER N   H    sing N N 265 
SER N   H2   sing N N 266 
SER CA  C    sing N N 267 
SER CA  CB   sing N N 268 
SER CA  HA   sing N N 269 
SER C   O    doub N N 270 
SER C   OXT  sing N N 271 
SER CB  OG   sing N N 272 
SER CB  HB2  sing N N 273 
SER CB  HB3  sing N N 274 
SER OG  HG   sing N N 275 
SER OXT HXT  sing N N 276 
THR N   CA   sing N N 277 
THR N   H    sing N N 278 
THR N   H2   sing N N 279 
THR CA  C    sing N N 280 
THR CA  CB   sing N N 281 
THR CA  HA   sing N N 282 
THR C   O    doub N N 283 
THR C   OXT  sing N N 284 
THR CB  OG1  sing N N 285 
THR CB  CG2  sing N N 286 
THR CB  HB   sing N N 287 
THR OG1 HG1  sing N N 288 
THR CG2 HG21 sing N N 289 
THR CG2 HG22 sing N N 290 
THR CG2 HG23 sing N N 291 
THR OXT HXT  sing N N 292 
TRP N   CA   sing N N 293 
TRP N   H    sing N N 294 
TRP N   H2   sing N N 295 
TRP CA  C    sing N N 296 
TRP CA  CB   sing N N 297 
TRP CA  HA   sing N N 298 
TRP C   O    doub N N 299 
TRP C   OXT  sing N N 300 
TRP CB  CG   sing N N 301 
TRP CB  HB2  sing N N 302 
TRP CB  HB3  sing N N 303 
TRP CG  CD1  doub Y N 304 
TRP CG  CD2  sing Y N 305 
TRP CD1 NE1  sing Y N 306 
TRP CD1 HD1  sing N N 307 
TRP CD2 CE2  doub Y N 308 
TRP CD2 CE3  sing Y N 309 
TRP NE1 CE2  sing Y N 310 
TRP NE1 HE1  sing N N 311 
TRP CE2 CZ2  sing Y N 312 
TRP CE3 CZ3  doub Y N 313 
TRP CE3 HE3  sing N N 314 
TRP CZ2 CH2  doub Y N 315 
TRP CZ2 HZ2  sing N N 316 
TRP CZ3 CH2  sing Y N 317 
TRP CZ3 HZ3  sing N N 318 
TRP CH2 HH2  sing N N 319 
TRP OXT HXT  sing N N 320 
TYR N   CA   sing N N 321 
TYR N   H    sing N N 322 
TYR N   H2   sing N N 323 
TYR CA  C    sing N N 324 
TYR CA  CB   sing N N 325 
TYR CA  HA   sing N N 326 
TYR C   O    doub N N 327 
TYR C   OXT  sing N N 328 
TYR CB  CG   sing N N 329 
TYR CB  HB2  sing N N 330 
TYR CB  HB3  sing N N 331 
TYR CG  CD1  doub Y N 332 
TYR CG  CD2  sing Y N 333 
TYR CD1 CE1  sing Y N 334 
TYR CD1 HD1  sing N N 335 
TYR CD2 CE2  doub Y N 336 
TYR CD2 HD2  sing N N 337 
TYR CE1 CZ   doub Y N 338 
TYR CE1 HE1  sing N N 339 
TYR CE2 CZ   sing Y N 340 
TYR CE2 HE2  sing N N 341 
TYR CZ  OH   sing N N 342 
TYR OH  HH   sing N N 343 
TYR OXT HXT  sing N N 344 
VAL N   CA   sing N N 345 
VAL N   H    sing N N 346 
VAL N   H2   sing N N 347 
VAL CA  C    sing N N 348 
VAL CA  CB   sing N N 349 
VAL CA  HA   sing N N 350 
VAL C   O    doub N N 351 
VAL C   OXT  sing N N 352 
VAL CB  CG1  sing N N 353 
VAL CB  CG2  sing N N 354 
VAL CB  HB   sing N N 355 
VAL CG1 HG11 sing N N 356 
VAL CG1 HG12 sing N N 357 
VAL CG1 HG13 sing N N 358 
VAL CG2 HG21 sing N N 359 
VAL CG2 HG22 sing N N 360 
VAL CG2 HG23 sing N N 361 
VAL OXT HXT  sing N N 362 
# 
_atom_sites.entry_id                    3T97 
_atom_sites.fract_transf_matrix[1][1]   0.02665697 
_atom_sites.fract_transf_matrix[1][2]   -0.02918818 
_atom_sites.fract_transf_matrix[1][3]   0.00601471 
_atom_sites.fract_transf_matrix[2][1]   -0.01162613 
_atom_sites.fract_transf_matrix[2][2]   -0.00943286 
_atom_sites.fract_transf_matrix[2][3]   0.00575079 
_atom_sites.fract_transf_matrix[3][1]   -0.00142801 
_atom_sites.fract_transf_matrix[3][2]   -0.00286873 
_atom_sites.fract_transf_matrix[3][3]   -0.00759245 
_atom_sites.fract_transf_vector[1]      0.821957 
_atom_sites.fract_transf_vector[2]      0.645661 
_atom_sites.fract_transf_vector[3]      0.593788 
# 
loop_
_atom_type.symbol 
C 
N 
O 
S 
# 
loop_
_atom_site.group_PDB 
_atom_site.id 
_atom_site.type_symbol 
_atom_site.label_atom_id 
_atom_site.label_alt_id 
_atom_site.label_comp_id 
_atom_site.label_asym_id 
_atom_site.label_entity_id 
_atom_site.label_seq_id 
_atom_site.pdbx_PDB_ins_code 
_atom_site.Cartn_x 
_atom_site.Cartn_y 
_atom_site.Cartn_z 
_atom_site.occupancy 
_atom_site.B_iso_or_equiv 
_atom_site.pdbx_formal_charge 
_atom_site.auth_seq_id 
_atom_site.auth_comp_id 
_atom_site.auth_asym_id 
_atom_site.auth_atom_id 
_atom_site.pdbx_PDB_model_num 
ATOM   1    N N   . HIS A 1 3  ? 14.327  13.413  35.785  1.00 92.28  ? 345 HIS B N   1 
ATOM   2    C CA  . HIS A 1 3  ? 15.300  12.930  34.769  1.00 92.57  ? 345 HIS B CA  1 
ATOM   3    C C   . HIS A 1 3  ? 14.806  11.649  34.108  1.00 90.44  ? 345 HIS B C   1 
ATOM   4    O O   . HIS A 1 3  ? 14.830  10.576  34.708  1.00 90.37  ? 345 HIS B O   1 
ATOM   5    C CB  . HIS A 1 3  ? 16.660  12.668  35.422  1.00 96.04  ? 345 HIS B CB  1 
ATOM   6    C CG  . HIS A 1 3  ? 17.820  12.796  34.484  1.00 100.28 ? 345 HIS B CG  1 
ATOM   7    N ND1 . HIS A 1 3  ? 19.123  12.566  34.879  1.00 102.22 ? 345 HIS B ND1 1 
ATOM   8    C CD2 . HIS A 1 3  ? 17.881  13.167  33.184  1.00 102.08 ? 345 HIS B CD2 1 
ATOM   9    C CE1 . HIS A 1 3  ? 19.935  12.794  33.863  1.00 103.27 ? 345 HIS B CE1 1 
ATOM   10   N NE2 . HIS A 1 3  ? 19.206  13.159  32.822  1.00 103.42 ? 345 HIS B NE2 1 
ATOM   11   N N   . MET A 1 4  ? 14.372  11.775  32.860  1.00 87.36  ? 346 MET B N   1 
ATOM   12   C CA  . MET A 1 4  ? 13.860  10.651  32.078  1.00 83.82  ? 346 MET B CA  1 
ATOM   13   C C   . MET A 1 4  ? 14.720  10.424  30.826  1.00 81.99  ? 346 MET B C   1 
ATOM   14   O O   . MET A 1 4  ? 14.283  9.807   29.864  1.00 79.54  ? 346 MET B O   1 
ATOM   15   C CB  . MET A 1 4  ? 12.423  10.945  31.644  1.00 83.64  ? 346 MET B CB  1 
ATOM   16   C CG  . MET A 1 4  ? 11.477  11.305  32.780  1.00 81.69  ? 346 MET B CG  1 
ATOM   17   S SD  . MET A 1 4  ? 9.864   11.759  32.105  1.00 79.03  ? 346 MET B SD  1 
ATOM   18   C CE  . MET A 1 4  ? 10.185  13.431  31.602  1.00 79.51  ? 346 MET B CE  1 
ATOM   19   N N   . THR A 1 5  ? 15.943  10.937  30.856  1.00 81.64  ? 347 THR B N   1 
ATOM   20   C CA  . THR A 1 5  ? 16.871  10.822  29.740  1.00 80.60  ? 347 THR B CA  1 
ATOM   21   C C   . THR A 1 5  ? 17.136  9.380   29.310  1.00 79.05  ? 347 THR B C   1 
ATOM   22   O O   . THR A 1 5  ? 17.515  9.119   28.170  1.00 77.99  ? 347 THR B O   1 
ATOM   23   C CB  . THR A 1 5  ? 18.220  11.503  30.084  1.00 81.04  ? 347 THR B CB  1 
ATOM   24   O OG1 . THR A 1 5  ? 18.008  12.894  30.343  1.00 81.61  ? 347 THR B OG1 1 
ATOM   25   C CG2 . THR A 1 5  ? 19.205  11.355  28.921  1.00 81.63  ? 347 THR B CG2 1 
ATOM   26   N N   . LYS A 1 6  ? 16.941  8.440   30.224  1.00 78.30  ? 348 LYS B N   1 
ATOM   27   C CA  . LYS A 1 6  ? 17.184  7.031   29.918  1.00 76.99  ? 348 LYS B CA  1 
ATOM   28   C C   . LYS A 1 6  ? 15.994  6.342   29.269  1.00 73.78  ? 348 LYS B C   1 
ATOM   29   O O   . LYS A 1 6  ? 16.161  5.508   28.382  1.00 71.38  ? 348 LYS B O   1 
ATOM   30   C CB  . LYS A 1 6  ? 17.591  6.273   31.187  1.00 80.74  ? 348 LYS B CB  1 
ATOM   31   C CG  . LYS A 1 6  ? 17.941  4.814   30.938  1.00 85.77  ? 348 LYS B CG  1 
ATOM   32   C CD  . LYS A 1 6  ? 18.393  4.128   32.220  1.00 90.18  ? 348 LYS B CD  1 
ATOM   33   C CE  . LYS A 1 6  ? 18.738  2.661   31.989  1.00 94.25  ? 348 LYS B CE  1 
ATOM   34   N NZ  . LYS A 1 6  ? 19.204  2.011   33.253  1.00 96.39  ? 348 LYS B NZ  1 
ATOM   35   N N   . GLN A 1 7  ? 14.792  6.690   29.721  1.00 71.13  ? 349 GLN B N   1 
ATOM   36   C CA  . GLN A 1 7  ? 13.578  6.105   29.161  1.00 69.23  ? 349 GLN B CA  1 
ATOM   37   C C   . GLN A 1 7  ? 13.215  6.773   27.833  1.00 67.10  ? 349 GLN B C   1 
ATOM   38   O O   . GLN A 1 7  ? 12.335  6.309   27.115  1.00 65.93  ? 349 GLN B O   1 
ATOM   39   C CB  . GLN A 1 7  ? 12.412  6.205   30.151  1.00 68.33  ? 349 GLN B CB  1 
ATOM   40   C CG  . GLN A 1 7  ? 11.862  7.592   30.348  1.00 68.40  ? 349 GLN B CG  1 
ATOM   41   C CD  . GLN A 1 7  ? 10.802  7.641   31.422  1.00 69.84  ? 349 GLN B CD  1 
ATOM   42   O OE1 . GLN A 1 7  ? 11.061  7.316   32.596  1.00 69.98  ? 349 GLN B OE1 1 
ATOM   43   N NE2 . GLN A 1 7  ? 9.593   8.050   31.033  1.00 69.28  ? 349 GLN B NE2 1 
ATOM   44   N N   . HIS A 1 8  ? 13.894  7.870   27.516  1.00 65.63  ? 350 HIS B N   1 
ATOM   45   C CA  . HIS A 1 8  ? 13.674  8.564   26.249  1.00 64.30  ? 350 HIS B CA  1 
ATOM   46   C C   . HIS A 1 8  ? 14.473  7.817   25.190  1.00 63.20  ? 350 HIS B C   1 
ATOM   47   O O   . HIS A 1 8  ? 14.019  7.665   24.061  1.00 62.83  ? 350 HIS B O   1 
ATOM   48   C CB  . HIS A 1 8  ? 14.200  9.998   26.284  1.00 65.40  ? 350 HIS B CB  1 
ATOM   49   C CG  . HIS A 1 8  ? 13.275  10.980  26.926  1.00 64.89  ? 350 HIS B CG  1 
ATOM   50   N ND1 . HIS A 1 8  ? 13.540  12.331  26.961  1.00 63.77  ? 350 HIS B ND1 1 
ATOM   51   C CD2 . HIS A 1 8  ? 12.098  10.810  27.571  1.00 65.05  ? 350 HIS B CD2 1 
ATOM   52   C CE1 . HIS A 1 8  ? 12.565  12.951  27.601  1.00 64.27  ? 350 HIS B CE1 1 
ATOM   53   N NE2 . HIS A 1 8  ? 11.679  12.051  27.983  1.00 65.38  ? 350 HIS B NE2 1 
ATOM   54   N N   . GLN A 1 9  ? 15.665  7.359   25.565  1.00 61.38  ? 351 GLN B N   1 
ATOM   55   C CA  . GLN A 1 9  ? 16.517  6.637   24.633  1.00 61.20  ? 351 GLN B CA  1 
ATOM   56   C C   . GLN A 1 9  ? 15.974  5.242   24.356  1.00 58.50  ? 351 GLN B C   1 
ATOM   57   O O   . GLN A 1 9  ? 16.159  4.710   23.272  1.00 58.00  ? 351 GLN B O   1 
ATOM   58   C CB  . GLN A 1 9  ? 17.943  6.538   25.175  1.00 63.41  ? 351 GLN B CB  1 
ATOM   59   C CG  . GLN A 1 9  ? 18.148  5.464   26.224  1.00 68.09  ? 351 GLN B CG  1 
ATOM   60   C CD  . GLN A 1 9  ? 19.605  5.296   26.580  1.00 69.85  ? 351 GLN B CD  1 
ATOM   61   O OE1 . GLN A 1 9  ? 20.455  5.210   25.685  1.00 69.02  ? 351 GLN B OE1 1 
ATOM   62   N NE2 . GLN A 1 9  ? 19.907  5.236   27.883  1.00 70.74  ? 351 GLN B NE2 1 
ATOM   63   N N   . THR A 1 10 ? 15.310  4.661   25.355  1.00 56.51  ? 352 THR B N   1 
ATOM   64   C CA  . THR A 1 10 ? 14.706  3.346   25.212  1.00 53.26  ? 352 THR B CA  1 
ATOM   65   C C   . THR A 1 10 ? 13.581  3.490   24.195  1.00 51.43  ? 352 THR B C   1 
ATOM   66   O O   . THR A 1 10 ? 13.470  2.705   23.252  1.00 49.26  ? 352 THR B O   1 
ATOM   67   C CB  . THR A 1 10 ? 14.088  2.860   26.547  1.00 51.17  ? 352 THR B CB  1 
ATOM   68   O OG1 . THR A 1 10 ? 15.128  2.600   27.490  1.00 50.25  ? 352 THR B OG1 1 
ATOM   69   C CG2 . THR A 1 10 ? 13.252  1.597   26.332  1.00 49.41  ? 352 THR B CG2 1 
ATOM   70   N N   . ARG A 1 11 ? 12.749  4.505   24.410  1.00 51.60  ? 353 ARG B N   1 
ATOM   71   C CA  . ARG A 1 11 ? 11.613  4.796   23.545  1.00 51.03  ? 353 ARG B CA  1 
ATOM   72   C C   . ARG A 1 11 ? 12.068  5.085   22.111  1.00 48.88  ? 353 ARG B C   1 
ATOM   73   O O   . ARG A 1 11 ? 11.430  4.653   21.156  1.00 49.02  ? 353 ARG B O   1 
ATOM   74   C CB  . ARG A 1 11 ? 10.806  5.972   24.128  1.00 52.02  ? 353 ARG B CB  1 
ATOM   75   C CG  . ARG A 1 11 ? 9.543   6.334   23.360  1.00 55.26  ? 353 ARG B CG  1 
ATOM   76   C CD  . ARG A 1 11 ? 8.647   5.119   23.046  1.00 56.75  ? 353 ARG B CD  1 
ATOM   77   N NE  . ARG A 1 11 ? 8.011   4.572   24.234  1.00 59.24  ? 353 ARG B NE  1 
ATOM   78   C CZ  . ARG A 1 11 ? 7.334   3.427   24.273  1.00 60.22  ? 353 ARG B CZ  1 
ATOM   79   N NH1 . ARG A 1 11 ? 7.203   2.699   23.169  1.00 60.55  ? 353 ARG B NH1 1 
ATOM   80   N NH2 . ARG A 1 11 ? 6.793   3.002   25.418  1.00 59.35  ? 353 ARG B NH2 1 
ATOM   81   N N   . LEU A 1 12 ? 13.184  5.793   21.966  1.00 47.70  ? 354 LEU B N   1 
ATOM   82   C CA  . LEU A 1 12 ? 13.737  6.102   20.651  1.00 46.56  ? 354 LEU B CA  1 
ATOM   83   C C   . LEU A 1 12 ? 14.239  4.843   19.937  1.00 46.21  ? 354 LEU B C   1 
ATOM   84   O O   . LEU A 1 12 ? 14.273  4.801   18.714  1.00 45.48  ? 354 LEU B O   1 
ATOM   85   C CB  . LEU A 1 12 ? 14.861  7.133   20.790  1.00 46.35  ? 354 LEU B CB  1 
ATOM   86   C CG  . LEU A 1 12 ? 14.380  8.555   21.142  1.00 46.75  ? 354 LEU B CG  1 
ATOM   87   C CD1 . LEU A 1 12 ? 15.522  9.370   21.720  1.00 46.67  ? 354 LEU B CD1 1 
ATOM   88   C CD2 . LEU A 1 12 ? 13.775  9.240   19.912  1.00 42.48  ? 354 LEU B CD2 1 
ATOM   89   N N   . ASP A 1 13 ? 14.627  3.815   20.693  1.00 47.32  ? 355 ASP B N   1 
ATOM   90   C CA  . ASP A 1 13 ? 15.070  2.542   20.104  1.00 47.34  ? 355 ASP B CA  1 
ATOM   91   C C   . ASP A 1 13 ? 13.832  1.844   19.566  1.00 44.98  ? 355 ASP B C   1 
ATOM   92   O O   . ASP A 1 13 ? 13.824  1.330   18.451  1.00 44.33  ? 355 ASP B O   1 
ATOM   93   C CB  . ASP A 1 13 ? 15.727  1.634   21.155  1.00 53.28  ? 355 ASP B CB  1 
ATOM   94   C CG  . ASP A 1 13 ? 17.168  2.003   21.434  1.00 58.72  ? 355 ASP B CG  1 
ATOM   95   O OD1 . ASP A 1 13 ? 17.887  2.283   20.449  1.00 64.11  ? 355 ASP B OD1 1 
ATOM   96   O OD2 . ASP A 1 13 ? 17.577  2.003   22.622  1.00 59.44  ? 355 ASP B OD2 1 
ATOM   97   N N   . ILE A 1 14 ? 12.796  1.829   20.398  1.00 41.50  ? 356 ILE B N   1 
ATOM   98   C CA  . ILE A 1 14 ? 11.503  1.258   20.065  1.00 40.69  ? 356 ILE B CA  1 
ATOM   99   C C   . ILE A 1 14 ? 10.913  1.931   18.811  1.00 41.78  ? 356 ILE B C   1 
ATOM   100  O O   . ILE A 1 14 ? 10.424  1.249   17.907  1.00 39.64  ? 356 ILE B O   1 
ATOM   101  C CB  . ILE A 1 14 ? 10.528  1.446   21.242  1.00 37.33  ? 356 ILE B CB  1 
ATOM   102  C CG1 . ILE A 1 14 ? 10.864  0.440   22.353  1.00 34.41  ? 356 ILE B CG1 1 
ATOM   103  C CG2 . ILE A 1 14 ? 9.095   1.378   20.729  1.00 32.97  ? 356 ILE B CG2 1 
ATOM   104  C CD1 . ILE A 1 14 ? 10.368  0.816   23.741  1.00 29.32  ? 356 ILE B CD1 1 
ATOM   105  N N   . ILE A 1 15 ? 10.951  3.264   18.770  1.00 42.82  ? 357 ILE B N   1 
ATOM   106  C CA  . ILE A 1 15 ? 10.450  4.016   17.611  1.00 46.69  ? 357 ILE B CA  1 
ATOM   107  C C   . ILE A 1 15 ? 11.284  3.702   16.371  1.00 48.61  ? 357 ILE B C   1 
ATOM   108  O O   . ILE A 1 15 ? 10.743  3.507   15.293  1.00 49.11  ? 357 ILE B O   1 
ATOM   109  C CB  . ILE A 1 15 ? 10.507  5.548   17.827  1.00 47.01  ? 357 ILE B CB  1 
ATOM   110  C CG1 . ILE A 1 15 ? 9.487   5.984   18.890  1.00 47.05  ? 357 ILE B CG1 1 
ATOM   111  C CG2 . ILE A 1 15 ? 10.193  6.267   16.519  1.00 46.08  ? 357 ILE B CG2 1 
ATOM   112  C CD1 . ILE A 1 15 ? 9.571   7.477   19.234  1.00 45.64  ? 357 ILE B CD1 1 
ATOM   113  N N   . SER A 1 16 ? 12.603  3.676   16.543  1.00 51.13  ? 358 SER B N   1 
ATOM   114  C CA  . SER A 1 16 ? 13.517  3.380   15.461  1.00 53.81  ? 358 SER B CA  1 
ATOM   115  C C   . SER A 1 16 ? 13.382  1.926   15.039  1.00 56.01  ? 358 SER B C   1 
ATOM   116  O O   . SER A 1 16 ? 13.650  1.571   13.893  1.00 56.04  ? 358 SER B O   1 
ATOM   117  C CB  . SER A 1 16 ? 14.956  3.626   15.887  1.00 52.02  ? 358 SER B CB  1 
ATOM   118  O OG  . SER A 1 16 ? 15.846  3.290   14.831  1.00 51.76  ? 358 SER B OG  1 
ATOM   119  N N   . GLU A 1 17 ? 12.985  1.079   15.980  1.00 59.15  ? 359 GLU B N   1 
ATOM   120  C CA  . GLU A 1 17 ? 12.813  -0.340  15.702  1.00 63.43  ? 359 GLU B CA  1 
ATOM   121  C C   . GLU A 1 17 ? 11.580  -0.514  14.814  1.00 63.88  ? 359 GLU B C   1 
ATOM   122  O O   . GLU A 1 17 ? 11.585  -1.314  13.886  1.00 62.48  ? 359 GLU B O   1 
ATOM   123  C CB  . GLU A 1 17 ? 12.631  -1.088  17.023  1.00 67.26  ? 359 GLU B CB  1 
ATOM   124  C CG  . GLU A 1 17 ? 11.964  -2.417  16.879  1.00 75.05  ? 359 GLU B CG  1 
ATOM   125  C CD  . GLU A 1 17 ? 12.895  -3.447  16.313  1.00 80.54  ? 359 GLU B CD  1 
ATOM   126  O OE1 . GLU A 1 17 ? 13.778  -3.905  17.067  1.00 82.84  ? 359 GLU B OE1 1 
ATOM   127  O OE2 . GLU A 1 17 ? 12.749  -3.796  15.113  1.00 84.35  ? 359 GLU B OE2 1 
ATOM   128  N N   . ASP A 1 18 ? 10.531  0.255   15.115  1.00 64.90  ? 360 ASP B N   1 
ATOM   129  C CA  . ASP A 1 18 ? 9.282   0.194   14.370  1.00 64.53  ? 360 ASP B CA  1 
ATOM   130  C C   . ASP A 1 18 ? 9.369   0.835   12.997  1.00 63.48  ? 360 ASP B C   1 
ATOM   131  O O   . ASP A 1 18 ? 8.720   0.377   12.058  1.00 62.72  ? 360 ASP B O   1 
ATOM   132  C CB  . ASP A 1 18 ? 8.142   0.824   15.177  1.00 66.64  ? 360 ASP B CB  1 
ATOM   133  C CG  . ASP A 1 18 ? 7.722   -0.040  16.363  1.00 70.33  ? 360 ASP B CG  1 
ATOM   134  O OD1 . ASP A 1 18 ? 7.987   -1.266  16.325  1.00 71.50  ? 360 ASP B OD1 1 
ATOM   135  O OD2 . ASP A 1 18 ? 7.124   0.503   17.321  1.00 70.82  ? 360 ASP B OD2 1 
ATOM   136  N N   . ILE A 1 19 ? 10.167  1.890   12.879  1.00 61.52  ? 361 ILE B N   1 
ATOM   137  C CA  . ILE A 1 19 ? 10.336  2.555   11.599  1.00 59.01  ? 361 ILE B CA  1 
ATOM   138  C C   . ILE A 1 19 ? 11.051  1.622   10.647  1.00 57.64  ? 361 ILE B C   1 
ATOM   139  O O   . ILE A 1 19 ? 10.886  1.728   9.443   1.00 55.48  ? 361 ILE B O   1 
ATOM   140  C CB  . ILE A 1 19 ? 11.172  3.833   11.710  1.00 57.94  ? 361 ILE B CB  1 
ATOM   141  C CG1 . ILE A 1 19 ? 10.504  4.814   12.672  1.00 56.60  ? 361 ILE B CG1 1 
ATOM   142  C CG2 . ILE A 1 19 ? 11.325  4.468   10.338  1.00 57.21  ? 361 ILE B CG2 1 
ATOM   143  C CD1 . ILE A 1 19 ? 11.051  6.197   12.584  1.00 56.12  ? 361 ILE B CD1 1 
ATOM   144  N N   . SER A 1 20 ? 11.845  0.717   11.201  1.00 57.43  ? 362 SER B N   1 
ATOM   145  C CA  . SER A 1 20 ? 12.569  -0.249  10.383  1.00 59.62  ? 362 SER B CA  1 
ATOM   146  C C   . SER A 1 20 ? 11.557  -1.229  9.844   1.00 59.85  ? 362 SER B C   1 
ATOM   147  O O   . SER A 1 20 ? 11.480  -1.474  8.640   1.00 59.46  ? 362 SER B O   1 
ATOM   148  C CB  . SER A 1 20 ? 13.587  -1.033  11.213  1.00 58.94  ? 362 SER B CB  1 
ATOM   149  O OG  . SER A 1 20 ? 14.534  -0.188  11.814  1.00 63.51  ? 362 SER B OG  1 
ATOM   150  N N   . GLU A 1 21 ? 10.770  -1.785  10.755  1.00 60.70  ? 363 GLU B N   1 
ATOM   151  C CA  . GLU A 1 21 ? 9.770   -2.747  10.377  1.00 61.45  ? 363 GLU B CA  1 
ATOM   152  C C   . GLU A 1 21 ? 8.876   -2.132  9.310   1.00 59.71  ? 363 GLU B C   1 
ATOM   153  O O   . GLU A 1 21 ? 8.498   -2.811  8.365   1.00 58.48  ? 363 GLU B O   1 
ATOM   154  C CB  . GLU A 1 21 ? 8.980   -3.167  11.609  1.00 64.80  ? 363 GLU B CB  1 
ATOM   155  C CG  . GLU A 1 21 ? 8.200   -4.473  11.446  1.00 71.94  ? 363 GLU B CG  1 
ATOM   156  C CD  . GLU A 1 21 ? 9.065   -5.670  11.023  1.00 74.86  ? 363 GLU B CD  1 
ATOM   157  O OE1 . GLU A 1 21 ? 10.199  -5.818  11.547  1.00 75.54  ? 363 GLU B OE1 1 
ATOM   158  O OE2 . GLU A 1 21 ? 8.605   -6.453  10.160  1.00 77.67  ? 363 GLU B OE2 1 
ATOM   159  N N   . LEU A 1 22 ? 8.558   -0.847  9.449   1.00 58.57  ? 364 LEU B N   1 
ATOM   160  C CA  . LEU A 1 22 ? 7.724   -0.166  8.464   1.00 58.89  ? 364 LEU B CA  1 
ATOM   161  C C   . LEU A 1 22 ? 8.301   -0.262  7.076   1.00 58.56  ? 364 LEU B C   1 
ATOM   162  O O   . LEU A 1 22 ? 7.615   -0.599  6.128   1.00 59.09  ? 364 LEU B O   1 
ATOM   163  C CB  . LEU A 1 22 ? 7.570   1.309   8.810   1.00 58.79  ? 364 LEU B CB  1 
ATOM   164  C CG  . LEU A 1 22 ? 6.498   1.733   9.810   1.00 59.97  ? 364 LEU B CG  1 
ATOM   165  C CD1 . LEU A 1 22 ? 6.458   3.244   9.880   1.00 58.27  ? 364 LEU B CD1 1 
ATOM   166  C CD2 . LEU A 1 22 ? 5.146   1.184   9.382   1.00 58.11  ? 364 LEU B CD2 1 
ATOM   167  N N   . GLN A 1 23 ? 9.575   0.071   6.965   1.00 59.38  ? 365 GLN B N   1 
ATOM   168  C CA  . GLN A 1 23 ? 10.279  0.043   5.696   1.00 59.82  ? 365 GLN B CA  1 
ATOM   169  C C   . GLN A 1 23 ? 10.232  -1.344  5.111   1.00 59.93  ? 365 GLN B C   1 
ATOM   170  O O   . GLN A 1 23 ? 10.060  -1.503  3.911   1.00 60.35  ? 365 GLN B O   1 
ATOM   171  C CB  . GLN A 1 23 ? 11.728  0.470   5.895   1.00 60.84  ? 365 GLN B CB  1 
ATOM   172  C CG  . GLN A 1 23 ? 11.832  1.808   6.590   1.00 63.97  ? 365 GLN B CG  1 
ATOM   173  C CD  . GLN A 1 23 ? 13.231  2.099   7.109   1.00 66.72  ? 365 GLN B CD  1 
ATOM   174  O OE1 . GLN A 1 23 ? 13.902  1.217   7.667   1.00 69.05  ? 365 GLN B OE1 1 
ATOM   175  N NE2 . GLN A 1 23 ? 13.678  3.340   6.933   1.00 65.35  ? 365 GLN B NE2 1 
ATOM   176  N N   . LYS A 1 24 ? 10.388  -2.358  5.954   1.00 61.49  ? 366 LYS B N   1 
ATOM   177  C CA  . LYS A 1 24 ? 10.333  -3.731  5.473   1.00 62.78  ? 366 LYS B CA  1 
ATOM   178  C C   . LYS A 1 24 ? 8.957   -4.039  4.885   1.00 62.19  ? 366 LYS B C   1 
ATOM   179  O O   . LYS A 1 24 ? 8.864   -4.779  3.923   1.00 63.74  ? 366 LYS B O   1 
ATOM   180  C CB  . LYS A 1 24 ? 10.648  -4.720  6.589   1.00 65.40  ? 366 LYS B CB  1 
ATOM   181  C CG  . LYS A 1 24 ? 10.391  -6.174  6.182   1.00 71.98  ? 366 LYS B CG  1 
ATOM   182  C CD  . LYS A 1 24 ? 10.780  -7.198  7.263   1.00 76.63  ? 366 LYS B CD  1 
ATOM   183  C CE  . LYS A 1 24 ? 10.526  -8.635  6.774   1.00 78.52  ? 366 LYS B CE  1 
ATOM   184  N NZ  . LYS A 1 24 ? 11.202  -9.709  7.578   1.00 78.93  ? 366 LYS B NZ  1 
ATOM   185  N N   . ASN A 1 25 ? 7.911   -3.468  5.473   1.00 62.23  ? 367 ASN B N   1 
ATOM   186  C CA  . ASN A 1 25 ? 6.555   -3.647  4.968   1.00 62.40  ? 367 ASN B CA  1 
ATOM   187  C C   . ASN A 1 25 ? 6.343   -2.954  3.627   1.00 62.07  ? 367 ASN B C   1 
ATOM   188  O O   . ASN A 1 25 ? 5.739   -3.518  2.713   1.00 61.37  ? 367 ASN B O   1 
ATOM   189  C CB  . ASN A 1 25 ? 5.531   -3.145  5.987   1.00 64.32  ? 367 ASN B CB  1 
ATOM   190  C CG  . ASN A 1 25 ? 5.661   -3.834  7.331   1.00 68.46  ? 367 ASN B CG  1 
ATOM   191  O OD1 . ASN A 1 25 ? 6.028   -5.006  7.409   1.00 69.96  ? 367 ASN B OD1 1 
ATOM   192  N ND2 . ASN A 1 25 ? 5.359   -3.106  8.400   1.00 68.40  ? 367 ASN B ND2 1 
ATOM   193  N N   . GLN A 1 26 ? 6.845   -1.729  3.514   1.00 61.89  ? 368 GLN B N   1 
ATOM   194  C CA  . GLN A 1 26 ? 6.732   -0.965  2.277   1.00 62.70  ? 368 GLN B CA  1 
ATOM   195  C C   . GLN A 1 26 ? 7.379   -1.704  1.112   1.00 63.41  ? 368 GLN B C   1 
ATOM   196  O O   . GLN A 1 26 ? 6.832   -1.743  0.009   1.00 64.13  ? 368 GLN B O   1 
ATOM   197  C CB  . GLN A 1 26 ? 7.370   0.417   2.442   1.00 63.00  ? 368 GLN B CB  1 
ATOM   198  C CG  . GLN A 1 26 ? 6.713   1.281   3.507   1.00 66.12  ? 368 GLN B CG  1 
ATOM   199  C CD  . GLN A 1 26 ? 7.047   2.751   3.352   1.00 69.07  ? 368 GLN B CD  1 
ATOM   200  O OE1 . GLN A 1 26 ? 8.201   3.118   3.131   1.00 70.62  ? 368 GLN B OE1 1 
ATOM   201  N NE2 . GLN A 1 26 ? 6.035   3.603   3.467   1.00 70.04  ? 368 GLN B NE2 1 
ATOM   202  N N   . THR A 1 27 ? 8.545   -2.290  1.363   1.00 63.38  ? 369 THR B N   1 
ATOM   203  C CA  . THR A 1 27 ? 9.240   -3.078  0.352   1.00 62.79  ? 369 THR B CA  1 
ATOM   204  C C   . THR A 1 27 ? 8.365   -4.219  -0.155  1.00 62.09  ? 369 THR B C   1 
ATOM   205  O O   . THR A 1 27 ? 8.147   -4.360  -1.359  1.00 61.81  ? 369 THR B O   1 
ATOM   206  C CB  . THR A 1 27 ? 10.559  -3.658  0.896   1.00 63.75  ? 369 THR B CB  1 
ATOM   207  O OG1 . THR A 1 27 ? 11.376  -2.597  1.405   1.00 65.60  ? 369 THR B OG1 1 
ATOM   208  C CG2 . THR A 1 27 ? 11.312  -4.390  -0.203  1.00 61.21  ? 369 THR B CG2 1 
ATOM   209  N N   . THR A 1 28 ? 7.865   -5.031  0.770   1.00 61.37  ? 370 THR B N   1 
ATOM   210  C CA  . THR A 1 28 ? 7.152   -6.252  0.414   1.00 59.57  ? 370 THR B CA  1 
ATOM   211  C C   . THR A 1 28 ? 5.884   -5.941  -0.374  1.00 61.26  ? 370 THR B C   1 
ATOM   212  O O   . THR A 1 28 ? 5.594   -6.585  -1.382  1.00 60.81  ? 370 THR B O   1 
ATOM   213  C CB  . THR A 1 28 ? 6.782   -7.075  1.662   1.00 57.34  ? 370 THR B CB  1 
ATOM   214  O OG1 . THR A 1 28 ? 5.642   -7.895  1.377   1.00 56.88  ? 370 THR B OG1 1 
ATOM   215  C CG2 . THR A 1 28 ? 6.460   -6.154  2.830   1.00 57.98  ? 370 THR B CG2 1 
ATOM   216  N N   . THR A 1 29 ? 5.131   -4.951  0.093   1.00 61.20  ? 371 THR B N   1 
ATOM   217  C CA  . THR A 1 29 ? 3.851   -4.608  -0.515  1.00 63.03  ? 371 THR B CA  1 
ATOM   218  C C   . THR A 1 29 ? 4.048   -3.809  -1.798  1.00 64.43  ? 371 THR B C   1 
ATOM   219  O O   . THR A 1 29 ? 3.144   -3.717  -2.629  1.00 64.65  ? 371 THR B O   1 
ATOM   220  C CB  . THR A 1 29 ? 2.966   -3.800  0.451   1.00 62.98  ? 371 THR B CB  1 
ATOM   221  O OG1 . THR A 1 29 ? 2.704   -4.576  1.627   1.00 60.57  ? 371 THR B OG1 1 
ATOM   222  C CG2 . THR A 1 29 ? 1.647   -3.436  -0.214  1.00 62.91  ? 371 THR B CG2 1 
ATOM   223  N N   . MET A 1 30 ? 5.235   -3.232  -1.955  1.00 65.45  ? 372 MET B N   1 
ATOM   224  C CA  . MET A 1 30 ? 5.709   -2.796  -3.263  1.00 66.83  ? 372 MET B CA  1 
ATOM   225  C C   . MET A 1 30 ? 5.775   -3.963  -4.242  1.00 67.83  ? 372 MET B C   1 
ATOM   226  O O   . MET A 1 30 ? 5.422   -3.824  -5.413  1.00 67.69  ? 372 MET B O   1 
ATOM   227  C CB  . MET A 1 30 ? 7.083   -2.134  -3.142  1.00 68.21  ? 372 MET B CB  1 
ATOM   228  C CG  . MET A 1 30 ? 7.367   -1.093  -4.213  1.00 69.56  ? 372 MET B CG  1 
ATOM   229  S SD  . MET A 1 30 ? 8.896   -0.186  -3.914  1.00 73.42  ? 372 MET B SD  1 
ATOM   230  C CE  . MET A 1 30 ? 8.333   1.054   -2.752  1.00 68.28  ? 372 MET B CE  1 
ATOM   231  N N   . ALA A 1 31 ? 6.230   -5.113  -3.755  1.00 67.97  ? 373 ALA B N   1 
ATOM   232  C CA  . ALA A 1 31 ? 6.364   -6.292  -4.587  1.00 67.40  ? 373 ALA B CA  1 
ATOM   233  C C   . ALA A 1 31 ? 5.000   -6.905  -4.866  1.00 67.42  ? 373 ALA B C   1 
ATOM   234  O O   . ALA A 1 31 ? 4.841   -7.623  -5.850  1.00 67.63  ? 373 ALA B O   1 
ATOM   235  C CB  . ALA A 1 31 ? 7.263   -7.297  -3.904  1.00 67.83  ? 373 ALA B CB  1 
ATOM   236  N N   . LYS A 1 32 ? 4.025   -6.640  -4.004  1.00 67.09  ? 374 LYS B N   1 
ATOM   237  C CA  . LYS A 1 32 ? 2.701   -7.192  -4.215  1.00 68.64  ? 374 LYS B CA  1 
ATOM   238  C C   . LYS A 1 32 ? 1.900   -6.329  -5.211  1.00 67.87  ? 374 LYS B C   1 
ATOM   239  O O   . LYS A 1 32 ? 1.084   -6.843  -5.993  1.00 67.21  ? 374 LYS B O   1 
ATOM   240  C CB  . LYS A 1 32 ? 1.979   -7.321  -2.874  1.00 70.98  ? 374 LYS B CB  1 
ATOM   241  C CG  . LYS A 1 32 ? 1.134   -8.582  -2.763  1.00 74.37  ? 374 LYS B CG  1 
ATOM   242  C CD  . LYS A 1 32 ? 0.363   -8.634  -1.455  1.00 79.77  ? 374 LYS B CD  1 
ATOM   243  C CE  . LYS A 1 32 ? -0.675  -9.780  -1.477  1.00 81.37  ? 374 LYS B CE  1 
ATOM   244  N NZ  . LYS A 1 32 ? -1.617  -9.799  -0.304  1.00 79.92  ? 374 LYS B NZ  1 
ATOM   245  N N   . ILE A 1 33 ? 2.118   -5.019  -5.181  1.00 67.92  ? 375 ILE B N   1 
ATOM   246  C CA  . ILE A 1 33 ? 1.440   -4.118  -6.111  1.00 66.98  ? 375 ILE B CA  1 
ATOM   247  C C   . ILE A 1 33 ? 1.944   -4.472  -7.506  1.00 66.89  ? 375 ILE B C   1 
ATOM   248  O O   . ILE A 1 33 ? 1.179   -4.573  -8.446  1.00 67.52  ? 375 ILE B O   1 
ATOM   249  C CB  . ILE A 1 33 ? 1.782   -2.646  -5.822  1.00 67.05  ? 375 ILE B CB  1 
ATOM   250  C CG1 . ILE A 1 33 ? 1.246   -2.238  -4.460  1.00 69.41  ? 375 ILE B CG1 1 
ATOM   251  C CG2 . ILE A 1 33 ? 1.192   -1.749  -6.883  1.00 66.50  ? 375 ILE B CG2 1 
ATOM   252  C CD1 . ILE A 1 33 ? -0.248  -2.432  -4.317  1.00 72.10  ? 375 ILE B CD1 1 
ATOM   253  N N   . ALA A 1 34 ? 3.249   -4.677  -7.616  1.00 66.54  ? 376 ALA B N   1 
ATOM   254  C CA  . ALA A 1 34 ? 3.887   -5.022  -8.873  1.00 66.42  ? 376 ALA B CA  1 
ATOM   255  C C   . ALA A 1 34 ? 3.294   -6.296  -9.458  1.00 66.91  ? 376 ALA B C   1 
ATOM   256  O O   . ALA A 1 34 ? 3.101   -6.412  -10.665 1.00 65.74  ? 376 ALA B O   1 
ATOM   257  C CB  . ALA A 1 34 ? 5.393   -5.183  -8.660  1.00 66.71  ? 376 ALA B CB  1 
ATOM   258  N N   . GLN A 1 35 ? 2.994   -7.252  -8.595  1.00 67.99  ? 377 GLN B N   1 
ATOM   259  C CA  . GLN A 1 35 ? 2.433   -8.525  -9.024  1.00 70.68  ? 377 GLN B CA  1 
ATOM   260  C C   . GLN A 1 35 ? 1.001   -8.357  -9.498  1.00 70.65  ? 377 GLN B C   1 
ATOM   261  O O   . GLN A 1 35 ? 0.604   -8.898  -10.539 1.00 69.88  ? 377 GLN B O   1 
ATOM   262  C CB  . GLN A 1 35 ? 2.482   -9.520  -7.875  1.00 73.56  ? 377 GLN B CB  1 
ATOM   263  C CG  . GLN A 1 35 ? 2.186   -10.952 -8.268  1.00 79.47  ? 377 GLN B CG  1 
ATOM   264  C CD  . GLN A 1 35 ? 2.432   -11.919 -7.122  1.00 83.46  ? 377 GLN B CD  1 
ATOM   265  O OE1 . GLN A 1 35 ? 1.677   -11.951 -6.148  1.00 84.75  ? 377 GLN B OE1 1 
ATOM   266  N NE2 . GLN A 1 35 ? 3.505   -12.699 -7.224  1.00 84.84  ? 377 GLN B NE2 1 
ATOM   267  N N   . TYR A 1 36 ? 0.226   -7.598  -8.732  1.00 70.01  ? 378 TYR B N   1 
ATOM   268  C CA  . TYR A 1 36 ? -1.170  -7.345  -9.070  1.00 69.58  ? 378 TYR B CA  1 
ATOM   269  C C   . TYR A 1 36 ? -1.362  -6.474  -10.316 1.00 68.60  ? 378 TYR B C   1 
ATOM   270  O O   . TYR A 1 36 ? -2.381  -6.580  -11.000 1.00 66.06  ? 378 TYR B O   1 
ATOM   271  C CB  . TYR A 1 36 ? -1.886  -6.726  -7.880  1.00 70.09  ? 378 TYR B CB  1 
ATOM   272  C CG  . TYR A 1 36 ? -2.084  -7.693  -6.753  1.00 71.71  ? 378 TYR B CG  1 
ATOM   273  C CD1 . TYR A 1 36 ? -2.564  -8.973  -6.998  1.00 73.54  ? 378 TYR B CD1 1 
ATOM   274  C CD2 . TYR A 1 36 ? -1.810  -7.332  -5.437  1.00 73.37  ? 378 TYR B CD2 1 
ATOM   275  C CE1 . TYR A 1 36 ? -2.766  -9.878  -5.956  1.00 76.27  ? 378 TYR B CE1 1 
ATOM   276  C CE2 . TYR A 1 36 ? -2.007  -8.224  -4.391  1.00 75.23  ? 378 TYR B CE2 1 
ATOM   277  C CZ  . TYR A 1 36 ? -2.483  -9.500  -4.653  1.00 76.07  ? 378 TYR B CZ  1 
ATOM   278  O OH  . TYR A 1 36 ? -2.654  -10.403 -3.627  1.00 77.21  ? 378 TYR B OH  1 
ATOM   279  N N   . LYS A 1 37 ? -0.391  -5.608  -10.604 1.00 69.28  ? 379 LYS B N   1 
ATOM   280  C CA  . LYS A 1 37 ? -0.465  -4.759  -11.789 1.00 69.11  ? 379 LYS B CA  1 
ATOM   281  C C   . LYS A 1 37 ? -0.190  -5.590  -13.044 1.00 69.15  ? 379 LYS B C   1 
ATOM   282  O O   . LYS A 1 37 ? -0.744  -5.318  -14.107 1.00 68.33  ? 379 LYS B O   1 
ATOM   283  C CB  . LYS A 1 37 ? 0.533   -3.604  -11.701 1.00 68.98  ? 379 LYS B CB  1 
ATOM   284  C CG  . LYS A 1 37 ? 0.025   -2.411  -10.927 1.00 71.47  ? 379 LYS B CG  1 
ATOM   285  C CD  . LYS A 1 37 ? 0.812   -1.136  -11.263 1.00 75.06  ? 379 LYS B CD  1 
ATOM   286  C CE  . LYS A 1 37 ? 2.297   -1.265  -10.908 1.00 75.84  ? 379 LYS B CE  1 
ATOM   287  N NZ  . LYS A 1 37 ? 3.047   0.013   -11.065 1.00 74.10  ? 379 LYS B NZ  1 
ATOM   288  N N   . ARG A 1 38 ? 0.670   -6.594  -12.914 1.00 69.66  ? 380 ARG B N   1 
ATOM   289  C CA  . ARG A 1 38 ? 0.975   -7.465  -14.028 1.00 71.38  ? 380 ARG B CA  1 
ATOM   290  C C   . ARG A 1 38 ? -0.213  -8.379  -14.320 1.00 71.05  ? 380 ARG B C   1 
ATOM   291  O O   . ARG A 1 38 ? -0.535  -8.644  -15.480 1.00 71.32  ? 380 ARG B O   1 
ATOM   292  C CB  . ARG A 1 38 ? 2.227   -8.297  -13.740 1.00 74.26  ? 380 ARG B CB  1 
ATOM   293  C CG  . ARG A 1 38 ? 3.523   -7.584  -14.121 1.00 79.07  ? 380 ARG B CG  1 
ATOM   294  C CD  . ARG A 1 38 ? 4.799   -8.408  -13.865 1.00 82.60  ? 380 ARG B CD  1 
ATOM   295  N NE  . ARG A 1 38 ? 5.150   -8.560  -12.447 1.00 86.25  ? 380 ARG B NE  1 
ATOM   296  C CZ  . ARG A 1 38 ? 4.871   -9.637  -11.710 1.00 88.11  ? 380 ARG B CZ  1 
ATOM   297  N NH1 . ARG A 1 38 ? 4.232   -10.670 -12.250 1.00 87.59  ? 380 ARG B NH1 1 
ATOM   298  N NH2 . ARG A 1 38 ? 5.245   -9.688  -10.434 1.00 88.97  ? 380 ARG B NH2 1 
ATOM   299  N N   . LYS A 1 39 ? -0.873  -8.859  -13.275 1.00 71.17  ? 381 LYS B N   1 
ATOM   300  C CA  . LYS A 1 39 ? -2.029  -9.717  -13.487 1.00 70.71  ? 381 LYS B CA  1 
ATOM   301  C C   . LYS A 1 39 ? -3.150  -8.897  -14.130 1.00 70.14  ? 381 LYS B C   1 
ATOM   302  O O   . LYS A 1 39 ? -3.849  -9.389  -15.019 1.00 70.09  ? 381 LYS B O   1 
ATOM   303  C CB  . LYS A 1 39 ? -2.503  -10.309 -12.160 1.00 70.85  ? 381 LYS B CB  1 
ATOM   304  C CG  . LYS A 1 39 ? -3.763  -11.157 -12.263 1.00 72.09  ? 381 LYS B CG  1 
ATOM   305  C CD  . LYS A 1 39 ? -3.549  -12.365 -13.156 1.00 72.88  ? 381 LYS B CD  1 
ATOM   306  C CE  . LYS A 1 39 ? -4.765  -13.267 -13.167 1.00 73.06  ? 381 LYS B CE  1 
ATOM   307  N NZ  . LYS A 1 39 ? -4.535  -14.463 -14.020 1.00 75.65  ? 381 LYS B NZ  1 
ATOM   308  N N   . LEU A 1 40 ? -3.301  -7.645  -13.692 1.00 70.17  ? 382 LEU B N   1 
ATOM   309  C CA  . LEU A 1 40 ? -4.333  -6.753  -14.232 1.00 69.75  ? 382 LEU B CA  1 
ATOM   310  C C   . LEU A 1 40 ? -4.150  -6.455  -15.713 1.00 69.63  ? 382 LEU B C   1 
ATOM   311  O O   . LEU A 1 40 ? -5.125  -6.270  -16.427 1.00 69.24  ? 382 LEU B O   1 
ATOM   312  C CB  . LEU A 1 40 ? -4.374  -5.418  -13.476 1.00 68.99  ? 382 LEU B CB  1 
ATOM   313  C CG  . LEU A 1 40 ? -5.433  -4.431  -14.004 1.00 68.34  ? 382 LEU B CG  1 
ATOM   314  C CD1 . LEU A 1 40 ? -6.823  -5.025  -13.819 1.00 68.07  ? 382 LEU B CD1 1 
ATOM   315  C CD2 . LEU A 1 40 ? -5.333  -3.102  -13.279 1.00 67.23  ? 382 LEU B CD2 1 
ATOM   316  N N   . MET A 1 41 ? -2.909  -6.383  -16.170 1.00 69.84  ? 383 MET B N   1 
ATOM   317  C CA  . MET A 1 41 ? -2.674  -6.123  -17.574 1.00 71.57  ? 383 MET B CA  1 
ATOM   318  C C   . MET A 1 41 ? -3.098  -7.310  -18.429 1.00 70.12  ? 383 MET B C   1 
ATOM   319  O O   . MET A 1 41 ? -3.530  -7.139  -19.570 1.00 68.49  ? 383 MET B O   1 
ATOM   320  C CB  . MET A 1 41 ? -1.199  -5.798  -17.814 1.00 75.73  ? 383 MET B CB  1 
ATOM   321  C CG  . MET A 1 41 ? -0.808  -4.393  -17.365 1.00 81.09  ? 383 MET B CG  1 
ATOM   322  S SD  . MET A 1 41 ? 0.947   -4.033  -17.595 1.00 86.89  ? 383 MET B SD  1 
ATOM   323  C CE  . MET A 1 41 ? 1.052   -3.887  -19.437 1.00 86.33  ? 383 MET B CE  1 
ATOM   324  N N   . ASP A 1 42 ? -2.974  -8.513  -17.875 1.00 68.96  ? 384 ASP B N   1 
ATOM   325  C CA  . ASP A 1 42 ? -3.369  -9.723  -18.590 1.00 68.73  ? 384 ASP B CA  1 
ATOM   326  C C   . ASP A 1 42 ? -4.882  -9.801  -18.703 1.00 66.81  ? 384 ASP B C   1 
ATOM   327  O O   . ASP A 1 42 ? -5.412  -10.181 -19.752 1.00 64.99  ? 384 ASP B O   1 
ATOM   328  C CB  . ASP A 1 42 ? -2.865  -10.976 -17.872 1.00 71.98  ? 384 ASP B CB  1 
ATOM   329  C CG  . ASP A 1 42 ? -3.571  -12.248 -18.357 1.00 74.11  ? 384 ASP B CG  1 
ATOM   330  O OD1 . ASP A 1 42 ? -3.531  -12.516 -19.580 1.00 75.38  ? 384 ASP B OD1 1 
ATOM   331  O OD2 . ASP A 1 42 ? -4.165  -12.963 -17.519 1.00 74.63  ? 384 ASP B OD2 1 
ATOM   332  N N   . LEU A 1 43 ? -5.563  -9.460  -17.612 1.00 64.22  ? 385 LEU B N   1 
ATOM   333  C CA  . LEU A 1 43 ? -7.016  -9.468  -17.589 1.00 63.95  ? 385 LEU B CA  1 
ATOM   334  C C   . LEU A 1 43 ? -7.553  -8.410  -18.545 1.00 64.08  ? 385 LEU B C   1 
ATOM   335  O O   . LEU A 1 43 ? -8.538  -8.642  -19.242 1.00 63.59  ? 385 LEU B O   1 
ATOM   336  C CB  . LEU A 1 43 ? -7.526  -9.179  -16.185 1.00 61.59  ? 385 LEU B CB  1 
ATOM   337  C CG  . LEU A 1 43 ? -7.276  -10.229 -15.112 1.00 60.79  ? 385 LEU B CG  1 
ATOM   338  C CD1 . LEU A 1 43 ? -7.644  -9.668  -13.760 1.00 60.19  ? 385 LEU B CD1 1 
ATOM   339  C CD2 . LEU A 1 43 ? -8.077  -11.484 -15.410 1.00 59.99  ? 385 LEU B CD2 1 
ATOM   340  N N   . SER A 1 44 ? -6.901  -7.253  -18.572 1.00 64.89  ? 386 SER B N   1 
ATOM   341  C CA  . SER A 1 44 ? -7.347  -6.141  -19.404 1.00 65.86  ? 386 SER B CA  1 
ATOM   342  C C   . SER A 1 44 ? -7.253  -6.490  -20.886 1.00 66.69  ? 386 SER B C   1 
ATOM   343  O O   . SER A 1 44 ? -8.181  -6.235  -21.653 1.00 66.58  ? 386 SER B O   1 
ATOM   344  C CB  . SER A 1 44 ? -6.525  -4.885  -19.108 1.00 65.94  ? 386 SER B CB  1 
ATOM   345  O OG  . SER A 1 44 ? -6.605  -4.536  -17.737 1.00 69.09  ? 386 SER B OG  1 
ATOM   346  N N   . HIS A 1 45 ? -6.127  -7.074  -21.282 1.00 66.56  ? 387 HIS B N   1 
ATOM   347  C CA  . HIS A 1 45 ? -5.958  -7.570  -22.642 1.00 67.50  ? 387 HIS B CA  1 
ATOM   348  C C   . HIS A 1 45 ? -7.055  -8.564  -23.007 1.00 65.96  ? 387 HIS B C   1 
ATOM   349  O O   . HIS A 1 45 ? -7.757  -8.391  -24.004 1.00 65.47  ? 387 HIS B O   1 
ATOM   350  C CB  . HIS A 1 45 ? -4.583  -8.220  -22.808 1.00 70.04  ? 387 HIS B CB  1 
ATOM   351  C CG  . HIS A 1 45 ? -4.265  -8.608  -24.220 1.00 72.34  ? 387 HIS B CG  1 
ATOM   352  N ND1 . HIS A 1 45 ? -4.092  -7.680  -25.225 1.00 72.43  ? 387 HIS B ND1 1 
ATOM   353  C CD2 . HIS A 1 45 ? -4.088  -9.821  -24.793 1.00 72.52  ? 387 HIS B CD2 1 
ATOM   354  C CE1 . HIS A 1 45 ? -3.822  -8.307  -26.356 1.00 73.19  ? 387 HIS B CE1 1 
ATOM   355  N NE2 . HIS A 1 45 ? -3.814  -9.606  -26.122 1.00 73.39  ? 387 HIS B NE2 1 
ATOM   356  N N   . ARG A 1 46 ? -7.198  -9.605  -22.194 1.00 64.48  ? 388 ARG B N   1 
ATOM   357  C CA  . ARG A 1 46 ? -8.051  -10.736 -22.540 1.00 63.21  ? 388 ARG B CA  1 
ATOM   358  C C   . ARG A 1 46 ? -9.501  -10.298 -22.719 1.00 63.37  ? 388 ARG B C   1 
ATOM   359  O O   . ARG A 1 46 ? -10.200 -10.782 -23.609 1.00 62.93  ? 388 ARG B O   1 
ATOM   360  C CB  . ARG A 1 46 ? -7.959  -11.824 -21.469 1.00 60.90  ? 388 ARG B CB  1 
ATOM   361  C CG  . ARG A 1 46 ? -6.585  -12.462 -21.350 1.00 59.12  ? 388 ARG B CG  1 
ATOM   362  C CD  . ARG A 1 46 ? -6.415  -13.163 -20.011 1.00 58.94  ? 388 ARG B CD  1 
ATOM   363  N NE  . ARG A 1 46 ? -7.442  -14.176 -19.790 1.00 59.06  ? 388 ARG B NE  1 
ATOM   364  C CZ  . ARG A 1 46 ? -7.628  -14.814 -18.639 1.00 60.61  ? 388 ARG B CZ  1 
ATOM   365  N NH1 . ARG A 1 46 ? -6.852  -14.544 -17.597 1.00 60.84  ? 388 ARG B NH1 1 
ATOM   366  N NH2 . ARG A 1 46 ? -8.587  -15.722 -18.527 1.00 60.97  ? 388 ARG B NH2 1 
ATOM   367  N N   . THR A 1 47 ? -9.947  -9.380  -21.867 1.00 62.27  ? 389 THR B N   1 
ATOM   368  C CA  . THR A 1 47 ? -11.300 -8.845  -21.956 1.00 63.63  ? 389 THR B CA  1 
ATOM   369  C C   . THR A 1 47 ? -11.468 -7.978  -23.200 1.00 64.29  ? 389 THR B C   1 
ATOM   370  O O   . THR A 1 47 ? -12.545 -7.930  -23.793 1.00 63.91  ? 389 THR B O   1 
ATOM   371  C CB  . THR A 1 47 ? -11.662 -8.015  -20.710 1.00 62.86  ? 389 THR B CB  1 
ATOM   372  O OG1 . THR A 1 47 ? -10.756 -6.911  -20.589 1.00 62.22  ? 389 THR B OG1 1 
ATOM   373  C CG2 . THR A 1 47 ? -11.580 -8.874  -19.457 1.00 60.56  ? 389 THR B CG2 1 
ATOM   374  N N   . LEU A 1 48 ? -10.397 -7.294  -23.587 1.00 65.55  ? 390 LEU B N   1 
ATOM   375  C CA  . LEU A 1 48 ? -10.396 -6.500  -24.810 1.00 66.67  ? 390 LEU B CA  1 
ATOM   376  C C   . LEU A 1 48 ? -10.538 -7.385  -26.043 1.00 67.13  ? 390 LEU B C   1 
ATOM   377  O O   . LEU A 1 48 ? -11.333 -7.097  -26.938 1.00 67.18  ? 390 LEU B O   1 
ATOM   378  C CB  . LEU A 1 48 ? -9.116  -5.666  -24.906 1.00 67.68  ? 390 LEU B CB  1 
ATOM   379  C CG  . LEU A 1 48 ? -9.202  -4.387  -25.741 1.00 70.06  ? 390 LEU B CG  1 
ATOM   380  C CD1 . LEU A 1 48 ? -7.812  -3.844  -26.037 1.00 70.47  ? 390 LEU B CD1 1 
ATOM   381  C CD2 . LEU A 1 48 ? -9.970  -4.637  -27.031 1.00 69.99  ? 390 LEU B CD2 1 
ATOM   382  N N   . GLN A 1 49 ? -9.765  -8.465  -26.082 1.00 68.19  ? 391 GLN B N   1 
ATOM   383  C CA  . GLN A 1 49 ? -9.848  -9.427  -27.174 1.00 69.91  ? 391 GLN B CA  1 
ATOM   384  C C   . GLN A 1 49 ? -11.279 -9.921  -27.300 1.00 69.16  ? 391 GLN B C   1 
ATOM   385  O O   . GLN A 1 49 ? -11.832 -9.925  -28.386 1.00 69.11  ? 391 GLN B O   1 
ATOM   386  C CB  . GLN A 1 49 ? -8.920  -10.622 -26.930 1.00 73.12  ? 391 GLN B CB  1 
ATOM   387  C CG  . GLN A 1 49 ? -7.440  -10.275 -26.882 1.00 78.05  ? 391 GLN B CG  1 
ATOM   388  C CD  . GLN A 1 49 ? -6.990  -9.412  -28.056 1.00 81.40  ? 391 GLN B CD  1 
ATOM   389  O OE1 . GLN A 1 49 ? -7.253  -8.212  -28.100 1.00 82.75  ? 391 GLN B OE1 1 
ATOM   390  N NE2 . GLN A 1 49 ? -6.309  -10.030 -29.014 1.00 83.39  ? 391 GLN B NE2 1 
ATOM   391  N N   . VAL A 1 50 ? -11.865 -10.345 -26.184 1.00 70.03  ? 392 VAL B N   1 
ATOM   392  C CA  . VAL A 1 50 ? -13.238 -10.829 -26.157 1.00 69.17  ? 392 VAL B CA  1 
ATOM   393  C C   . VAL A 1 50 ? -14.158 -9.755  -26.726 1.00 70.05  ? 392 VAL B C   1 
ATOM   394  O O   . VAL A 1 50 ? -15.065 -10.051 -27.501 1.00 68.91  ? 392 VAL B O   1 
ATOM   395  C CB  . VAL A 1 50 ? -13.690 -11.186 -24.707 1.00 67.87  ? 392 VAL B CB  1 
ATOM   396  C CG1 . VAL A 1 50 ? -15.208 -11.273 -24.634 1.00 66.26  ? 392 VAL B CG1 1 
ATOM   397  C CG2 . VAL A 1 50 ? -13.098 -12.514 -24.277 1.00 66.32  ? 392 VAL B CG2 1 
ATOM   398  N N   . LEU A 1 51 ? -13.930 -8.506  -26.338 1.00 71.29  ? 393 LEU B N   1 
ATOM   399  C CA  . LEU A 1 51 ? -14.743 -7.400  -26.837 1.00 73.79  ? 393 LEU B CA  1 
ATOM   400  C C   . LEU A 1 51 ? -14.531 -7.227  -28.333 1.00 75.21  ? 393 LEU B C   1 
ATOM   401  O O   . LEU A 1 51 ? -15.443 -6.848  -29.046 1.00 73.42  ? 393 LEU B O   1 
ATOM   402  C CB  . LEU A 1 51 ? -14.400 -6.105  -26.109 1.00 73.86  ? 393 LEU B CB  1 
ATOM   403  C CG  . LEU A 1 51 ? -14.873 -6.066  -24.652 1.00 75.64  ? 393 LEU B CG  1 
ATOM   404  C CD1 . LEU A 1 51 ? -14.498 -4.738  -23.986 1.00 75.07  ? 393 LEU B CD1 1 
ATOM   405  C CD2 . LEU A 1 51 ? -16.378 -6.269  -24.631 1.00 76.09  ? 393 LEU B CD2 1 
ATOM   406  N N   . ILE A 1 52 ? -13.321 -7.515  -28.805 1.00 77.15  ? 394 ILE B N   1 
ATOM   407  C CA  . ILE A 1 52 ? -12.999 -7.418  -30.227 1.00 79.76  ? 394 ILE B CA  1 
ATOM   408  C C   . ILE A 1 52 ? -13.655 -8.564  -30.991 1.00 82.14  ? 394 ILE B C   1 
ATOM   409  O O   . ILE A 1 52 ? -14.544 -8.352  -31.809 1.00 82.46  ? 394 ILE B O   1 
ATOM   410  C CB  . ILE A 1 52 ? -11.463 -7.465  -30.472 1.00 78.66  ? 394 ILE B CB  1 
ATOM   411  C CG1 . ILE A 1 52 ? -10.815 -6.165  -29.980 1.00 77.69  ? 394 ILE B CG1 1 
ATOM   412  C CG2 . ILE A 1 52 ? -11.177 -7.707  -31.951 1.00 77.48  ? 394 ILE B CG2 1 
ATOM   413  C CD1 . ILE A 1 52 ? -9.302  -6.155  -30.060 1.00 76.50  ? 394 ILE B CD1 1 
ATOM   414  N N   . LYS A 1 53 ? -13.208 -9.781  -30.723 1.00 85.01  ? 395 LYS B N   1 
ATOM   415  C CA  . LYS A 1 53 ? -13.758 -10.954 -31.379 1.00 87.99  ? 395 LYS B CA  1 
ATOM   416  C C   . LYS A 1 53 ? -15.274 -10.882 -31.313 1.00 90.57  ? 395 LYS B C   1 
ATOM   417  O O   . LYS A 1 53 ? -15.963 -11.170 -32.286 1.00 90.73  ? 395 LYS B O   1 
ATOM   418  C CB  . LYS A 1 53 ? -13.251 -12.228 -30.693 1.00 87.25  ? 395 LYS B CB  1 
ATOM   419  C CG  . LYS A 1 53 ? -11.735 -12.256 -30.530 1.00 88.69  ? 395 LYS B CG  1 
ATOM   420  C CD  . LYS A 1 53 ? -11.242 -13.544 -29.885 1.00 90.02  ? 395 LYS B CD  1 
ATOM   421  C CE  . LYS A 1 53 ? -9.955  -13.313 -29.101 1.00 90.75  ? 395 LYS B CE  1 
ATOM   422  N NZ  . LYS A 1 53 ? -8.901  -12.603 -29.894 1.00 90.59  ? 395 LYS B NZ  1 
ATOM   423  N N   . GLN A 1 54 ? -15.789 -10.464 -30.163 1.00 94.19  ? 396 GLN B N   1 
ATOM   424  C CA  . GLN A 1 54 ? -17.231 -10.354 -29.963 1.00 98.08  ? 396 GLN B CA  1 
ATOM   425  C C   . GLN A 1 54 ? -17.902 -9.314  -30.860 1.00 99.53  ? 396 GLN B C   1 
ATOM   426  O O   . GLN A 1 54 ? -19.021 -9.526  -31.323 1.00 98.92  ? 396 GLN B O   1 
ATOM   427  C CB  . GLN A 1 54 ? -17.536 -10.014 -28.505 1.00 99.43  ? 396 GLN B CB  1 
ATOM   428  C CG  . GLN A 1 54 ? -18.997 -10.153 -28.139 1.00 102.18 ? 396 GLN B CG  1 
ATOM   429  C CD  . GLN A 1 54 ? -19.413 -11.603 -27.995 1.00 103.60 ? 396 GLN B CD  1 
ATOM   430  O OE1 . GLN A 1 54 ? -18.951 -12.300 -27.094 1.00 104.66 ? 396 GLN B OE1 1 
ATOM   431  N NE2 . GLN A 1 54 ? -20.288 -12.064 -28.886 1.00 104.63 ? 396 GLN B NE2 1 
ATOM   432  N N   . GLU A 1 55 ? -17.229 -8.193  -31.092 1.00 102.59 ? 397 GLU B N   1 
ATOM   433  C CA  . GLU A 1 55 ? -17.781 -7.130  -31.932 1.00 105.70 ? 397 GLU B CA  1 
ATOM   434  C C   . GLU A 1 55 ? -17.638 -7.456  -33.409 1.00 106.96 ? 397 GLU B C   1 
ATOM   435  O O   . GLU A 1 55 ? -18.359 -6.917  -34.245 1.00 107.24 ? 397 GLU B O   1 
ATOM   436  C CB  . GLU A 1 55 ? -17.098 -5.793  -31.630 1.00 107.64 ? 397 GLU B CB  1 
ATOM   437  C CG  . GLU A 1 55 ? -17.320 -5.301  -30.217 1.00 111.20 ? 397 GLU B CG  1 
ATOM   438  C CD  . GLU A 1 55 ? -18.788 -5.227  -29.861 1.00 112.52 ? 397 GLU B CD  1 
ATOM   439  O OE1 . GLU A 1 55 ? -19.479 -4.360  -30.431 1.00 114.06 ? 397 GLU B OE1 1 
ATOM   440  O OE2 . GLU A 1 55 ? -19.245 -6.033  -29.022 1.00 112.85 ? 397 GLU B OE2 1 
ATOM   441  N N   . ILE A 1 56 ? -16.697 -8.332  -33.728 1.00 108.27 ? 398 ILE B N   1 
ATOM   442  C CA  . ILE A 1 56 ? -16.501 -8.745  -35.103 1.00 109.65 ? 398 ILE B CA  1 
ATOM   443  C C   . ILE A 1 56 ? -17.710 -9.607  -35.465 1.00 112.80 ? 398 ILE B C   1 
ATOM   444  O O   . ILE A 1 56 ? -18.154 -9.633  -36.612 1.00 112.92 ? 398 ILE B O   1 
ATOM   445  C CB  . ILE A 1 56 ? -15.188 -9.532  -35.237 1.00 107.47 ? 398 ILE B CB  1 
ATOM   446  C CG1 . ILE A 1 56 ? -14.012 -8.564  -35.133 1.00 105.80 ? 398 ILE B CG1 1 
ATOM   447  C CG2 . ILE A 1 56 ? -15.148 -10.281 -36.544 1.00 107.43 ? 398 ILE B CG2 1 
ATOM   448  C CD1 . ILE A 1 56 ? -12.660 -9.233  -35.118 1.00 105.28 ? 398 ILE B CD1 1 
ATOM   449  N N   . GLN A 1 57 ? -18.252 -10.286 -34.457 1.00 116.87 ? 399 GLN B N   1 
ATOM   450  C CA  . GLN A 1 57 ? -19.428 -11.145 -34.601 1.00 120.66 ? 399 GLN B CA  1 
ATOM   451  C C   . GLN A 1 57 ? -20.635 -10.314 -35.015 1.00 123.41 ? 399 GLN B C   1 
ATOM   452  O O   . GLN A 1 57 ? -21.480 -10.766 -35.788 1.00 123.64 ? 399 GLN B O   1 
ATOM   453  C CB  . GLN A 1 57 ? -19.750 -11.833 -33.272 1.00 121.05 ? 399 GLN B CB  1 
ATOM   454  C CG  . GLN A 1 57 ? -18.644 -12.712 -32.719 1.00 122.92 ? 399 GLN B CG  1 
ATOM   455  C CD  . GLN A 1 57 ? -18.395 -13.925 -33.580 1.00 123.80 ? 399 GLN B CD  1 
ATOM   456  O OE1 . GLN A 1 57 ? -19.312 -14.701 -33.860 1.00 124.80 ? 399 GLN B OE1 1 
ATOM   457  N NE2 . GLN A 1 57 ? -17.145 -14.102 -34.007 1.00 124.25 ? 399 GLN B NE2 1 
ATOM   458  N N   . ARG A 1 58 ? -20.717 -9.101  -34.476 1.00 126.84 ? 400 ARG B N   1 
ATOM   459  C CA  . ARG A 1 58 ? -21.817 -8.198  -34.783 1.00 129.92 ? 400 ARG B CA  1 
ATOM   460  C C   . ARG A 1 58 ? -21.907 -7.945  -36.277 1.00 130.99 ? 400 ARG B C   1 
ATOM   461  O O   . ARG A 1 58 ? -22.859 -8.379  -36.924 1.00 132.30 ? 400 ARG B O   1 
ATOM   462  C CB  . ARG A 1 58 ? -21.655 -6.868  -34.032 1.00 131.25 ? 400 ARG B CB  1 
ATOM   463  C CG  . ARG A 1 58 ? -21.959 -6.965  -32.537 1.00 134.15 ? 400 ARG B CG  1 
ATOM   464  C CD  . ARG A 1 58 ? -21.710 -5.649  -31.788 1.00 136.41 ? 400 ARG B CD  1 
ATOM   465  N NE  . ARG A 1 58 ? -22.654 -4.585  -32.139 1.00 137.90 ? 400 ARG B NE  1 
ATOM   466  C CZ  . ARG A 1 58 ? -22.737 -3.414  -31.503 1.00 137.99 ? 400 ARG B CZ  1 
ATOM   467  N NH1 . ARG A 1 58 ? -21.935 -3.147  -30.478 1.00 137.42 ? 400 ARG B NH1 1 
ATOM   468  N NH2 . ARG A 1 58 ? -23.626 -2.507  -31.889 1.00 138.24 ? 400 ARG B NH2 1 
ATOM   469  N N   . LYS A 1 59 ? -20.912 -7.265  -36.832 1.00 131.51 ? 401 LYS B N   1 
ATOM   470  C CA  . LYS A 1 59 ? -20.893 -6.944  -38.259 1.00 132.70 ? 401 LYS B CA  1 
ATOM   471  C C   . LYS A 1 59 ? -21.415 -8.028  -39.216 1.00 133.46 ? 401 LYS B C   1 
ATOM   472  O O   . LYS A 1 59 ? -22.135 -7.718  -40.169 1.00 133.74 ? 401 LYS B O   1 
ATOM   473  C CB  . LYS A 1 59 ? -19.481 -6.533  -38.673 1.00 132.75 ? 401 LYS B CB  1 
ATOM   474  C CG  . LYS A 1 59 ? -18.988 -5.265  -37.999 1.00 133.01 ? 401 LYS B CG  1 
ATOM   475  C CD  . LYS A 1 59 ? -17.522 -5.011  -38.328 1.00 133.85 ? 401 LYS B CD  1 
ATOM   476  C CE  . LYS A 1 59 ? -16.959 -3.841  -37.533 1.00 134.11 ? 401 LYS B CE  1 
ATOM   477  N NZ  . LYS A 1 59 ? -15.495 -3.664  -37.762 1.00 134.29 ? 401 LYS B NZ  1 
ATOM   478  N N   . SER A 1 60 ? -21.063 -9.289  -38.974 1.00 133.66 ? 402 SER B N   1 
ATOM   479  C CA  . SER A 1 60 ? -21.519 -10.376 -39.853 1.00 133.66 ? 402 SER B CA  1 
ATOM   480  C C   . SER A 1 60 ? -22.934 -10.868 -39.521 1.00 133.09 ? 402 SER B C   1 
ATOM   481  O O   . SER A 1 60 ? -23.581 -10.280 -38.631 1.00 132.21 ? 402 SER B O   1 
ATOM   482  C CB  . SER A 1 60 ? -20.544 -11.560 -39.795 1.00 133.52 ? 402 SER B CB  1 
ATOM   483  O OG  . SER A 1 60 ? -20.699 -12.307 -38.602 1.00 133.91 ? 402 SER B OG  1 
ATOM   484  N N   . TRP B 2 3  ? 24.376  15.076  32.912  1.00 124.28 ? 364 TRP C N   1 
ATOM   485  C CA  . TRP B 2 3  ? 23.594  15.117  31.644  1.00 124.47 ? 364 TRP C CA  1 
ATOM   486  C C   . TRP B 2 3  ? 24.104  14.057  30.670  1.00 123.48 ? 364 TRP C C   1 
ATOM   487  O O   . TRP B 2 3  ? 23.453  13.751  29.664  1.00 122.87 ? 364 TRP C O   1 
ATOM   488  C CB  . TRP B 2 3  ? 23.701  16.498  31.018  1.00 125.92 ? 364 TRP C CB  1 
ATOM   489  C CG  . TRP B 2 3  ? 25.067  16.805  30.527  1.00 127.23 ? 364 TRP C CG  1 
ATOM   490  C CD1 . TRP B 2 3  ? 26.227  16.768  31.243  1.00 127.50 ? 364 TRP C CD1 1 
ATOM   491  C CD2 . TRP B 2 3  ? 25.424  17.184  29.196  1.00 127.47 ? 364 TRP C CD2 1 
ATOM   492  N NE1 . TRP B 2 3  ? 27.288  17.098  30.438  1.00 127.97 ? 364 TRP C NE1 1 
ATOM   493  C CE2 . TRP B 2 3  ? 26.824  17.358  29.177  1.00 127.33 ? 364 TRP C CE2 1 
ATOM   494  C CE3 . TRP B 2 3  ? 24.696  17.392  28.017  1.00 126.99 ? 364 TRP C CE3 1 
ATOM   495  C CZ2 . TRP B 2 3  ? 27.513  17.730  28.022  1.00 126.59 ? 364 TRP C CZ2 1 
ATOM   496  C CZ3 . TRP B 2 3  ? 25.380  17.763  26.870  1.00 127.04 ? 364 TRP C CZ3 1 
ATOM   497  C CH2 . TRP B 2 3  ? 26.777  17.928  26.882  1.00 126.80 ? 364 TRP C CH2 1 
ATOM   498  N N   . ASP B 2 4  ? 25.282  13.518  30.966  1.00 122.69 ? 365 ASP C N   1 
ATOM   499  C CA  . ASP B 2 4  ? 25.866  12.446  30.158  1.00 121.96 ? 365 ASP C CA  1 
ATOM   500  C C   . ASP B 2 4  ? 26.048  12.622  28.653  1.00 120.03 ? 365 ASP C C   1 
ATOM   501  O O   . ASP B 2 4  ? 26.306  11.632  27.958  1.00 120.69 ? 365 ASP C O   1 
ATOM   502  C CB  . ASP B 2 4  ? 25.220  11.107  30.489  1.00 122.97 ? 365 ASP C CB  1 
ATOM   503  C CG  . ASP B 2 4  ? 25.987  10.299  31.509  1.00 122.92 ? 365 ASP C CG  1 
ATOM   504  O OD1 . ASP B 2 4  ? 27.160  9.962   31.261  1.00 122.09 ? 365 ASP C OD1 1 
ATOM   505  O OD2 . ASP B 2 4  ? 25.383  9.978   32.554  1.00 123.13 ? 365 ASP C OD2 1 
ATOM   506  N N   . ARG B 2 5  ? 25.806  13.819  28.124  1.00 115.93 ? 366 ARG C N   1 
ATOM   507  C CA  . ARG B 2 5  ? 25.661  13.979  26.680  1.00 111.38 ? 366 ARG C CA  1 
ATOM   508  C C   . ARG B 2 5  ? 24.664  13.063  26.005  1.00 107.06 ? 366 ARG C C   1 
ATOM   509  O O   . ARG B 2 5  ? 24.541  13.048  24.782  1.00 106.88 ? 366 ARG C O   1 
ATOM   510  C CB  . ARG B 2 5  ? 27.057  13.612  26.147  1.00 112.42 ? 366 ARG C CB  1 
ATOM   511  C CG  . ARG B 2 5  ? 27.168  13.618  24.626  1.00 115.42 ? 366 ARG C CG  1 
ATOM   512  C CD  . ARG B 2 5  ? 28.548  13.189  24.151  1.00 116.58 ? 366 ARG C CD  1 
ATOM   513  N NE  . ARG B 2 5  ? 28.726  13.417  22.718  1.00 117.38 ? 366 ARG C NE  1 
ATOM   514  C CZ  . ARG B 2 5  ? 29.894  13.313  22.092  1.00 118.17 ? 366 ARG C CZ  1 
ATOM   515  N NH1 . ARG B 2 5  ? 30.988  12.984  22.771  1.00 118.15 ? 366 ARG C NH1 1 
ATOM   516  N NH2 . ARG B 2 5  ? 29.970  13.552  20.790  1.00 117.70 ? 366 ARG C NH2 1 
ATOM   517  N N   . THR B 2 6  ? 23.876  12.365  26.800  1.00 101.83 ? 367 THR C N   1 
ATOM   518  C CA  . THR B 2 6  ? 22.922  11.424  26.258  1.00 96.81  ? 367 THR C CA  1 
ATOM   519  C C   . THR B 2 6  ? 21.822  12.302  25.680  1.00 92.46  ? 367 THR C C   1 
ATOM   520  O O   . THR B 2 6  ? 21.053  11.883  24.820  1.00 91.91  ? 367 THR C O   1 
ATOM   521  C CB  . THR B 2 6  ? 22.344  10.515  27.350  1.00 97.31  ? 367 THR C CB  1 
ATOM   522  O OG1 . THR B 2 6  ? 23.407  9.781   27.966  1.00 96.42  ? 367 THR C OG1 1 
ATOM   523  C CG2 . THR B 2 6  ? 21.354  9.530   26.747  1.00 98.04  ? 367 THR C CG2 1 
ATOM   524  N N   . LEU B 2 7  ? 21.762  13.536  26.162  1.00 87.90  ? 368 LEU C N   1 
ATOM   525  C CA  . LEU B 2 7  ? 20.771  14.487  25.692  1.00 82.50  ? 368 LEU C CA  1 
ATOM   526  C C   . LEU B 2 7  ? 21.082  14.863  24.253  1.00 78.54  ? 368 LEU C C   1 
ATOM   527  O O   . LEU B 2 7  ? 20.187  15.216  23.487  1.00 77.53  ? 368 LEU C O   1 
ATOM   528  C CB  . LEU B 2 7  ? 20.790  15.738  26.573  1.00 83.16  ? 368 LEU C CB  1 
ATOM   529  C CG  . LEU B 2 7  ? 20.472  15.553  28.060  1.00 82.30  ? 368 LEU C CG  1 
ATOM   530  C CD1 . LEU B 2 7  ? 20.563  16.893  28.761  1.00 80.43  ? 368 LEU C CD1 1 
ATOM   531  C CD2 . LEU B 2 7  ? 19.077  14.953  28.226  1.00 81.34  ? 368 LEU C CD2 1 
ATOM   532  N N   . ILE B 2 8  ? 22.361  14.789  23.894  1.00 74.63  ? 369 ILE C N   1 
ATOM   533  C CA  . ILE B 2 8  ? 22.801  15.115  22.543  1.00 72.47  ? 369 ILE C CA  1 
ATOM   534  C C   . ILE B 2 8  ? 22.391  14.016  21.562  1.00 71.65  ? 369 ILE C C   1 
ATOM   535  O O   . ILE B 2 8  ? 21.932  14.298  20.456  1.00 70.38  ? 369 ILE C O   1 
ATOM   536  C CB  . ILE B 2 8  ? 24.344  15.310  22.479  1.00 71.60  ? 369 ILE C CB  1 
ATOM   537  C CG1 . ILE B 2 8  ? 24.765  16.413  23.458  1.00 69.93  ? 369 ILE C CG1 1 
ATOM   538  C CG2 . ILE B 2 8  ? 24.779  15.652  21.046  1.00 69.64  ? 369 ILE C CG2 1 
ATOM   539  C CD1 . ILE B 2 8  ? 26.219  16.775  23.389  1.00 66.11  ? 369 ILE C CD1 1 
ATOM   540  N N   . GLU B 2 9  ? 22.566  12.765  21.976  1.00 71.05  ? 370 GLU C N   1 
ATOM   541  C CA  . GLU B 2 9  ? 22.223  11.616  21.149  1.00 70.81  ? 370 GLU C CA  1 
ATOM   542  C C   . GLU B 2 9  ? 20.721  11.555  20.877  1.00 68.80  ? 370 GLU C C   1 
ATOM   543  O O   . GLU B 2 9  ? 20.290  11.317  19.745  1.00 68.15  ? 370 GLU C O   1 
ATOM   544  C CB  . GLU B 2 9  ? 22.672  10.339  21.848  1.00 73.22  ? 370 GLU C CB  1 
ATOM   545  C CG  . GLU B 2 9  ? 24.110  10.413  22.321  1.00 78.49  ? 370 GLU C CG  1 
ATOM   546  C CD  . GLU B 2 9  ? 24.690  9.059   22.645  1.00 81.20  ? 370 GLU C CD  1 
ATOM   547  O OE1 . GLU B 2 9  ? 24.539  8.589   23.799  1.00 82.73  ? 370 GLU C OE1 1 
ATOM   548  O OE2 . GLU B 2 9  ? 25.291  8.460   21.729  1.00 82.25  ? 370 GLU C OE2 1 
ATOM   549  N N   . ASN B 2 10 ? 19.934  11.765  21.927  1.00 67.05  ? 371 ASN C N   1 
ATOM   550  C CA  . ASN B 2 10 ? 18.481  11.768  21.837  1.00 64.08  ? 371 ASN C CA  1 
ATOM   551  C C   . ASN B 2 10 ? 18.060  12.895  20.908  1.00 63.49  ? 371 ASN C C   1 
ATOM   552  O O   . ASN B 2 10 ? 17.267  12.691  20.001  1.00 63.75  ? 371 ASN C O   1 
ATOM   553  C CB  . ASN B 2 10 ? 17.857  11.991  23.217  1.00 62.46  ? 371 ASN C CB  1 
ATOM   554  C CG  . ASN B 2 10 ? 18.160  10.863  24.191  1.00 61.10  ? 371 ASN C CG  1 
ATOM   555  O OD1 . ASN B 2 10 ? 18.432  9.731   23.785  1.00 58.60  ? 371 ASN C OD1 1 
ATOM   556  N ND2 . ASN B 2 10 ? 18.090  11.164  25.487  1.00 58.89  ? 371 ASN C ND2 1 
ATOM   557  N N   . GLY B 2 11 ? 18.593  14.088  21.148  1.00 62.38  ? 372 GLY C N   1 
ATOM   558  C CA  . GLY B 2 11 ? 18.285  15.225  20.310  1.00 62.38  ? 372 GLY C CA  1 
ATOM   559  C C   . GLY B 2 11 ? 18.650  14.935  18.864  1.00 64.07  ? 372 GLY C C   1 
ATOM   560  O O   . GLY B 2 11 ? 17.992  15.430  17.951  1.00 62.78  ? 372 GLY C O   1 
ATOM   561  N N   . GLU B 2 12 ? 19.705  14.147  18.659  1.00 67.00  ? 373 GLU C N   1 
ATOM   562  C CA  . GLU B 2 12 ? 20.149  13.755  17.322  1.00 70.89  ? 373 GLU C CA  1 
ATOM   563  C C   . GLU B 2 12 ? 19.190  12.719  16.731  1.00 70.27  ? 373 GLU C C   1 
ATOM   564  O O   . GLU B 2 12 ? 18.708  12.865  15.614  1.00 68.59  ? 373 GLU C O   1 
ATOM   565  C CB  . GLU B 2 12 ? 21.570  13.158  17.349  1.00 76.05  ? 373 GLU C CB  1 
ATOM   566  C CG  . GLU B 2 12 ? 22.694  14.104  17.815  1.00 82.59  ? 373 GLU C CG  1 
ATOM   567  C CD  . GLU B 2 12 ? 24.111  13.563  17.525  1.00 85.91  ? 373 GLU C CD  1 
ATOM   568  O OE1 . GLU B 2 12 ? 24.346  12.346  17.705  1.00 87.28  ? 373 GLU C OE1 1 
ATOM   569  O OE2 . GLU B 2 12 ? 24.993  14.357  17.128  1.00 86.17  ? 373 GLU C OE2 1 
ATOM   570  N N   . LYS B 2 13 ? 18.923  11.663  17.485  1.00 69.65  ? 374 LYS C N   1 
ATOM   571  C CA  . LYS B 2 13 ? 18.003  10.631  17.015  1.00 70.49  ? 374 LYS C CA  1 
ATOM   572  C C   . LYS B 2 13 ? 16.667  11.257  16.631  1.00 69.63  ? 374 LYS C C   1 
ATOM   573  O O   . LYS B 2 13 ? 16.095  10.912  15.607  1.00 69.38  ? 374 LYS C O   1 
ATOM   574  C CB  . LYS B 2 13 ? 17.788  9.552   18.090  1.00 70.90  ? 374 LYS C CB  1 
ATOM   575  C CG  . LYS B 2 13 ? 18.895  8.515   18.171  1.00 72.09  ? 374 LYS C CG  1 
ATOM   576  C CD  . LYS B 2 13 ? 18.730  7.565   19.362  1.00 74.67  ? 374 LYS C CD  1 
ATOM   577  C CE  . LYS B 2 13 ? 17.813  6.389   19.049  1.00 75.81  ? 374 LYS C CE  1 
ATOM   578  N NZ  . LYS B 2 13 ? 17.819  5.378   20.154  1.00 74.30  ? 374 LYS C NZ  1 
ATOM   579  N N   . ILE B 2 14 ? 16.170  12.175  17.452  1.00 69.69  ? 375 ILE C N   1 
ATOM   580  C CA  . ILE B 2 14 ? 14.894  12.839  17.179  1.00 70.77  ? 375 ILE C CA  1 
ATOM   581  C C   . ILE B 2 14 ? 14.830  13.339  15.728  1.00 71.39  ? 375 ILE C C   1 
ATOM   582  O O   . ILE B 2 14 ? 13.927  12.992  14.973  1.00 70.27  ? 375 ILE C O   1 
ATOM   583  C CB  . ILE B 2 14 ? 14.674  14.047  18.122  1.00 71.01  ? 375 ILE C CB  1 
ATOM   584  C CG1 . ILE B 2 14 ? 14.684  13.590  19.581  1.00 71.83  ? 375 ILE C CG1 1 
ATOM   585  C CG2 . ILE B 2 14 ? 13.338  14.705  17.829  1.00 70.35  ? 375 ILE C CG2 1 
ATOM   586  C CD1 . ILE B 2 14 ? 13.550  12.656  19.938  1.00 72.27  ? 375 ILE C CD1 1 
ATOM   587  N N   . THR B 2 15 ? 15.805  14.152  15.349  1.00 71.68  ? 376 THR C N   1 
ATOM   588  C CA  . THR B 2 15 ? 15.859  14.709  14.009  1.00 71.85  ? 376 THR C CA  1 
ATOM   589  C C   . THR B 2 15 ? 16.014  13.642  12.943  1.00 71.31  ? 376 THR C C   1 
ATOM   590  O O   . THR B 2 15 ? 15.412  13.736  11.883  1.00 71.45  ? 376 THR C O   1 
ATOM   591  C CB  . THR B 2 15 ? 17.020  15.682  13.887  1.00 72.45  ? 376 THR C CB  1 
ATOM   592  O OG1 . THR B 2 15 ? 18.202  15.066  14.417  1.00 74.38  ? 376 THR C OG1 1 
ATOM   593  C CG2 . THR B 2 15 ? 16.732  16.960  14.643  1.00 72.02  ? 376 THR C CG2 1 
ATOM   594  N N   . SER B 2 16 ? 16.836  12.635  13.214  1.00 71.08  ? 377 SER C N   1 
ATOM   595  C CA  . SER B 2 16 ? 17.041  11.551  12.258  1.00 70.66  ? 377 SER C CA  1 
ATOM   596  C C   . SER B 2 16 ? 15.716  10.859  12.048  1.00 70.86  ? 377 SER C C   1 
ATOM   597  O O   . SER B 2 16 ? 15.207  10.791  10.935  1.00 71.32  ? 377 SER C O   1 
ATOM   598  C CB  . SER B 2 16 ? 18.047  10.523  12.780  1.00 69.44  ? 377 SER C CB  1 
ATOM   599  O OG  . SER B 2 16 ? 19.260  11.125  13.187  1.00 73.05  ? 377 SER C OG  1 
ATOM   600  N N   . LEU B 2 17 ? 15.154  10.347  13.136  1.00 70.69  ? 378 LEU C N   1 
ATOM   601  C CA  . LEU B 2 17 ? 13.890  9.638   13.080  1.00 71.11  ? 378 LEU C CA  1 
ATOM   602  C C   . LEU B 2 17 ? 12.841  10.515  12.418  1.00 72.50  ? 378 LEU C C   1 
ATOM   603  O O   . LEU B 2 17 ? 11.907  10.021  11.789  1.00 71.89  ? 378 LEU C O   1 
ATOM   604  C CB  . LEU B 2 17 ? 13.445  9.222   14.493  1.00 68.82  ? 378 LEU C CB  1 
ATOM   605  C CG  . LEU B 2 17 ? 14.368  8.282   15.298  1.00 66.37  ? 378 LEU C CG  1 
ATOM   606  C CD1 . LEU B 2 17 ? 13.707  7.944   16.612  1.00 64.73  ? 378 LEU C CD1 1 
ATOM   607  C CD2 . LEU B 2 17 ? 14.663  7.011   14.528  1.00 62.98  ? 378 LEU C CD2 1 
ATOM   608  N N   . HIS B 2 18 ? 13.015  11.823  12.540  1.00 74.56  ? 379 HIS C N   1 
ATOM   609  C CA  . HIS B 2 18 ? 12.073  12.755  11.945  1.00 76.71  ? 379 HIS C CA  1 
ATOM   610  C C   . HIS B 2 18 ? 12.011  12.606  10.429  1.00 76.95  ? 379 HIS C C   1 
ATOM   611  O O   . HIS B 2 18 ? 10.927  12.511  9.862   1.00 77.43  ? 379 HIS C O   1 
ATOM   612  C CB  . HIS B 2 18 ? 12.460  14.181  12.297  1.00 80.70  ? 379 HIS C CB  1 
ATOM   613  C CG  . HIS B 2 18 ? 11.351  15.163  12.116  1.00 84.75  ? 379 HIS C CG  1 
ATOM   614  N ND1 . HIS B 2 18 ? 10.391  15.379  13.078  1.00 86.88  ? 379 HIS C ND1 1 
ATOM   615  C CD2 . HIS B 2 18 ? 11.021  15.953  11.068  1.00 86.07  ? 379 HIS C CD2 1 
ATOM   616  C CE1 . HIS B 2 18 ? 9.516   16.260  12.630  1.00 87.66  ? 379 HIS C CE1 1 
ATOM   617  N NE2 . HIS B 2 18 ? 9.875   16.624  11.413  1.00 87.64  ? 379 HIS C NE2 1 
ATOM   618  N N   . ARG B 2 19 ? 13.172  12.589  9.778   1.00 77.81  ? 380 ARG C N   1 
ATOM   619  C CA  . ARG B 2 19 ? 13.255  12.445  8.323   1.00 79.15  ? 380 ARG C CA  1 
ATOM   620  C C   . ARG B 2 19 ? 12.698  11.101  7.899   1.00 78.41  ? 380 ARG C C   1 
ATOM   621  O O   . ARG B 2 19 ? 11.884  11.017  6.979   1.00 80.24  ? 380 ARG C O   1 
ATOM   622  C CB  . ARG B 2 19 ? 14.698  12.497  7.843   1.00 80.87  ? 380 ARG C CB  1 
ATOM   623  C CG  . ARG B 2 19 ? 15.453  13.743  8.185   1.00 84.56  ? 380 ARG C CG  1 
ATOM   624  C CD  . ARG B 2 19 ? 16.942  13.484  8.006   1.00 89.00  ? 380 ARG C CD  1 
ATOM   625  N NE  . ARG B 2 19 ? 17.739  14.683  8.241   1.00 92.22  ? 380 ARG C NE  1 
ATOM   626  C CZ  . ARG B 2 19 ? 18.939  14.687  8.824   1.00 92.74  ? 380 ARG C CZ  1 
ATOM   627  N NH1 . ARG B 2 19 ? 19.488  13.548  9.240   1.00 92.02  ? 380 ARG C NH1 1 
ATOM   628  N NH2 . ARG B 2 19 ? 19.587  15.830  8.984   1.00 92.83  ? 380 ARG C NH2 1 
ATOM   629  N N   . GLU B 2 20 ? 13.181  10.056  8.563   1.00 76.42  ? 381 GLU C N   1 
ATOM   630  C CA  . GLU B 2 20 ? 12.775  8.680   8.313   1.00 73.87  ? 381 GLU C CA  1 
ATOM   631  C C   . GLU B 2 20 ? 11.267  8.602   8.107   1.00 72.53  ? 381 GLU C C   1 
ATOM   632  O O   . GLU B 2 20 ? 10.779  8.154   7.067   1.00 70.44  ? 381 GLU C O   1 
ATOM   633  C CB  . GLU B 2 20 ? 13.144  7.826   9.519   1.00 74.71  ? 381 GLU C CB  1 
ATOM   634  C CG  . GLU B 2 20 ? 13.579  6.440   9.173   1.00 77.18  ? 381 GLU C CG  1 
ATOM   635  C CD  . GLU B 2 20 ? 15.022  6.392   8.757   1.00 78.14  ? 381 GLU C CD  1 
ATOM   636  O OE1 . GLU B 2 20 ? 15.878  6.791   9.575   1.00 79.13  ? 381 GLU C OE1 1 
ATOM   637  O OE2 . GLU B 2 20 ? 15.298  5.959   7.620   1.00 79.18  ? 381 GLU C OE2 1 
ATOM   638  N N   . VAL B 2 21 ? 10.544  9.034   9.133   1.00 71.11  ? 382 VAL C N   1 
ATOM   639  C CA  . VAL B 2 21 ? 9.096   9.045   9.116   1.00 70.39  ? 382 VAL C CA  1 
ATOM   640  C C   . VAL B 2 21 ? 8.587   9.882   7.957   1.00 69.48  ? 382 VAL C C   1 
ATOM   641  O O   . VAL B 2 21 ? 7.702   9.453   7.235   1.00 69.41  ? 382 VAL C O   1 
ATOM   642  C CB  . VAL B 2 21 ? 8.526   9.610   10.442  1.00 69.81  ? 382 VAL C CB  1 
ATOM   643  C CG1 . VAL B 2 21 ? 7.030   9.776   10.341  1.00 68.95  ? 382 VAL C CG1 1 
ATOM   644  C CG2 . VAL B 2 21 ? 8.852   8.673   11.581  1.00 70.49  ? 382 VAL C CG2 1 
ATOM   645  N N   . GLU B 2 22 ? 9.144   11.079  7.785   1.00 68.65  ? 383 GLU C N   1 
ATOM   646  C CA  . GLU B 2 22 ? 8.726   11.960  6.700   1.00 69.37  ? 383 GLU C CA  1 
ATOM   647  C C   . GLU B 2 22 ? 8.986   11.303  5.338   1.00 69.44  ? 383 GLU C C   1 
ATOM   648  O O   . GLU B 2 22 ? 8.189   11.426  4.403   1.00 70.98  ? 383 GLU C O   1 
ATOM   649  C CB  . GLU B 2 22 ? 9.458   13.297  6.785   1.00 69.17  ? 383 GLU C CB  1 
ATOM   650  C CG  . GLU B 2 22 ? 9.159   14.083  8.041   1.00 71.77  ? 383 GLU C CG  1 
ATOM   651  C CD  . GLU B 2 22 ? 7.664   14.222  8.323   1.00 72.68  ? 383 GLU C CD  1 
ATOM   652  O OE1 . GLU B 2 22 ? 6.930   14.739  7.464   1.00 71.94  ? 383 GLU C OE1 1 
ATOM   653  O OE2 . GLU B 2 22 ? 7.223   13.818  9.415   1.00 75.14  ? 383 GLU C OE2 1 
ATOM   654  N N   . LYS B 2 23 ? 10.109  10.605  5.237   1.00 67.43  ? 384 LYS C N   1 
ATOM   655  C CA  . LYS B 2 23 ? 10.475  9.899   4.023   1.00 66.47  ? 384 LYS C CA  1 
ATOM   656  C C   . LYS B 2 23 ? 9.434   8.796   3.863   1.00 65.44  ? 384 LYS C C   1 
ATOM   657  O O   . LYS B 2 23 ? 8.725   8.737   2.853   1.00 63.91  ? 384 LYS C O   1 
ATOM   658  C CB  . LYS B 2 23 ? 11.871  9.294   4.187   1.00 66.39  ? 384 LYS C CB  1 
ATOM   659  C CG  . LYS B 2 23 ? 12.326  8.390   3.056   1.00 68.40  ? 384 LYS C CG  1 
ATOM   660  C CD  . LYS B 2 23 ? 13.357  7.393   3.577   1.00 71.92  ? 384 LYS C CD  1 
ATOM   661  C CE  . LYS B 2 23 ? 12.765  6.569   4.734   1.00 72.57  ? 384 LYS C CE  1 
ATOM   662  N NZ  . LYS B 2 23 ? 13.655  5.505   5.266   1.00 70.08  ? 384 LYS C NZ  1 
ATOM   663  N N   . VAL B 2 24 ? 9.347   7.943   4.886   1.00 64.20  ? 385 VAL C N   1 
ATOM   664  C CA  . VAL B 2 24 ? 8.409   6.823   4.937   1.00 63.07  ? 385 VAL C CA  1 
ATOM   665  C C   . VAL B 2 24 ? 6.957   7.247   4.671   1.00 62.84  ? 385 VAL C C   1 
ATOM   666  O O   . VAL B 2 24 ? 6.217   6.539   3.999   1.00 64.03  ? 385 VAL C O   1 
ATOM   667  C CB  . VAL B 2 24 ? 8.493   6.111   6.308   1.00 62.06  ? 385 VAL C CB  1 
ATOM   668  C CG1 . VAL B 2 24 ? 7.289   5.217   6.519   1.00 60.84  ? 385 VAL C CG1 1 
ATOM   669  C CG2 . VAL B 2 24 ? 9.765   5.292   6.380   1.00 60.82  ? 385 VAL C CG2 1 
ATOM   670  N N   . LYS B 2 25 ? 6.548   8.391   5.202   1.00 62.12  ? 386 LYS C N   1 
ATOM   671  C CA  . LYS B 2 25 ? 5.194   8.879   4.985   1.00 61.74  ? 386 LYS C CA  1 
ATOM   672  C C   . LYS B 2 25 ? 4.999   9.156   3.509   1.00 63.44  ? 386 LYS C C   1 
ATOM   673  O O   . LYS B 2 25 ? 3.894   9.045   2.981   1.00 63.00  ? 386 LYS C O   1 
ATOM   674  C CB  . LYS B 2 25 ? 4.946   10.145  5.799   1.00 59.92  ? 386 LYS C CB  1 
ATOM   675  C CG  . LYS B 2 25 ? 4.649   9.878   7.268   1.00 61.36  ? 386 LYS C CG  1 
ATOM   676  C CD  . LYS B 2 25 ? 4.645   11.154  8.094   1.00 62.24  ? 386 LYS C CD  1 
ATOM   677  C CE  . LYS B 2 25 ? 3.558   12.124  7.647   1.00 63.71  ? 386 LYS C CE  1 
ATOM   678  N NZ  . LYS B 2 25 ? 3.780   13.493  8.199   1.00 60.98  ? 386 LYS C NZ  1 
ATOM   679  N N   . LEU B 2 26 ? 6.088   9.500   2.835   1.00 66.51  ? 387 LEU C N   1 
ATOM   680  C CA  . LEU B 2 26 ? 6.033   9.787   1.410   1.00 69.54  ? 387 LEU C CA  1 
ATOM   681  C C   . LEU B 2 26 ? 5.955   8.492   0.589   1.00 70.36  ? 387 LEU C C   1 
ATOM   682  O O   . LEU B 2 26 ? 5.127   8.378   -0.314  1.00 69.39  ? 387 LEU C O   1 
ATOM   683  C CB  . LEU B 2 26 ? 7.260   10.590  0.994   1.00 72.72  ? 387 LEU C CB  1 
ATOM   684  C CG  . LEU B 2 26 ? 7.116   11.340  -0.338  1.00 74.88  ? 387 LEU C CG  1 
ATOM   685  C CD1 . LEU B 2 26 ? 6.049   12.425  -0.179  1.00 76.49  ? 387 LEU C CD1 1 
ATOM   686  C CD2 . LEU B 2 26 ? 8.453   11.949  -0.751  1.00 74.85  ? 387 LEU C CD2 1 
ATOM   687  N N   . ASP B 2 27 ? 6.824   7.533   0.907   1.00 69.94  ? 388 ASP C N   1 
ATOM   688  C CA  . ASP B 2 27 ? 6.841   6.255   0.209   1.00 71.91  ? 388 ASP C CA  1 
ATOM   689  C C   . ASP B 2 27 ? 5.474   5.590   0.360   1.00 71.99  ? 388 ASP C C   1 
ATOM   690  O O   . ASP B 2 27 ? 5.078   4.768   -0.462  1.00 71.00  ? 388 ASP C O   1 
ATOM   691  C CB  . ASP B 2 27 ? 7.895   5.289   0.793   1.00 74.49  ? 388 ASP C CB  1 
ATOM   692  C CG  . ASP B 2 27 ? 9.326   5.792   0.657   1.00 76.01  ? 388 ASP C CG  1 
ATOM   693  O OD1 . ASP B 2 27 ? 9.803   6.501   1.564   1.00 78.58  ? 388 ASP C OD1 1 
ATOM   694  O OD2 . ASP B 2 27 ? 9.980   5.475   -0.359  1.00 75.16  ? 388 ASP C OD2 1 
ATOM   695  N N   . GLN B 2 28 ? 4.764   5.938   1.430   1.00 70.73  ? 389 GLN C N   1 
ATOM   696  C CA  . GLN B 2 28 ? 3.454   5.364   1.711   1.00 70.42  ? 389 GLN C CA  1 
ATOM   697  C C   . GLN B 2 28 ? 2.394   6.001   0.820   1.00 71.26  ? 389 GLN C C   1 
ATOM   698  O O   . GLN B 2 28 ? 1.580   5.315   0.205   1.00 70.96  ? 389 GLN C O   1 
ATOM   699  C CB  . GLN B 2 28 ? 3.115   5.583   3.184   1.00 69.92  ? 389 GLN C CB  1 
ATOM   700  C CG  . GLN B 2 28 ? 2.049   4.674   3.720   1.00 71.07  ? 389 GLN C CG  1 
ATOM   701  C CD  . GLN B 2 28 ? 2.317   3.231   3.381   1.00 72.07  ? 389 GLN C CD  1 
ATOM   702  O OE1 . GLN B 2 28 ? 3.449   2.760   3.482   1.00 72.90  ? 389 GLN C OE1 1 
ATOM   703  N NE2 . GLN B 2 28 ? 1.274   2.514   2.982   1.00 72.56  ? 389 GLN C NE2 1 
ATOM   704  N N   . LYS B 2 29 ? 2.426   7.325   0.756   1.00 71.51  ? 390 LYS C N   1 
ATOM   705  C CA  . LYS B 2 29 ? 1.504   8.100   -0.058  1.00 71.81  ? 390 LYS C CA  1 
ATOM   706  C C   . LYS B 2 29 ? 1.534   7.570   -1.496  1.00 72.10  ? 390 LYS C C   1 
ATOM   707  O O   . LYS B 2 29 ? 0.505   7.461   -2.161  1.00 70.95  ? 390 LYS C O   1 
ATOM   708  C CB  . LYS B 2 29 ? 1.936   9.565   -0.015  1.00 72.48  ? 390 LYS C CB  1 
ATOM   709  C CG  . LYS B 2 29 ? 1.030   10.503  -0.761  1.00 75.29  ? 390 LYS C CG  1 
ATOM   710  C CD  . LYS B 2 29 ? 1.590   11.912  -0.796  1.00 78.67  ? 390 LYS C CD  1 
ATOM   711  C CE  . LYS B 2 29 ? 0.740   12.786  -1.728  1.00 82.17  ? 390 LYS C CE  1 
ATOM   712  N NZ  . LYS B 2 29 ? 1.231   14.192  -1.843  1.00 84.47  ? 390 LYS C NZ  1 
ATOM   713  N N   . ARG B 2 30 ? 2.734   7.240   -1.960  1.00 73.11  ? 391 ARG C N   1 
ATOM   714  C CA  . ARG B 2 30 ? 2.958   6.721   -3.303  1.00 73.59  ? 391 ARG C CA  1 
ATOM   715  C C   . ARG B 2 30 ? 2.430   5.308   -3.455  1.00 72.30  ? 391 ARG C C   1 
ATOM   716  O O   . ARG B 2 30 ? 2.063   4.904   -4.546  1.00 71.35  ? 391 ARG C O   1 
ATOM   717  C CB  . ARG B 2 30 ? 4.460   6.747   -3.620  1.00 76.95  ? 391 ARG C CB  1 
ATOM   718  C CG  . ARG B 2 30 ? 4.962   5.621   -4.526  1.00 81.21  ? 391 ARG C CG  1 
ATOM   719  C CD  . ARG B 2 30 ? 6.462   5.750   -4.769  1.00 85.02  ? 391 ARG C CD  1 
ATOM   720  N NE  . ARG B 2 30 ? 7.029   4.606   -5.479  1.00 88.13  ? 391 ARG C NE  1 
ATOM   721  C CZ  . ARG B 2 30 ? 8.282   4.550   -5.927  1.00 89.64  ? 391 ARG C CZ  1 
ATOM   722  N NH1 . ARG B 2 30 ? 9.107   5.577   -5.745  1.00 89.16  ? 391 ARG C NH1 1 
ATOM   723  N NH2 . ARG B 2 30 ? 8.721   3.460   -6.547  1.00 90.15  ? 391 ARG C NH2 1 
ATOM   724  N N   . LEU B 2 31 ? 2.414   4.553   -2.359  1.00 72.20  ? 392 LEU C N   1 
ATOM   725  C CA  . LEU B 2 31 ? 1.925   3.185   -2.392  1.00 71.31  ? 392 LEU C CA  1 
ATOM   726  C C   . LEU B 2 31 ? 0.432   3.225   -2.425  1.00 72.57  ? 392 LEU C C   1 
ATOM   727  O O   . LEU B 2 31 ? -0.189  2.433   -3.124  1.00 71.85  ? 392 LEU C O   1 
ATOM   728  C CB  . LEU B 2 31 ? 2.369   2.394   -1.165  1.00 71.35  ? 392 LEU C CB  1 
ATOM   729  C CG  . LEU B 2 31 ? 3.783   1.814   -1.127  1.00 72.18  ? 392 LEU C CG  1 
ATOM   730  C CD1 . LEU B 2 31 ? 3.966   1.119   0.212   1.00 72.42  ? 392 LEU C CD1 1 
ATOM   731  C CD2 . LEU B 2 31 ? 4.025   0.841   -2.273  1.00 70.78  ? 392 LEU C CD2 1 
ATOM   732  N N   . ASP B 2 32 ? -0.148  4.146   -1.660  1.00 74.81  ? 393 ASP C N   1 
ATOM   733  C CA  . ASP B 2 32 ? -1.602  4.284   -1.615  1.00 77.38  ? 393 ASP C CA  1 
ATOM   734  C C   . ASP B 2 32 ? -2.123  4.702   -2.988  1.00 78.05  ? 393 ASP C C   1 
ATOM   735  O O   . ASP B 2 32 ? -3.229  4.336   -3.371  1.00 79.34  ? 393 ASP C O   1 
ATOM   736  C CB  . ASP B 2 32 ? -2.024  5.303   -0.548  1.00 79.10  ? 393 ASP C CB  1 
ATOM   737  C CG  . ASP B 2 32 ? -3.545  5.395   -0.375  1.00 82.31  ? 393 ASP C CG  1 
ATOM   738  O OD1 . ASP B 2 32 ? -4.284  4.604   -1.001  1.00 82.64  ? 393 ASP C OD1 1 
ATOM   739  O OD2 . ASP B 2 32 ? -4.004  6.265   0.407   1.00 83.55  ? 393 ASP C OD2 1 
ATOM   740  N N   . GLN B 2 33 ? -1.322  5.456   -3.738  1.00 78.56  ? 394 GLN C N   1 
ATOM   741  C CA  . GLN B 2 33 ? -1.721  5.906   -5.075  1.00 78.63  ? 394 GLN C CA  1 
ATOM   742  C C   . GLN B 2 33 ? -1.766  4.765   -6.078  1.00 77.43  ? 394 GLN C C   1 
ATOM   743  O O   . GLN B 2 33 ? -2.632  4.733   -6.940  1.00 76.57  ? 394 GLN C O   1 
ATOM   744  C CB  . GLN B 2 33 ? -0.775  7.011   -5.551  1.00 80.84  ? 394 GLN C CB  1 
ATOM   745  C CG  . GLN B 2 33 ? -0.924  8.303   -4.737  1.00 85.61  ? 394 GLN C CG  1 
ATOM   746  C CD  . GLN B 2 33 ? 0.060   9.398   -5.126  1.00 87.86  ? 394 GLN C CD  1 
ATOM   747  O OE1 . GLN B 2 33 ? 0.209   9.722   -6.305  1.00 89.35  ? 394 GLN C OE1 1 
ATOM   748  N NE2 . GLN B 2 33 ? 0.723   9.984   -4.130  1.00 86.91  ? 394 GLN C NE2 1 
ATOM   749  N N   . GLU B 2 34 ? -0.833  3.825   -5.957  1.00 77.37  ? 395 GLU C N   1 
ATOM   750  C CA  . GLU B 2 34 ? -0.773  2.659   -6.837  1.00 77.44  ? 395 GLU C CA  1 
ATOM   751  C C   . GLU B 2 34 ? -2.010  1.819   -6.572  1.00 75.68  ? 395 GLU C C   1 
ATOM   752  O O   . GLU B 2 34 ? -2.569  1.202   -7.473  1.00 75.29  ? 395 GLU C O   1 
ATOM   753  C CB  . GLU B 2 34 ? 0.463   1.798   -6.525  1.00 79.83  ? 395 GLU C CB  1 
ATOM   754  C CG  . GLU B 2 34 ? 1.800   2.502   -6.586  1.00 83.64  ? 395 GLU C CG  1 
ATOM   755  C CD  . GLU B 2 34 ? 2.312   2.666   -8.001  1.00 87.26  ? 395 GLU C CD  1 
ATOM   756  O OE1 . GLU B 2 34 ? 2.601   1.637   -8.645  1.00 88.78  ? 395 GLU C OE1 1 
ATOM   757  O OE2 . GLU B 2 34 ? 2.418   3.816   -8.469  1.00 89.45  ? 395 GLU C OE2 1 
ATOM   758  N N   . LEU B 2 35 ? -2.419  1.794   -5.311  1.00 73.31  ? 396 LEU C N   1 
ATOM   759  C CA  . LEU B 2 35 ? -3.578  1.021   -4.879  1.00 72.43  ? 396 LEU C CA  1 
ATOM   760  C C   . LEU B 2 35 ? -4.902  1.442   -5.523  1.00 71.59  ? 396 LEU C C   1 
ATOM   761  O O   . LEU B 2 35 ? -5.655  0.598   -6.006  1.00 70.36  ? 396 LEU C O   1 
ATOM   762  C CB  . LEU B 2 35 ? -3.723  1.105   -3.363  1.00 72.33  ? 396 LEU C CB  1 
ATOM   763  C CG  . LEU B 2 35 ? -4.592  -0.011  -2.799  1.00 72.34  ? 396 LEU C CG  1 
ATOM   764  C CD1 . LEU B 2 35 ? -3.718  -1.246  -2.612  1.00 70.11  ? 396 LEU C CD1 1 
ATOM   765  C CD2 . LEU B 2 35 ? -5.228  0.420   -1.486  1.00 72.54  ? 396 LEU C CD2 1 
ATOM   766  N N   . ASP B 2 36 ? -5.187  2.742   -5.528  1.00 69.97  ? 397 ASP C N   1 
ATOM   767  C CA  . ASP B 2 36 ? -6.424  3.254   -6.104  1.00 68.96  ? 397 ASP C CA  1 
ATOM   768  C C   . ASP B 2 36 ? -6.509  3.063   -7.614  1.00 66.53  ? 397 ASP C C   1 
ATOM   769  O O   . ASP B 2 36 ? -7.563  2.755   -8.137  1.00 65.24  ? 397 ASP C O   1 
ATOM   770  C CB  . ASP B 2 36 ? -6.593  4.735   -5.758  1.00 71.69  ? 397 ASP C CB  1 
ATOM   771  C CG  . ASP B 2 36 ? -6.319  5.030   -4.296  1.00 73.81  ? 397 ASP C CG  1 
ATOM   772  O OD1 . ASP B 2 36 ? -6.714  4.209   -3.441  1.00 75.23  ? 397 ASP C OD1 1 
ATOM   773  O OD2 . ASP B 2 36 ? -5.720  6.086   -4.007  1.00 74.79  ? 397 ASP C OD2 1 
ATOM   774  N N   . PHE B 2 37 ? -5.396  3.256   -8.308  1.00 66.24  ? 398 PHE C N   1 
ATOM   775  C CA  . PHE B 2 37 ? -5.341  3.090   -9.760  1.00 67.25  ? 398 PHE C CA  1 
ATOM   776  C C   . PHE B 2 37 ? -5.715  1.653   -10.145 1.00 65.24  ? 398 PHE C C   1 
ATOM   777  O O   . PHE B 2 37 ? -6.235  1.406   -11.233 1.00 62.41  ? 398 PHE C O   1 
ATOM   778  C CB  . PHE B 2 37 ? -3.925  3.417   -10.282 1.00 71.60  ? 398 PHE C CB  1 
ATOM   779  C CG  . PHE B 2 37 ? -3.739  3.155   -11.761 1.00 76.40  ? 398 PHE C CG  1 
ATOM   780  C CD1 . PHE B 2 37 ? -4.318  3.990   -12.720 1.00 76.88  ? 398 PHE C CD1 1 
ATOM   781  C CD2 . PHE B 2 37 ? -2.997  2.051   -12.194 1.00 79.06  ? 398 PHE C CD2 1 
ATOM   782  C CE1 . PHE B 2 37 ? -4.164  3.732   -14.089 1.00 77.75  ? 398 PHE C CE1 1 
ATOM   783  C CE2 . PHE B 2 37 ? -2.836  1.783   -13.567 1.00 80.27  ? 398 PHE C CE2 1 
ATOM   784  C CZ  . PHE B 2 37 ? -3.422  2.625   -14.513 1.00 79.75  ? 398 PHE C CZ  1 
ATOM   785  N N   . ILE B 2 38 ? -5.435  0.710   -9.248  1.00 64.02  ? 399 ILE C N   1 
ATOM   786  C CA  . ILE B 2 38 ? -5.756  -0.685  -9.486  1.00 62.57  ? 399 ILE C CA  1 
ATOM   787  C C   . ILE B 2 38 ? -7.238  -0.914  -9.238  1.00 61.93  ? 399 ILE C C   1 
ATOM   788  O O   . ILE B 2 38 ? -7.936  -1.445  -10.080 1.00 61.17  ? 399 ILE C O   1 
ATOM   789  C CB  . ILE B 2 38 ? -4.940  -1.613  -8.567  1.00 62.62  ? 399 ILE C CB  1 
ATOM   790  C CG1 . ILE B 2 38 ? -3.466  -1.593  -8.965  1.00 61.40  ? 399 ILE C CG1 1 
ATOM   791  C CG2 . ILE B 2 38 ? -5.484  -3.034  -8.649  1.00 62.59  ? 399 ILE C CG2 1 
ATOM   792  C CD1 . ILE B 2 38 ? -2.637  -2.639  -8.261  1.00 61.43  ? 399 ILE C CD1 1 
ATOM   793  N N   . LEU B 2 39 ? -7.709  -0.500  -8.068  1.00 62.11  ? 400 LEU C N   1 
ATOM   794  C CA  . LEU B 2 39 ? -9.114  -0.647  -7.696  1.00 63.69  ? 400 LEU C CA  1 
ATOM   795  C C   . LEU B 2 39 ? -10.012 0.097   -8.685  1.00 66.19  ? 400 LEU C C   1 
ATOM   796  O O   . LEU B 2 39 ? -11.209 -0.169  -8.792  1.00 66.97  ? 400 LEU C O   1 
ATOM   797  C CB  . LEU B 2 39 ? -9.354  -0.092  -6.292  1.00 59.85  ? 400 LEU C CB  1 
ATOM   798  C CG  . LEU B 2 39 ? -8.579  -0.736  -5.165  1.00 59.74  ? 400 LEU C CG  1 
ATOM   799  C CD1 . LEU B 2 39 ? -8.769  0.063   -3.877  1.00 57.06  ? 400 LEU C CD1 1 
ATOM   800  C CD2 . LEU B 2 39 ? -9.045  -2.172  -5.008  1.00 59.62  ? 400 LEU C CD2 1 
ATOM   801  N N   . SER B 2 40 ? -9.404  1.038   -9.401  1.00 66.84  ? 401 SER C N   1 
ATOM   802  C CA  . SER B 2 40 ? -10.084 1.877   -10.371 1.00 66.43  ? 401 SER C CA  1 
ATOM   803  C C   . SER B 2 40 ? -10.245 1.171   -11.706 1.00 66.05  ? 401 SER C C   1 
ATOM   804  O O   . SER B 2 40 ? -11.356 1.000   -12.199 1.00 65.57  ? 401 SER C O   1 
ATOM   805  C CB  . SER B 2 40 ? -9.285  3.160   -10.546 1.00 65.39  ? 401 SER C CB  1 
ATOM   806  O OG  . SER B 2 40 ? -9.950  4.083   -11.367 1.00 67.43  ? 401 SER C OG  1 
ATOM   807  N N   . GLN B 2 41 ? -9.126  0.759   -12.285 1.00 67.47  ? 402 GLN C N   1 
ATOM   808  C CA  . GLN B 2 41 ? -9.119  0.079   -13.576 1.00 69.60  ? 402 GLN C CA  1 
ATOM   809  C C   . GLN B 2 41 ? -9.748  -1.296  -13.437 1.00 68.55  ? 402 GLN C C   1 
ATOM   810  O O   . GLN B 2 41 ? -10.130 -1.931  -14.421 1.00 67.54  ? 402 GLN C O   1 
ATOM   811  C CB  . GLN B 2 41 ? -7.681  -0.052  -14.077 1.00 73.54  ? 402 GLN C CB  1 
ATOM   812  C CG  . GLN B 2 41 ? -7.556  -0.676  -15.437 1.00 81.74  ? 402 GLN C CG  1 
ATOM   813  C CD  . GLN B 2 41 ? -6.113  -0.738  -15.904 1.00 87.52  ? 402 GLN C CD  1 
ATOM   814  O OE1 . GLN B 2 41 ? -5.828  -1.225  -17.017 1.00 89.04  ? 402 GLN C OE1 1 
ATOM   815  N NE2 . GLN B 2 41 ? -5.190  -0.260  -15.061 1.00 90.35  ? 402 GLN C NE2 1 
ATOM   816  N N   . GLN B 2 42 ? -9.869  -1.739  -12.196 1.00 67.24  ? 403 GLN C N   1 
ATOM   817  C CA  . GLN B 2 42 ? -10.426 -3.040  -11.939 1.00 64.79  ? 403 GLN C CA  1 
ATOM   818  C C   . GLN B 2 42 ? -11.925 -2.991  -11.768 1.00 66.19  ? 403 GLN C C   1 
ATOM   819  O O   . GLN B 2 42 ? -12.607 -3.957  -12.084 1.00 65.62  ? 403 GLN C O   1 
ATOM   820  C CB  . GLN B 2 42 ? -9.755  -3.628  -10.708 1.00 61.13  ? 403 GLN C CB  1 
ATOM   821  C CG  . GLN B 2 42 ? -9.677  -5.124  -10.718 1.00 57.55  ? 403 GLN C CG  1 
ATOM   822  C CD  . GLN B 2 42 ? -8.618  -5.636  -9.783  1.00 54.20  ? 403 GLN C CD  1 
ATOM   823  O OE1 . GLN B 2 42 ? -7.432  -5.639  -10.113 1.00 51.13  ? 403 GLN C OE1 1 
ATOM   824  N NE2 . GLN B 2 42 ? -9.042  -6.058  -8.591  1.00 51.10  ? 403 GLN C NE2 1 
ATOM   825  N N   . LYS B 2 43 ? -12.457 -1.883  -11.268 1.00 68.41  ? 404 LYS C N   1 
ATOM   826  C CA  . LYS B 2 43 ? -13.904 -1.789  -11.117 1.00 71.74  ? 404 LYS C CA  1 
ATOM   827  C C   . LYS B 2 43 ? -14.448 -1.447  -12.482 1.00 72.07  ? 404 LYS C C   1 
ATOM   828  O O   . LYS B 2 43 ? -15.634 -1.599  -12.750 1.00 71.74  ? 404 LYS C O   1 
ATOM   829  C CB  . LYS B 2 43 ? -14.304 -0.717  -10.100 1.00 74.23  ? 404 LYS C CB  1 
ATOM   830  C CG  . LYS B 2 43 ? -13.691 0.660   -10.319 1.00 81.00  ? 404 LYS C CG  1 
ATOM   831  C CD  . LYS B 2 43 ? -14.118 1.648   -9.211  1.00 84.52  ? 404 LYS C CD  1 
ATOM   832  C CE  . LYS B 2 43 ? -13.441 3.019   -9.343  1.00 85.90  ? 404 LYS C CE  1 
ATOM   833  N NZ  . LYS B 2 43 ? -13.777 3.944   -8.216  1.00 85.77  ? 404 LYS C NZ  1 
ATOM   834  N N   . GLU B 2 44 ? -13.545 -1.012  -13.353 1.00 73.74  ? 405 GLU C N   1 
ATOM   835  C CA  . GLU B 2 44 ? -13.888 -0.640  -14.721 1.00 76.19  ? 405 GLU C CA  1 
ATOM   836  C C   . GLU B 2 44 ? -13.803 -1.821  -15.699 1.00 75.36  ? 405 GLU C C   1 
ATOM   837  O O   . GLU B 2 44 ? -14.385 -1.788  -16.783 1.00 74.50  ? 405 GLU C O   1 
ATOM   838  C CB  . GLU B 2 44 ? -12.966 0.484   -15.187 1.00 79.00  ? 405 GLU C CB  1 
ATOM   839  C CG  . GLU B 2 44 ? -13.279 0.969   -16.586 1.00 84.09  ? 405 GLU C CG  1 
ATOM   840  C CD  . GLU B 2 44 ? -12.129 1.725   -17.207 1.00 86.02  ? 405 GLU C CD  1 
ATOM   841  O OE1 . GLU B 2 44 ? -11.748 2.782   -16.660 1.00 85.94  ? 405 GLU C OE1 1 
ATOM   842  O OE2 . GLU B 2 44 ? -11.610 1.249   -18.244 1.00 88.05  ? 405 GLU C OE2 1 
ATOM   843  N N   . LEU B 2 45 ? -13.056 -2.854  -15.317 1.00 75.26  ? 406 LEU C N   1 
ATOM   844  C CA  . LEU B 2 45 ? -12.900 -4.057  -16.129 1.00 74.11  ? 406 LEU C CA  1 
ATOM   845  C C   . LEU B 2 45 ? -14.096 -4.953  -15.850 1.00 74.35  ? 406 LEU C C   1 
ATOM   846  O O   . LEU B 2 45 ? -14.594 -5.636  -16.752 1.00 72.70  ? 406 LEU C O   1 
ATOM   847  C CB  . LEU B 2 45 ? -11.599 -4.776  -15.732 1.00 73.55  ? 406 LEU C CB  1 
ATOM   848  C CG  . LEU B 2 45 ? -11.191 -6.058  -16.467 1.00 75.16  ? 406 LEU C CG  1 
ATOM   849  C CD1 . LEU B 2 45 ? -10.924 -5.760  -17.910 1.00 73.80  ? 406 LEU C CD1 1 
ATOM   850  C CD2 . LEU B 2 45 ? -9.939  -6.645  -15.817 1.00 75.10  ? 406 LEU C CD2 1 
ATOM   851  N N   . GLU B 2 46 ? -14.546 -4.940  -14.591 1.00 75.04  ? 407 GLU C N   1 
ATOM   852  C CA  . GLU B 2 46 ? -15.675 -5.754  -14.145 1.00 76.55  ? 407 GLU C CA  1 
ATOM   853  C C   . GLU B 2 46 ? -16.998 -5.158  -14.580 1.00 77.07  ? 407 GLU C C   1 
ATOM   854  O O   . GLU B 2 46 ? -18.030 -5.823  -14.541 1.00 76.52  ? 407 GLU C O   1 
ATOM   855  C CB  . GLU B 2 46 ? -15.658 -5.902  -12.627 1.00 77.57  ? 407 GLU C CB  1 
ATOM   856  C CG  . GLU B 2 46 ? -16.296 -4.759  -11.864 1.00 81.82  ? 407 GLU C CG  1 
ATOM   857  C CD  . GLU B 2 46 ? -16.373 -5.015  -10.357 1.00 85.56  ? 407 GLU C CD  1 
ATOM   858  O OE1 . GLU B 2 46 ? -16.796 -6.122  -9.948  1.00 86.67  ? 407 GLU C OE1 1 
ATOM   859  O OE2 . GLU B 2 46 ? -16.019 -4.107  -9.572  1.00 88.40  ? 407 GLU C OE2 1 
ATOM   860  N N   . ASP B 2 47 ? -16.962 -3.891  -14.979 1.00 77.55  ? 408 ASP C N   1 
ATOM   861  C CA  . ASP B 2 47 ? -18.150 -3.194  -15.455 1.00 77.68  ? 408 ASP C CA  1 
ATOM   862  C C   . ASP B 2 47 ? -18.318 -3.518  -16.935 1.00 76.80  ? 408 ASP C C   1 
ATOM   863  O O   . ASP B 2 47 ? -19.432 -3.632  -17.429 1.00 76.98  ? 408 ASP C O   1 
ATOM   864  C CB  . ASP B 2 47 ? -17.995 -1.685  -15.247 1.00 80.26  ? 408 ASP C CB  1 
ATOM   865  C CG  . ASP B 2 47 ? -18.524 -1.215  -13.887 1.00 82.83  ? 408 ASP C CG  1 
ATOM   866  O OD1 . ASP B 2 47 ? -18.260 -1.870  -12.853 1.00 85.21  ? 408 ASP C OD1 1 
ATOM   867  O OD2 . ASP B 2 47 ? -19.204 -0.166  -13.847 1.00 84.26  ? 408 ASP C OD2 1 
ATOM   868  N N   . LEU B 2 48 ? -17.205 -3.687  -17.633 1.00 75.94  ? 409 LEU C N   1 
ATOM   869  C CA  . LEU B 2 48 ? -17.234 -4.013  -19.052 1.00 77.39  ? 409 LEU C CA  1 
ATOM   870  C C   . LEU B 2 48 ? -17.627 -5.470  -19.273 1.00 78.59  ? 409 LEU C C   1 
ATOM   871  O O   . LEU B 2 48 ? -18.210 -5.811  -20.299 1.00 78.29  ? 409 LEU C O   1 
ATOM   872  C CB  . LEU B 2 48 ? -15.860 -3.760  -19.673 1.00 77.48  ? 409 LEU C CB  1 
ATOM   873  C CG  . LEU B 2 48 ? -15.330 -2.322  -19.658 1.00 79.38  ? 409 LEU C CG  1 
ATOM   874  C CD1 . LEU B 2 48 ? -13.855 -2.296  -20.037 1.00 78.98  ? 409 LEU C CD1 1 
ATOM   875  C CD2 . LEU B 2 48 ? -16.155 -1.469  -20.614 1.00 79.74  ? 409 LEU C CD2 1 
ATOM   876  N N   . LEU B 2 49 ? -17.309 -6.322  -18.298 1.00 79.89  ? 410 LEU C N   1 
ATOM   877  C CA  . LEU B 2 49 ? -17.587 -7.756  -18.369 1.00 80.19  ? 410 LEU C CA  1 
ATOM   878  C C   . LEU B 2 49 ? -18.929 -8.207  -17.815 1.00 82.47  ? 410 LEU C C   1 
ATOM   879  O O   . LEU B 2 49 ? -19.502 -9.161  -18.324 1.00 82.88  ? 410 LEU C O   1 
ATOM   880  C CB  . LEU B 2 49 ? -16.480 -8.545  -17.663 1.00 76.75  ? 410 LEU C CB  1 
ATOM   881  C CG  . LEU B 2 49 ? -15.095 -8.636  -18.292 1.00 74.04  ? 410 LEU C CG  1 
ATOM   882  C CD1 . LEU B 2 49 ? -14.147 -9.258  -17.296 1.00 72.80  ? 410 LEU C CD1 1 
ATOM   883  C CD2 . LEU B 2 49 ? -15.162 -9.448  -19.576 1.00 72.84  ? 410 LEU C CD2 1 
ATOM   884  N N   . SER B 2 50 ? -19.420 -7.550  -16.773 1.00 86.31  ? 411 SER C N   1 
ATOM   885  C CA  . SER B 2 50 ? -20.703 -7.928  -16.166 1.00 90.58  ? 411 SER C CA  1 
ATOM   886  C C   . SER B 2 50 ? -21.856 -7.958  -17.170 1.00 93.19  ? 411 SER C C   1 
ATOM   887  O O   . SER B 2 50 ? -22.698 -8.852  -17.128 1.00 92.25  ? 411 SER C O   1 
ATOM   888  C CB  . SER B 2 50 ? -21.053 -6.985  -15.006 1.00 91.08  ? 411 SER C CB  1 
ATOM   889  O OG  . SER B 2 50 ? -20.189 -7.182  -13.896 1.00 91.74  ? 411 SER C OG  1 
ATOM   890  N N   . PRO B 2 51 ? -21.918 -6.969  -18.075 1.00 96.64  ? 412 PRO C N   1 
ATOM   891  C CA  . PRO B 2 51 ? -22.975 -6.894  -19.091 1.00 99.52  ? 412 PRO C CA  1 
ATOM   892  C C   . PRO B 2 51 ? -22.961 -8.062  -20.084 1.00 101.96 ? 412 PRO C C   1 
ATOM   893  O O   . PRO B 2 51 ? -23.965 -8.747  -20.275 1.00 101.96 ? 412 PRO C O   1 
ATOM   894  C CB  . PRO B 2 51 ? -22.686 -5.565  -19.790 1.00 99.03  ? 412 PRO C CB  1 
ATOM   895  C CG  . PRO B 2 51 ? -22.087 -4.746  -18.704 1.00 99.04  ? 412 PRO C CG  1 
ATOM   896  C CD  . PRO B 2 51 ? -21.142 -5.719  -18.049 1.00 97.73  ? 412 PRO C CD  1 
ATOM   897  N N   . LEU B 2 52 ? -21.811 -8.281  -20.710 1.00 104.86 ? 413 LEU C N   1 
ATOM   898  C CA  . LEU B 2 52 ? -21.664 -9.333  -21.710 1.00 107.90 ? 413 LEU C CA  1 
ATOM   899  C C   . LEU B 2 52 ? -21.415 -10.749 -21.201 1.00 111.53 ? 413 LEU C C   1 
ATOM   900  O O   . LEU B 2 52 ? -21.062 -11.624 -21.983 1.00 111.50 ? 413 LEU C O   1 
ATOM   901  C CB  . LEU B 2 52 ? -20.556 -8.944  -22.694 1.00 105.02 ? 413 LEU C CB  1 
ATOM   902  C CG  . LEU B 2 52 ? -19.219 -8.497  -22.100 1.00 103.06 ? 413 LEU C CG  1 
ATOM   903  C CD1 . LEU B 2 52 ? -18.125 -9.464  -22.499 1.00 102.44 ? 413 LEU C CD1 1 
ATOM   904  C CD2 . LEU B 2 52 ? -18.892 -7.107  -22.594 1.00 102.71 ? 413 LEU C CD2 1 
ATOM   905  N N   . GLU B 2 53 ? -21.612 -10.984 -19.908 1.00 116.66 ? 414 GLU C N   1 
ATOM   906  C CA  . GLU B 2 53 ? -21.383 -12.316 -19.353 1.00 122.58 ? 414 GLU C CA  1 
ATOM   907  C C   . GLU B 2 53 ? -22.591 -13.247 -19.512 1.00 126.33 ? 414 GLU C C   1 
ATOM   908  O O   . GLU B 2 53 ? -22.481 -14.331 -20.090 1.00 127.44 ? 414 GLU C O   1 
ATOM   909  C CB  . GLU B 2 53 ? -21.017 -12.222 -17.868 1.00 123.32 ? 414 GLU C CB  1 
ATOM   910  C CG  . GLU B 2 53 ? -22.192 -11.920 -16.955 1.00 125.28 ? 414 GLU C CG  1 
ATOM   911  C CD  . GLU B 2 53 ? -21.836 -12.013 -15.487 1.00 126.91 ? 414 GLU C CD  1 
ATOM   912  O OE1 . GLU B 2 53 ? -21.153 -11.094 -14.982 1.00 127.83 ? 414 GLU C OE1 1 
ATOM   913  O OE2 . GLU B 2 53 ? -22.237 -13.006 -14.841 1.00 127.89 ? 414 GLU C OE2 1 
ATOM   914  N N   . GLU B 2 54 ? -23.739 -12.820 -18.995 1.00 129.86 ? 415 GLU C N   1 
ATOM   915  C CA  . GLU B 2 54 ? -24.964 -13.607 -19.062 1.00 132.68 ? 415 GLU C CA  1 
ATOM   916  C C   . GLU B 2 54 ? -25.597 -13.544 -20.460 1.00 134.47 ? 415 GLU C C   1 
ATOM   917  O O   . GLU B 2 54 ? -26.720 -14.009 -20.671 1.00 134.78 ? 415 GLU C O   1 
ATOM   918  C CB  . GLU B 2 54 ? -25.938 -13.099 -17.987 1.00 132.88 ? 415 GLU C CB  1 
ATOM   919  C CG  . GLU B 2 54 ? -27.268 -13.829 -17.900 1.00 133.75 ? 415 GLU C CG  1 
ATOM   920  C CD  . GLU B 2 54 ? -27.981 -13.566 -16.583 1.00 133.73 ? 415 GLU C CD  1 
ATOM   921  O OE1 . GLU B 2 54 ? -27.826 -12.455 -16.035 1.00 133.73 ? 415 GLU C OE1 1 
ATOM   922  O OE2 . GLU B 2 54 ? -28.698 -14.467 -16.104 1.00 132.88 ? 415 GLU C OE2 1 
ATOM   923  N N   . SER B 2 55 ? -24.854 -12.978 -21.407 1.00 136.31 ? 416 SER C N   1 
ATOM   924  C CA  . SER B 2 55 ? -25.304 -12.845 -22.789 1.00 138.14 ? 416 SER C CA  1 
ATOM   925  C C   . SER B 2 55 ? -24.578 -13.845 -23.689 1.00 139.19 ? 416 SER C C   1 
ATOM   926  O O   . SER B 2 55 ? -25.120 -14.306 -24.697 1.00 138.88 ? 416 SER C O   1 
ATOM   927  C CB  . SER B 2 55 ? -25.045 -11.424 -23.296 1.00 138.46 ? 416 SER C CB  1 
ATOM   928  O OG  . SER B 2 55 ? -23.654 -11.145 -23.368 1.00 138.70 ? 416 SER C OG  1 
ATOM   929  N N   . VAL B 2 56 ? -23.345 -14.175 -23.315 1.00 140.51 ? 417 VAL C N   1 
ATOM   930  C CA  . VAL B 2 56 ? -22.525 -15.119 -24.070 1.00 141.67 ? 417 VAL C CA  1 
ATOM   931  C C   . VAL B 2 56 ? -22.654 -16.543 -23.535 1.00 142.06 ? 417 VAL C C   1 
ATOM   932  O O   . VAL B 2 56 ? -22.822 -17.460 -24.366 1.00 142.44 ? 417 VAL C O   1 
ATOM   933  C CB  . VAL B 2 56 ? -21.043 -14.710 -24.034 1.00 142.23 ? 417 VAL C CB  1 
ATOM   934  C CG1 . VAL B 2 56 ? -20.197 -15.721 -24.800 1.00 142.56 ? 417 VAL C CG1 1 
ATOM   935  C CG2 . VAL B 2 56 ? -20.877 -13.316 -24.624 1.00 142.69 ? 417 VAL C CG2 1 
ATOM   936  N N   . TRP C 2 3  ? 18.429  22.796  30.861  1.00 114.47 ? 364 TRP A N   1 
ATOM   937  C CA  . TRP C 2 3  ? 18.854  21.610  31.657  1.00 114.03 ? 364 TRP A CA  1 
ATOM   938  C C   . TRP C 2 3  ? 17.680  20.663  31.889  1.00 112.75 ? 364 TRP A C   1 
ATOM   939  O O   . TRP C 2 3  ? 17.839  19.444  31.841  1.00 111.60 ? 364 TRP A O   1 
ATOM   940  C CB  . TRP C 2 3  ? 19.428  22.046  33.012  1.00 116.02 ? 364 TRP A CB  1 
ATOM   941  C CG  . TRP C 2 3  ? 18.411  22.606  33.990  1.00 117.68 ? 364 TRP A CG  1 
ATOM   942  C CD1 . TRP C 2 3  ? 17.768  23.810  33.913  1.00 118.23 ? 364 TRP A CD1 1 
ATOM   943  C CD2 . TRP C 2 3  ? 17.890  21.950  35.153  1.00 118.34 ? 364 TRP A CD2 1 
ATOM   944  N NE1 . TRP C 2 3  ? 16.874  23.940  34.950  1.00 119.04 ? 364 TRP A NE1 1 
ATOM   945  C CE2 . TRP C 2 3  ? 16.929  22.812  35.728  1.00 118.77 ? 364 TRP A CE2 1 
ATOM   946  C CE3 . TRP C 2 3  ? 18.139  20.714  35.766  1.00 118.46 ? 364 TRP A CE3 1 
ATOM   947  C CZ2 . TRP C 2 3  ? 16.211  22.480  36.884  1.00 118.75 ? 364 TRP A CZ2 1 
ATOM   948  C CZ3 . TRP C 2 3  ? 17.423  20.380  36.917  1.00 118.67 ? 364 TRP A CZ3 1 
ATOM   949  C CH2 . TRP C 2 3  ? 16.472  21.260  37.462  1.00 118.57 ? 364 TRP A CH2 1 
ATOM   950  N N   . ASP C 2 4  ? 16.503  21.239  32.136  1.00 112.07 ? 365 ASP A N   1 
ATOM   951  C CA  . ASP C 2 4  ? 15.269  20.489  32.390  1.00 110.88 ? 365 ASP A CA  1 
ATOM   952  C C   . ASP C 2 4  ? 14.217  20.787  31.326  1.00 109.49 ? 365 ASP A C   1 
ATOM   953  O O   . ASP C 2 4  ? 13.515  19.895  30.864  1.00 108.97 ? 365 ASP A O   1 
ATOM   954  C CB  . ASP C 2 4  ? 14.703  20.856  33.765  1.00 111.54 ? 365 ASP A CB  1 
ATOM   955  C CG  . ASP C 2 4  ? 13.266  20.408  33.945  1.00 111.70 ? 365 ASP A CG  1 
ATOM   956  O OD1 . ASP C 2 4  ? 12.393  20.868  33.178  1.00 110.76 ? 365 ASP A OD1 1 
ATOM   957  O OD2 . ASP C 2 4  ? 13.016  19.600  34.863  1.00 112.35 ? 365 ASP A OD2 1 
ATOM   958  N N   . ARG C 2 5  ? 14.101  22.061  30.974  1.00 108.60 ? 366 ARG A N   1 
ATOM   959  C CA  . ARG C 2 5  ? 13.167  22.514  29.951  1.00 106.85 ? 366 ARG A CA  1 
ATOM   960  C C   . ARG C 2 5  ? 13.400  21.726  28.661  1.00 105.18 ? 366 ARG A C   1 
ATOM   961  O O   . ARG C 2 5  ? 12.470  21.484  27.898  1.00 104.62 ? 366 ARG A O   1 
ATOM   962  C CB  . ARG C 2 5  ? 13.377  24.007  29.697  1.00 107.92 ? 366 ARG A CB  1 
ATOM   963  C CG  . ARG C 2 5  ? 13.045  24.461  28.294  1.00 108.76 ? 366 ARG A CG  1 
ATOM   964  C CD  . ARG C 2 5  ? 13.580  25.857  28.063  1.00 110.06 ? 366 ARG A CD  1 
ATOM   965  N NE  . ARG C 2 5  ? 13.369  26.318  26.697  1.00 110.99 ? 366 ARG A NE  1 
ATOM   966  C CZ  . ARG C 2 5  ? 13.675  27.539  26.267  1.00 111.37 ? 366 ARG A CZ  1 
ATOM   967  N NH1 . ARG C 2 5  ? 13.450  27.878  25.007  1.00 112.04 ? 366 ARG A NH1 1 
ATOM   968  N NH2 . ARG C 2 5  ? 14.199  28.422  27.105  1.00 110.61 ? 366 ARG A NH2 1 
ATOM   969  N N   . THR C 2 6  ? 14.655  21.342  28.431  1.00 102.88 ? 367 THR A N   1 
ATOM   970  C CA  . THR C 2 6  ? 15.037  20.570  27.251  1.00 100.47 ? 367 THR A CA  1 
ATOM   971  C C   . THR C 2 6  ? 14.465  19.163  27.350  1.00 98.03  ? 367 THR A C   1 
ATOM   972  O O   . THR C 2 6  ? 14.056  18.573  26.359  1.00 96.95  ? 367 THR A O   1 
ATOM   973  C CB  . THR C 2 6  ? 16.584  20.450  27.115  1.00 100.60 ? 367 THR A CB  1 
ATOM   974  O OG1 . THR C 2 6  ? 17.164  21.749  26.914  1.00 100.75 ? 367 THR A OG1 1 
ATOM   975  C CG2 . THR C 2 6  ? 16.940  19.560  25.938  1.00 99.50  ? 367 THR A CG2 1 
ATOM   976  N N   . LEU C 2 7  ? 14.440  18.631  28.563  1.00 95.74  ? 368 LEU A N   1 
ATOM   977  C CA  . LEU C 2 7  ? 13.923  17.288  28.781  1.00 93.85  ? 368 LEU A CA  1 
ATOM   978  C C   . LEU C 2 7  ? 12.452  17.259  28.392  1.00 93.04  ? 368 LEU A C   1 
ATOM   979  O O   . LEU C 2 7  ? 12.059  16.549  27.466  1.00 93.44  ? 368 LEU A O   1 
ATOM   980  C CB  . LEU C 2 7  ? 14.068  16.889  30.253  1.00 93.20  ? 368 LEU A CB  1 
ATOM   981  C CG  . LEU C 2 7  ? 14.191  15.391  30.516  1.00 92.33  ? 368 LEU A CG  1 
ATOM   982  C CD1 . LEU C 2 7  ? 15.628  14.940  30.258  1.00 90.77  ? 368 LEU A CD1 1 
ATOM   983  C CD2 . LEU C 2 7  ? 13.794  15.099  31.947  1.00 92.74  ? 368 LEU A CD2 1 
ATOM   984  N N   . ILE C 2 8  ? 11.645  18.046  29.095  1.00 91.13  ? 369 ILE A N   1 
ATOM   985  C CA  . ILE C 2 8  ? 10.219  18.111  28.833  1.00 88.56  ? 369 ILE A CA  1 
ATOM   986  C C   . ILE C 2 8  ? 9.906   18.393  27.373  1.00 87.77  ? 369 ILE A C   1 
ATOM   987  O O   . ILE C 2 8  ? 8.816   18.110  26.908  1.00 87.59  ? 369 ILE A O   1 
ATOM   988  C CB  . ILE C 2 8  ? 9.546   19.162  29.739  1.00 88.69  ? 369 ILE A CB  1 
ATOM   989  C CG1 . ILE C 2 8  ? 9.423   18.600  31.156  1.00 90.00  ? 369 ILE A CG1 1 
ATOM   990  C CG2 . ILE C 2 8  ? 8.179   19.546  29.203  1.00 88.16  ? 369 ILE A CG2 1 
ATOM   991  C CD1 . ILE C 2 8  ? 8.669   17.270  31.237  1.00 90.50  ? 369 ILE A CD1 1 
ATOM   992  N N   . GLU C 2 9  ? 10.863  18.938  26.636  1.00 87.59  ? 370 GLU A N   1 
ATOM   993  C CA  . GLU C 2 9  ? 10.626  19.216  25.222  1.00 86.32  ? 370 GLU A CA  1 
ATOM   994  C C   . GLU C 2 9  ? 10.835  17.966  24.383  1.00 84.53  ? 370 GLU A C   1 
ATOM   995  O O   . GLU C 2 9  ? 10.078  17.710  23.448  1.00 85.63  ? 370 GLU A O   1 
ATOM   996  C CB  . GLU C 2 9  ? 11.546  20.325  24.719  1.00 88.34  ? 370 GLU A CB  1 
ATOM   997  C CG  . GLU C 2 9  ? 11.325  20.670  23.257  1.00 90.32  ? 370 GLU A CG  1 
ATOM   998  C CD  . GLU C 2 9  ? 12.097  21.897  22.838  1.00 91.81  ? 370 GLU A CD  1 
ATOM   999  O OE1 . GLU C 2 9  ? 11.907  22.951  23.485  1.00 92.54  ? 370 GLU A OE1 1 
ATOM   1000 O OE2 . GLU C 2 9  ? 12.886  21.809  21.871  1.00 91.78  ? 370 GLU A OE2 1 
ATOM   1001 N N   . ASN C 2 10 ? 11.866  17.190  24.712  1.00 82.05  ? 371 ASN A N   1 
ATOM   1002 C CA  . ASN C 2 10 ? 12.150  15.949  23.995  1.00 78.61  ? 371 ASN A CA  1 
ATOM   1003 C C   . ASN C 2 10 ? 11.045  14.928  24.231  1.00 77.52  ? 371 ASN A C   1 
ATOM   1004 O O   . ASN C 2 10 ? 10.689  14.186  23.320  1.00 77.28  ? 371 ASN A O   1 
ATOM   1005 C CB  . ASN C 2 10 ? 13.478  15.350  24.445  1.00 76.99  ? 371 ASN A CB  1 
ATOM   1006 C CG  . ASN C 2 10 ? 14.653  16.121  23.941  1.00 75.61  ? 371 ASN A CG  1 
ATOM   1007 O OD1 . ASN C 2 10 ? 14.544  16.877  22.979  1.00 75.10  ? 371 ASN A OD1 1 
ATOM   1008 N ND2 . ASN C 2 10 ? 15.798  15.924  24.571  1.00 75.18  ? 371 ASN A ND2 1 
ATOM   1009 N N   . GLY C 2 11 ? 10.523  14.886  25.460  1.00 75.24  ? 372 GLY A N   1 
ATOM   1010 C CA  . GLY C 2 11 ? 9.451   13.962  25.795  1.00 73.51  ? 372 GLY A CA  1 
ATOM   1011 C C   . GLY C 2 11 ? 8.272   14.190  24.877  1.00 73.17  ? 372 GLY A C   1 
ATOM   1012 O O   . GLY C 2 11 ? 7.610   13.242  24.449  1.00 72.84  ? 372 GLY A O   1 
ATOM   1013 N N   . GLU C 2 12 ? 8.011   15.458  24.574  1.00 72.21  ? 373 GLU A N   1 
ATOM   1014 C CA  . GLU C 2 12 ? 6.924   15.841  23.681  1.00 71.83  ? 373 GLU A CA  1 
ATOM   1015 C C   . GLU C 2 12 ? 7.299   15.495  22.243  1.00 69.70  ? 373 GLU A C   1 
ATOM   1016 O O   . GLU C 2 12 ? 6.482   14.971  21.486  1.00 69.95  ? 373 GLU A O   1 
ATOM   1017 C CB  . GLU C 2 12 ? 6.647   17.344  23.789  1.00 74.82  ? 373 GLU A CB  1 
ATOM   1018 C CG  . GLU C 2 12 ? 6.295   17.824  25.181  1.00 79.26  ? 373 GLU A CG  1 
ATOM   1019 C CD  . GLU C 2 12 ? 5.792   19.265  25.199  1.00 82.94  ? 373 GLU A CD  1 
ATOM   1020 O OE1 . GLU C 2 12 ? 6.351   20.103  24.451  1.00 82.49  ? 373 GLU A OE1 1 
ATOM   1021 O OE2 . GLU C 2 12 ? 4.845   19.557  25.977  1.00 84.42  ? 373 GLU A OE2 1 
ATOM   1022 N N   . LYS C 2 13 ? 8.537   15.797  21.866  1.00 66.98  ? 374 LYS A N   1 
ATOM   1023 C CA  . LYS C 2 13 ? 9.011   15.492  20.524  1.00 65.34  ? 374 LYS A CA  1 
ATOM   1024 C C   . LYS C 2 13 ? 8.921   13.991  20.234  1.00 62.30  ? 374 LYS A C   1 
ATOM   1025 O O   . LYS C 2 13 ? 8.569   13.570  19.129  1.00 61.50  ? 374 LYS A O   1 
ATOM   1026 C CB  . LYS C 2 13 ? 10.457  15.984  20.343  1.00 67.26  ? 374 LYS A CB  1 
ATOM   1027 C CG  . LYS C 2 13 ? 10.558  17.294  19.568  1.00 71.87  ? 374 LYS A CG  1 
ATOM   1028 C CD  . LYS C 2 13 ? 11.996  17.754  19.340  1.00 77.32  ? 374 LYS A CD  1 
ATOM   1029 C CE  . LYS C 2 13 ? 12.618  18.356  20.605  1.00 80.41  ? 374 LYS A CE  1 
ATOM   1030 N NZ  . LYS C 2 13 ? 13.940  19.023  20.354  1.00 81.25  ? 374 LYS A NZ  1 
ATOM   1031 N N   . ILE C 2 14 ? 9.239   13.189  21.244  1.00 59.12  ? 375 ILE A N   1 
ATOM   1032 C CA  . ILE C 2 14 ? 9.210   11.737  21.142  1.00 56.21  ? 375 ILE A CA  1 
ATOM   1033 C C   . ILE C 2 14 ? 7.775   11.239  20.973  1.00 54.02  ? 375 ILE A C   1 
ATOM   1034 O O   . ILE C 2 14 ? 7.512   10.311  20.204  1.00 51.09  ? 375 ILE A O   1 
ATOM   1035 C CB  . ILE C 2 14 ? 9.884   11.104  22.396  1.00 54.79  ? 375 ILE A CB  1 
ATOM   1036 C CG1 . ILE C 2 14 ? 11.385  11.391  22.354  1.00 53.96  ? 375 ILE A CG1 1 
ATOM   1037 C CG2 . ILE C 2 14 ? 9.661   9.615   22.451  1.00 52.82  ? 375 ILE A CG2 1 
ATOM   1038 C CD1 . ILE C 2 14 ? 12.098  11.156  23.658  1.00 52.61  ? 375 ILE A CD1 1 
ATOM   1039 N N   . THR C 2 15 ? 6.841   11.868  21.672  1.00 52.93  ? 376 THR A N   1 
ATOM   1040 C CA  . THR C 2 15 ? 5.439   11.475  21.554  1.00 54.61  ? 376 THR A CA  1 
ATOM   1041 C C   . THR C 2 15 ? 4.896   11.799  20.163  1.00 54.26  ? 376 THR A C   1 
ATOM   1042 O O   . THR C 2 15 ? 3.945   11.168  19.707  1.00 53.50  ? 376 THR A O   1 
ATOM   1043 C CB  . THR C 2 15 ? 4.559   12.182  22.598  1.00 54.50  ? 376 THR A CB  1 
ATOM   1044 O OG1 . THR C 2 15 ? 5.106   11.980  23.904  1.00 56.76  ? 376 THR A OG1 1 
ATOM   1045 C CG2 . THR C 2 15 ? 3.162   11.623  22.576  1.00 53.05  ? 376 THR A CG2 1 
ATOM   1046 N N   . SER C 2 16 ? 5.492   12.789  19.498  1.00 55.00  ? 377 SER A N   1 
ATOM   1047 C CA  . SER C 2 16 ? 5.081   13.160  18.144  1.00 55.95  ? 377 SER A CA  1 
ATOM   1048 C C   . SER C 2 16 ? 5.521   12.070  17.176  1.00 54.68  ? 377 SER A C   1 
ATOM   1049 O O   . SER C 2 16 ? 4.726   11.599  16.363  1.00 53.45  ? 377 SER A O   1 
ATOM   1050 C CB  . SER C 2 16 ? 5.701   14.493  17.715  1.00 56.79  ? 377 SER A CB  1 
ATOM   1051 O OG  . SER C 2 16 ? 5.062   15.578  18.345  1.00 59.40  ? 377 SER A OG  1 
ATOM   1052 N N   . LEU C 2 17 ? 6.796   11.695  17.266  1.00 53.66  ? 378 LEU A N   1 
ATOM   1053 C CA  . LEU C 2 17 ? 7.341   10.634  16.436  1.00 55.01  ? 378 LEU A CA  1 
ATOM   1054 C C   . LEU C 2 17 ? 6.528   9.371   16.662  1.00 55.66  ? 378 LEU A C   1 
ATOM   1055 O O   . LEU C 2 17 ? 6.217   8.639   15.705  1.00 55.01  ? 378 LEU A O   1 
ATOM   1056 C CB  . LEU C 2 17 ? 8.790   10.340  16.806  1.00 55.37  ? 378 LEU A CB  1 
ATOM   1057 C CG  . LEU C 2 17 ? 9.862   11.278  16.291  1.00 54.71  ? 378 LEU A CG  1 
ATOM   1058 C CD1 . LEU C 2 17 ? 11.190  10.886  16.887  1.00 57.77  ? 378 LEU A CD1 1 
ATOM   1059 C CD2 . LEU C 2 17 ? 9.916   11.191  14.787  1.00 56.24  ? 378 LEU A CD2 1 
ATOM   1060 N N   . HIS C 2 18 ? 6.194   9.117   17.927  1.00 56.12  ? 379 HIS A N   1 
ATOM   1061 C CA  . HIS C 2 18 ? 5.416   7.948   18.286  1.00 58.83  ? 379 HIS A CA  1 
ATOM   1062 C C   . HIS C 2 18 ? 4.063   7.863   17.594  1.00 58.88  ? 379 HIS A C   1 
ATOM   1063 O O   . HIS C 2 18 ? 3.619   6.776   17.223  1.00 57.75  ? 379 HIS A O   1 
ATOM   1064 C CB  . HIS C 2 18 ? 5.170   7.900   19.777  1.00 63.13  ? 379 HIS A CB  1 
ATOM   1065 C CG  . HIS C 2 18 ? 4.353   6.716   20.199  1.00 70.17  ? 379 HIS A CG  1 
ATOM   1066 N ND1 . HIS C 2 18 ? 4.884   5.446   20.311  1.00 72.23  ? 379 HIS A ND1 1 
ATOM   1067 C CD2 . HIS C 2 18 ? 3.024   6.592   20.443  1.00 71.19  ? 379 HIS A CD2 1 
ATOM   1068 C CE1 . HIS C 2 18 ? 3.917   4.594   20.601  1.00 73.34  ? 379 HIS A CE1 1 
ATOM   1069 N NE2 . HIS C 2 18 ? 2.779   5.264   20.686  1.00 72.98  ? 379 HIS A NE2 1 
ATOM   1070 N N   . ARG C 2 19 ? 3.401   9.001   17.438  1.00 59.78  ? 380 ARG A N   1 
ATOM   1071 C CA  . ARG C 2 19 ? 2.097   9.037   16.798  1.00 61.04  ? 380 ARG A CA  1 
ATOM   1072 C C   . ARG C 2 19 ? 2.191   9.025   15.292  1.00 60.84  ? 380 ARG A C   1 
ATOM   1073 O O   . ARG C 2 19 ? 1.336   8.474   14.615  1.00 60.17  ? 380 ARG A O   1 
ATOM   1074 C CB  . ARG C 2 19 ? 1.323   10.263  17.246  1.00 64.11  ? 380 ARG A CB  1 
ATOM   1075 C CG  . ARG C 2 19 ? 0.924   10.231  18.713  1.00 69.31  ? 380 ARG A CG  1 
ATOM   1076 C CD  . ARG C 2 19 ? 0.180   11.497  19.081  1.00 73.07  ? 380 ARG A CD  1 
ATOM   1077 N NE  . ARG C 2 19 ? 0.099   11.673  20.528  1.00 75.88  ? 380 ARG A NE  1 
ATOM   1078 C CZ  . ARG C 2 19 ? -0.838  11.145  21.300  1.00 77.53  ? 380 ARG A CZ  1 
ATOM   1079 N NH1 . ARG C 2 19 ? -0.812  11.362  22.603  1.00 77.90  ? 380 ARG A NH1 1 
ATOM   1080 N NH2 . ARG C 2 19 ? -1.814  10.428  20.769  1.00 79.87  ? 380 ARG A NH2 1 
ATOM   1081 N N   . GLU C 2 20 ? 3.233   9.638   14.761  1.00 61.99  ? 381 GLU A N   1 
ATOM   1082 C CA  . GLU C 2 20 ? 3.412   9.643   13.320  1.00 64.57  ? 381 GLU A CA  1 
ATOM   1083 C C   . GLU C 2 20 ? 3.646   8.208   12.876  1.00 62.08  ? 381 GLU A C   1 
ATOM   1084 O O   . GLU C 2 20 ? 3.159   7.772   11.835  1.00 61.47  ? 381 GLU A O   1 
ATOM   1085 C CB  . GLU C 2 20 ? 4.604   10.520  12.947  1.00 69.28  ? 381 GLU A CB  1 
ATOM   1086 C CG  . GLU C 2 20 ? 4.441   11.964  13.397  1.00 78.19  ? 381 GLU A CG  1 
ATOM   1087 C CD  . GLU C 2 20 ? 3.379   12.709  12.602  1.00 83.39  ? 381 GLU A CD  1 
ATOM   1088 O OE1 . GLU C 2 20 ? 3.629   12.999  11.410  1.00 84.93  ? 381 GLU A OE1 1 
ATOM   1089 O OE2 . GLU C 2 20 ? 2.301   12.993  13.172  1.00 85.79  ? 381 GLU A OE2 1 
ATOM   1090 N N   . VAL C 2 21 ? 4.393   7.472   13.685  1.00 59.63  ? 382 VAL A N   1 
ATOM   1091 C CA  . VAL C 2 21 ? 4.688   6.084   13.391  1.00 59.73  ? 382 VAL A CA  1 
ATOM   1092 C C   . VAL C 2 21 ? 3.431   5.216   13.510  1.00 58.80  ? 382 VAL A C   1 
ATOM   1093 O O   . VAL C 2 21 ? 3.195   4.329   12.698  1.00 57.21  ? 382 VAL A O   1 
ATOM   1094 C CB  . VAL C 2 21 ? 5.795   5.572   14.329  1.00 59.75  ? 382 VAL A CB  1 
ATOM   1095 C CG1 . VAL C 2 21 ? 5.812   4.053   14.359  1.00 60.02  ? 382 VAL A CG1 1 
ATOM   1096 C CG2 . VAL C 2 21 ? 7.126   6.106   13.857  1.00 60.43  ? 382 VAL A CG2 1 
ATOM   1097 N N   . GLU C 2 22 ? 2.622   5.486   14.523  1.00 59.59  ? 383 GLU A N   1 
ATOM   1098 C CA  . GLU C 2 22 ? 1.409   4.721   14.743  1.00 60.37  ? 383 GLU A CA  1 
ATOM   1099 C C   . GLU C 2 22 ? 0.454   4.920   13.581  1.00 58.83  ? 383 GLU A C   1 
ATOM   1100 O O   . GLU C 2 22 ? -0.177  3.981   13.117  1.00 59.55  ? 383 GLU A O   1 
ATOM   1101 C CB  . GLU C 2 22 ? 0.735   5.147   16.052  1.00 63.12  ? 383 GLU A CB  1 
ATOM   1102 C CG  . GLU C 2 22 ? 1.574   4.908   17.293  1.00 69.29  ? 383 GLU A CG  1 
ATOM   1103 C CD  . GLU C 2 22 ? 2.067   3.469   17.406  1.00 73.91  ? 383 GLU A CD  1 
ATOM   1104 O OE1 . GLU C 2 22 ? 1.226   2.548   17.228  1.00 76.39  ? 383 GLU A OE1 1 
ATOM   1105 O OE2 . GLU C 2 22 ? 3.281   3.256   17.674  1.00 73.38  ? 383 GLU A OE2 1 
ATOM   1106 N N   . LYS C 2 23 ? 0.345   6.151   13.111  1.00 58.06  ? 384 LYS A N   1 
ATOM   1107 C CA  . LYS C 2 23 ? -0.537  6.431   12.002  1.00 58.54  ? 384 LYS A CA  1 
ATOM   1108 C C   . LYS C 2 23 ? -0.083  5.731   10.723  1.00 57.69  ? 384 LYS A C   1 
ATOM   1109 O O   . LYS C 2 23 ? -0.903  5.196   9.985   1.00 57.83  ? 384 LYS A O   1 
ATOM   1110 C CB  . LYS C 2 23 ? -0.637  7.940   11.785  1.00 61.46  ? 384 LYS A CB  1 
ATOM   1111 C CG  . LYS C 2 23 ? -1.369  8.669   12.908  1.00 68.18  ? 384 LYS A CG  1 
ATOM   1112 C CD  . LYS C 2 23 ? -1.185  10.184  12.839  1.00 73.50  ? 384 LYS A CD  1 
ATOM   1113 C CE  . LYS C 2 23 ? -1.635  10.857  14.146  1.00 77.00  ? 384 LYS A CE  1 
ATOM   1114 N NZ  . LYS C 2 23 ? -1.047  12.228  14.322  1.00 79.47  ? 384 LYS A NZ  1 
ATOM   1115 N N   . VAL C 2 24 ? 1.221   5.729   10.457  1.00 56.14  ? 385 VAL A N   1 
ATOM   1116 C CA  . VAL C 2 24 ? 1.746   5.088   9.261   1.00 53.00  ? 385 VAL A CA  1 
ATOM   1117 C C   . VAL C 2 24 ? 1.485   3.601   9.326   1.00 53.19  ? 385 VAL A C   1 
ATOM   1118 O O   . VAL C 2 24 ? 1.307   2.959   8.290   1.00 53.48  ? 385 VAL A O   1 
ATOM   1119 C CB  . VAL C 2 24 ? 3.268   5.314   9.088   1.00 52.15  ? 385 VAL A CB  1 
ATOM   1120 C CG1 . VAL C 2 24 ? 3.764   4.572   7.863   1.00 51.31  ? 385 VAL A CG1 1 
ATOM   1121 C CG2 . VAL C 2 24 ? 3.566   6.798   8.936   1.00 50.70  ? 385 VAL A CG2 1 
ATOM   1122 N N   . LYS C 2 25 ? 1.461   3.054   10.542  1.00 51.88  ? 386 LYS A N   1 
ATOM   1123 C CA  . LYS C 2 25 ? 1.205   1.623   10.732  1.00 52.15  ? 386 LYS A CA  1 
ATOM   1124 C C   . LYS C 2 25 ? -0.207  1.295   10.291  1.00 52.49  ? 386 LYS A C   1 
ATOM   1125 O O   . LYS C 2 25 ? -0.453  0.288   9.644   1.00 52.38  ? 386 LYS A O   1 
ATOM   1126 C CB  . LYS C 2 25 ? 1.366   1.222   12.207  1.00 51.09  ? 386 LYS A CB  1 
ATOM   1127 C CG  . LYS C 2 25 ? 2.799   1.121   12.705  1.00 49.70  ? 386 LYS A CG  1 
ATOM   1128 C CD  . LYS C 2 25 ? 2.808   0.654   14.151  1.00 49.21  ? 386 LYS A CD  1 
ATOM   1129 C CE  . LYS C 2 25 ? 4.229   0.549   14.710  1.00 51.06  ? 386 LYS A CE  1 
ATOM   1130 N NZ  . LYS C 2 25 ? 4.251   0.184   16.165  1.00 48.19  ? 386 LYS A NZ  1 
ATOM   1131 N N   . LEU C 2 26 ? -1.124  2.167   10.664  1.00 53.52  ? 387 LEU A N   1 
ATOM   1132 C CA  . LEU C 2 26 ? -2.525  2.028   10.330  1.00 56.51  ? 387 LEU A CA  1 
ATOM   1133 C C   . LEU C 2 26 ? -2.771  2.045   8.834   1.00 57.39  ? 387 LEU A C   1 
ATOM   1134 O O   . LEU C 2 26 ? -3.676  1.374   8.340   1.00 59.16  ? 387 LEU A O   1 
ATOM   1135 C CB  . LEU C 2 26 ? -3.328  3.150   10.986  1.00 57.23  ? 387 LEU A CB  1 
ATOM   1136 C CG  . LEU C 2 26 ? -3.493  2.991   12.485  1.00 57.25  ? 387 LEU A CG  1 
ATOM   1137 C CD1 . LEU C 2 26 ? -4.176  4.197   13.057  1.00 59.21  ? 387 LEU A CD1 1 
ATOM   1138 C CD2 . LEU C 2 26 ? -4.292  1.732   12.751  1.00 58.70  ? 387 LEU A CD2 1 
ATOM   1139 N N   . ASP C 2 27 ? -1.979  2.809   8.103   1.00 57.93  ? 388 ASP A N   1 
ATOM   1140 C CA  . ASP C 2 27 ? -2.157  2.866   6.669   1.00 59.11  ? 388 ASP A CA  1 
ATOM   1141 C C   . ASP C 2 27 ? -1.662  1.608   6.018   1.00 58.20  ? 388 ASP A C   1 
ATOM   1142 O O   . ASP C 2 27 ? -2.229  1.162   5.032   1.00 58.08  ? 388 ASP A O   1 
ATOM   1143 C CB  . ASP C 2 27 ? -1.450  4.077   6.112   1.00 62.99  ? 388 ASP A CB  1 
ATOM   1144 C CG  . ASP C 2 27 ? -2.070  5.355   6.608   1.00 66.95  ? 388 ASP A CG  1 
ATOM   1145 O OD1 . ASP C 2 27 ? -2.304  5.446   7.828   1.00 68.61  ? 388 ASP A OD1 1 
ATOM   1146 O OD2 . ASP C 2 27 ? -2.329  6.255   5.785   1.00 70.75  ? 388 ASP A OD2 1 
ATOM   1147 N N   . GLN C 2 28 ? -0.611  1.015   6.570   1.00 57.71  ? 389 GLN A N   1 
ATOM   1148 C CA  . GLN C 2 28 ? -0.102  -0.223  6.011   1.00 58.01  ? 389 GLN A CA  1 
ATOM   1149 C C   . GLN C 2 28 ? -1.116  -1.336  6.265   1.00 57.52  ? 389 GLN A C   1 
ATOM   1150 O O   . GLN C 2 28 ? -1.332  -2.206  5.418   1.00 55.49  ? 389 GLN A O   1 
ATOM   1151 C CB  . GLN C 2 28 ? 1.254   -0.571  6.613   1.00 57.99  ? 389 GLN A CB  1 
ATOM   1152 C CG  . GLN C 2 28 ? 2.344   0.403   6.218   1.00 60.41  ? 389 GLN A CG  1 
ATOM   1153 C CD  . GLN C 2 28 ? 3.738   -0.078  6.568   1.00 62.14  ? 389 GLN A CD  1 
ATOM   1154 O OE1 . GLN C 2 28 ? 3.951   -0.742  7.576   1.00 65.34  ? 389 GLN A OE1 1 
ATOM   1155 N NE2 . GLN C 2 28 ? 4.701   0.275   5.738   1.00 62.99  ? 389 GLN A NE2 1 
ATOM   1156 N N   . LYS C 2 29 ? -1.741  -1.292  7.438   1.00 58.39  ? 390 LYS A N   1 
ATOM   1157 C CA  . LYS C 2 29 ? -2.748  -2.276  7.796   1.00 58.94  ? 390 LYS A CA  1 
ATOM   1158 C C   . LYS C 2 29 ? -3.901  -2.166  6.816   1.00 59.57  ? 390 LYS A C   1 
ATOM   1159 O O   . LYS C 2 29 ? -4.347  -3.170  6.264   1.00 60.91  ? 390 LYS A O   1 
ATOM   1160 C CB  . LYS C 2 29 ? -3.247  -2.052  9.223   1.00 59.44  ? 390 LYS A CB  1 
ATOM   1161 C CG  . LYS C 2 29 ? -4.288  -3.068  9.644   1.00 62.82  ? 390 LYS A CG  1 
ATOM   1162 C CD  . LYS C 2 29 ? -4.668  -2.974  11.115  1.00 65.28  ? 390 LYS A CD  1 
ATOM   1163 C CE  . LYS C 2 29 ? -5.874  -3.876  11.384  1.00 69.43  ? 390 LYS A CE  1 
ATOM   1164 N NZ  . LYS C 2 29 ? -6.228  -4.036  12.822  1.00 72.93  ? 390 LYS A NZ  1 
ATOM   1165 N N   . ARG C 2 30 ? -4.373  -0.939  6.600   1.00 59.20  ? 391 ARG A N   1 
ATOM   1166 C CA  . ARG C 2 30 ? -5.457  -0.662  5.661   1.00 60.03  ? 391 ARG A CA  1 
ATOM   1167 C C   . ARG C 2 30 ? -5.090  -1.096  4.255   1.00 60.65  ? 391 ARG A C   1 
ATOM   1168 O O   . ARG C 2 30 ? -5.893  -1.692  3.544   1.00 59.88  ? 391 ARG A O   1 
ATOM   1169 C CB  . ARG C 2 30 ? -5.760  0.833   5.612   1.00 60.50  ? 391 ARG A CB  1 
ATOM   1170 C CG  . ARG C 2 30 ? -6.553  1.253   4.374   1.00 62.74  ? 391 ARG A CG  1 
ATOM   1171 C CD  . ARG C 2 30 ? -6.861  2.755   4.354   1.00 67.00  ? 391 ARG A CD  1 
ATOM   1172 N NE  . ARG C 2 30 ? -5.793  3.596   3.805   1.00 70.26  ? 391 ARG A NE  1 
ATOM   1173 C CZ  . ARG C 2 30 ? -5.249  4.637   4.444   1.00 72.13  ? 391 ARG A CZ  1 
ATOM   1174 N NH1 . ARG C 2 30 ? -5.665  4.967   5.669   1.00 70.85  ? 391 ARG A NH1 1 
ATOM   1175 N NH2 . ARG C 2 30 ? -4.309  5.366   3.849   1.00 69.90  ? 391 ARG A NH2 1 
ATOM   1176 N N   . LEU C 2 31 ? -3.860  -0.773  3.874   1.00 62.52  ? 392 LEU A N   1 
ATOM   1177 C CA  . LEU C 2 31 ? -3.310  -1.067  2.557   1.00 63.66  ? 392 LEU A CA  1 
ATOM   1178 C C   . LEU C 2 31 ? -3.241  -2.563  2.238   1.00 63.49  ? 392 LEU A C   1 
ATOM   1179 O O   . LEU C 2 31 ? -3.433  -2.962  1.088   1.00 61.59  ? 392 LEU A O   1 
ATOM   1180 C CB  . LEU C 2 31 ? -1.920  -0.430  2.443   1.00 66.27  ? 392 LEU A CB  1 
ATOM   1181 C CG  . LEU C 2 31 ? -1.371  -0.158  1.043   1.00 67.92  ? 392 LEU A CG  1 
ATOM   1182 C CD1 . LEU C 2 31 ? -2.414  0.574   0.234   1.00 71.30  ? 392 LEU A CD1 1 
ATOM   1183 C CD2 . LEU C 2 31 ? -0.114  0.678   1.143   1.00 68.85  ? 392 LEU A CD2 1 
ATOM   1184 N N   . ASP C 2 32 ? -2.953  -3.380  3.250   1.00 62.85  ? 393 ASP A N   1 
ATOM   1185 C CA  . ASP C 2 32 ? -2.889  -4.812  3.053   1.00 64.90  ? 393 ASP A CA  1 
ATOM   1186 C C   . ASP C 2 32 ? -4.305  -5.343  2.955   1.00 64.02  ? 393 ASP A C   1 
ATOM   1187 O O   . ASP C 2 32 ? -4.584  -6.305  2.237   1.00 63.32  ? 393 ASP A O   1 
ATOM   1188 C CB  . ASP C 2 32 ? -2.144  -5.476  4.201   1.00 70.06  ? 393 ASP A CB  1 
ATOM   1189 C CG  . ASP C 2 32 ? -0.649  -5.386  4.027   1.00 77.21  ? 393 ASP A CG  1 
ATOM   1190 O OD1 . ASP C 2 32 ? -0.124  -6.041  3.090   1.00 81.44  ? 393 ASP A OD1 1 
ATOM   1191 O OD2 . ASP C 2 32 ? 0.000   -4.649  4.807   1.00 81.54  ? 393 ASP A OD2 1 
ATOM   1192 N N   . GLN C 2 33 ? -5.200  -4.706  3.693   1.00 61.74  ? 394 GLN A N   1 
ATOM   1193 C CA  . GLN C 2 33 ? -6.598  -5.086  3.667   1.00 59.12  ? 394 GLN A CA  1 
ATOM   1194 C C   . GLN C 2 33 ? -7.117  -4.875  2.266   1.00 57.35  ? 394 GLN A C   1 
ATOM   1195 O O   . GLN C 2 33 ? -7.933  -5.650  1.791   1.00 57.17  ? 394 GLN A O   1 
ATOM   1196 C CB  . GLN C 2 33 ? -7.399  -4.211  4.616   1.00 60.14  ? 394 GLN A CB  1 
ATOM   1197 C CG  . GLN C 2 33 ? -7.244  -4.555  6.077   1.00 59.18  ? 394 GLN A CG  1 
ATOM   1198 C CD  . GLN C 2 33 ? -8.070  -3.645  6.924   1.00 59.86  ? 394 GLN A CD  1 
ATOM   1199 O OE1 . GLN C 2 33 ? -8.490  -4.008  8.020   1.00 62.53  ? 394 GLN A OE1 1 
ATOM   1200 N NE2 . GLN C 2 33 ? -8.317  -2.434  6.424   1.00 59.88  ? 394 GLN A NE2 1 
ATOM   1201 N N   . GLU C 2 34 ? -6.646  -3.815  1.610   1.00 55.11  ? 395 GLU A N   1 
ATOM   1202 C CA  . GLU C 2 34 ? -7.082  -3.510  0.255   1.00 55.21  ? 395 GLU A CA  1 
ATOM   1203 C C   . GLU C 2 34 ? -6.502  -4.460  -0.769  1.00 54.35  ? 395 GLU A C   1 
ATOM   1204 O O   . GLU C 2 34 ? -7.125  -4.690  -1.815  1.00 53.92  ? 395 GLU A O   1 
ATOM   1205 C CB  . GLU C 2 34 ? -6.753  -2.061  -0.114  1.00 56.90  ? 395 GLU A CB  1 
ATOM   1206 C CG  . GLU C 2 34 ? -7.651  -1.025  0.545   1.00 61.47  ? 395 GLU A CG  1 
ATOM   1207 C CD  . GLU C 2 34 ? -9.136  -1.396  0.477   1.00 65.26  ? 395 GLU A CD  1 
ATOM   1208 O OE1 . GLU C 2 34 ? -9.673  -1.535  -0.637  1.00 65.76  ? 395 GLU A OE1 1 
ATOM   1209 O OE2 . GLU C 2 34 ? -9.768  -1.558  1.547   1.00 68.41  ? 395 GLU A OE2 1 
ATOM   1210 N N   . LEU C 2 35 ? -5.317  -5.006  -0.483  1.00 53.29  ? 396 LEU A N   1 
ATOM   1211 C CA  . LEU C 2 35 ? -4.676  -5.966  -1.386  1.00 51.39  ? 396 LEU A CA  1 
ATOM   1212 C C   . LEU C 2 35 ? -5.503  -7.244  -1.371  1.00 50.48  ? 396 LEU A C   1 
ATOM   1213 O O   . LEU C 2 35 ? -5.644  -7.905  -2.385  1.00 50.71  ? 396 LEU A O   1 
ATOM   1214 C CB  . LEU C 2 35 ? -3.236  -6.259  -0.956  1.00 50.76  ? 396 LEU A CB  1 
ATOM   1215 C CG  . LEU C 2 35 ? -2.194  -5.188  -1.263  1.00 51.28  ? 396 LEU A CG  1 
ATOM   1216 C CD1 . LEU C 2 35 ? -0.838  -5.589  -0.727  1.00 52.42  ? 396 LEU A CD1 1 
ATOM   1217 C CD2 . LEU C 2 35 ? -2.118  -5.000  -2.754  1.00 53.85  ? 396 LEU A CD2 1 
ATOM   1218 N N   . ASP C 2 36 ? -6.052  -7.574  -0.208  1.00 50.47  ? 397 ASP A N   1 
ATOM   1219 C CA  . ASP C 2 36 ? -6.890  -8.752  -0.073  1.00 53.23  ? 397 ASP A CA  1 
ATOM   1220 C C   . ASP C 2 36 ? -8.122  -8.624  -0.955  1.00 52.72  ? 397 ASP A C   1 
ATOM   1221 O O   . ASP C 2 36 ? -8.528  -9.575  -1.632  1.00 51.44  ? 397 ASP A O   1 
ATOM   1222 C CB  . ASP C 2 36 ? -7.318  -8.963  1.378   1.00 57.05  ? 397 ASP A CB  1 
ATOM   1223 C CG  . ASP C 2 36 ? -6.174  -9.410  2.259   1.00 63.31  ? 397 ASP A CG  1 
ATOM   1224 O OD1 . ASP C 2 36 ? -5.270  -10.089 1.730   1.00 67.08  ? 397 ASP A OD1 1 
ATOM   1225 O OD2 . ASP C 2 36 ? -6.185  -9.096  3.473   1.00 65.46  ? 397 ASP A OD2 1 
ATOM   1226 N N   . PHE C 2 37 ? -8.725  -7.443  -0.935  1.00 52.80  ? 398 PHE A N   1 
ATOM   1227 C CA  . PHE C 2 37 ? -9.895  -7.159  -1.760  1.00 51.97  ? 398 PHE A CA  1 
ATOM   1228 C C   . PHE C 2 37 ? -9.491  -7.289  -3.244  1.00 49.94  ? 398 PHE A C   1 
ATOM   1229 O O   . PHE C 2 37 ? -10.076 -8.069  -3.994  1.00 48.23  ? 398 PHE A O   1 
ATOM   1230 C CB  . PHE C 2 37 ? -10.414 -5.745  -1.475  1.00 52.35  ? 398 PHE A CB  1 
ATOM   1231 C CG  . PHE C 2 37 ? -11.660 -5.412  -2.227  1.00 53.83  ? 398 PHE A CG  1 
ATOM   1232 C CD1 . PHE C 2 37 ? -12.832 -6.109  -1.979  1.00 53.56  ? 398 PHE A CD1 1 
ATOM   1233 C CD2 . PHE C 2 37 ? -11.651 -4.448  -3.229  1.00 54.79  ? 398 PHE A CD2 1 
ATOM   1234 C CE1 . PHE C 2 37 ? -13.978 -5.856  -2.720  1.00 53.86  ? 398 PHE A CE1 1 
ATOM   1235 C CE2 . PHE C 2 37 ? -12.795 -4.191  -3.972  1.00 54.76  ? 398 PHE A CE2 1 
ATOM   1236 C CZ  . PHE C 2 37 ? -13.957 -4.899  -3.716  1.00 54.28  ? 398 PHE A CZ  1 
ATOM   1237 N N   . ILE C 2 38 ? -8.485  -6.518  -3.655  1.00 47.79  ? 399 ILE A N   1 
ATOM   1238 C CA  . ILE C 2 38 ? -7.963  -6.591  -5.018  1.00 46.07  ? 399 ILE A CA  1 
ATOM   1239 C C   . ILE C 2 38 ? -7.784  -8.048  -5.439  1.00 45.45  ? 399 ILE A C   1 
ATOM   1240 O O   . ILE C 2 38 ? -8.170  -8.437  -6.539  1.00 45.17  ? 399 ILE A O   1 
ATOM   1241 C CB  . ILE C 2 38 ? -6.598  -5.889  -5.106  1.00 45.38  ? 399 ILE A CB  1 
ATOM   1242 C CG1 . ILE C 2 38 ? -6.792  -4.377  -4.947  1.00 46.65  ? 399 ILE A CG1 1 
ATOM   1243 C CG2 . ILE C 2 38 ? -5.910  -6.234  -6.406  1.00 42.54  ? 399 ILE A CG2 1 
ATOM   1244 C CD1 . ILE C 2 38 ? -5.490  -3.595  -4.914  1.00 48.00  ? 399 ILE A CD1 1 
ATOM   1245 N N   . LEU C 2 39 ? -7.187  -8.847  -4.558  1.00 45.47  ? 400 LEU A N   1 
ATOM   1246 C CA  . LEU C 2 39 ? -6.957  -10.250 -4.833  1.00 45.21  ? 400 LEU A CA  1 
ATOM   1247 C C   . LEU C 2 39 ? -8.249  -11.062 -5.060  1.00 44.93  ? 400 LEU A C   1 
ATOM   1248 O O   . LEU C 2 39 ? -8.384  -11.777 -6.037  1.00 42.96  ? 400 LEU A O   1 
ATOM   1249 C CB  . LEU C 2 39 ? -6.167  -10.872 -3.693  1.00 46.64  ? 400 LEU A CB  1 
ATOM   1250 C CG  . LEU C 2 39 ? -5.930  -12.372 -3.943  1.00 49.05  ? 400 LEU A CG  1 
ATOM   1251 C CD1 . LEU C 2 39 ? -4.838  -12.503 -5.013  1.00 51.02  ? 400 LEU A CD1 1 
ATOM   1252 C CD2 . LEU C 2 39 ? -5.546  -13.088 -2.666  1.00 45.63  ? 400 LEU A CD2 1 
ATOM   1253 N N   . SER C 2 40 ? -9.199  -10.963 -4.146  1.00 44.92  ? 401 SER A N   1 
ATOM   1254 C CA  . SER C 2 40 ? -10.446 -11.707 -4.308  1.00 46.69  ? 401 SER A CA  1 
ATOM   1255 C C   . SER C 2 40 ? -11.230 -11.132 -5.467  1.00 47.19  ? 401 SER A C   1 
ATOM   1256 O O   . SER C 2 40 ? -12.216 -11.732 -5.905  1.00 47.09  ? 401 SER A O   1 
ATOM   1257 C CB  . SER C 2 40 ? -11.301 -11.639 -3.047  1.00 45.38  ? 401 SER A CB  1 
ATOM   1258 O OG  . SER C 2 40 ? -11.742 -10.307 -2.828  1.00 49.98  ? 401 SER A OG  1 
ATOM   1259 N N   . GLN C 2 41 ? -10.800 -9.971  -5.961  1.00 47.42  ? 402 GLN A N   1 
ATOM   1260 C CA  . GLN C 2 41 ? -11.476 -9.363  -7.088  1.00 48.49  ? 402 GLN A CA  1 
ATOM   1261 C C   . GLN C 2 41 ? -10.879 -9.867  -8.388  1.00 48.55  ? 402 GLN A C   1 
ATOM   1262 O O   . GLN C 2 41 ? -11.606 -10.153 -9.334  1.00 46.18  ? 402 GLN A O   1 
ATOM   1263 C CB  . GLN C 2 41 ? -11.420 -7.835  -7.021  1.00 50.35  ? 402 GLN A CB  1 
ATOM   1264 C CG  . GLN C 2 41 ? -12.271 -7.161  -8.116  1.00 51.93  ? 402 GLN A CG  1 
ATOM   1265 C CD  . GLN C 2 41 ? -12.474 -5.676  -7.926  1.00 50.60  ? 402 GLN A CD  1 
ATOM   1266 O OE1 . GLN C 2 41 ? -11.522 -4.909  -7.798  1.00 53.22  ? 402 GLN A OE1 1 
ATOM   1267 N NE2 . GLN C 2 41 ? -13.729 -5.260  -7.926  1.00 47.89  ? 402 GLN A NE2 1 
ATOM   1268 N N   . GLN C 2 42 ? -9.561  -9.992  -8.447  1.00 51.39  ? 403 GLN A N   1 
ATOM   1269 C CA  . GLN C 2 42 ? -8.962  -10.495 -9.675  1.00 56.57  ? 403 GLN A CA  1 
ATOM   1270 C C   . GLN C 2 42 ? -9.421  -11.921 -9.955  1.00 58.96  ? 403 GLN A C   1 
ATOM   1271 O O   . GLN C 2 42 ? -9.479  -12.344 -11.115 1.00 58.89  ? 403 GLN A O   1 
ATOM   1272 C CB  . GLN C 2 42 ? -7.444  -10.467 -9.606  1.00 55.93  ? 403 GLN A CB  1 
ATOM   1273 C CG  . GLN C 2 42 ? -6.879  -9.112  -9.385  1.00 58.89  ? 403 GLN A CG  1 
ATOM   1274 C CD  . GLN C 2 42 ? -5.423  -9.072  -9.751  1.00 61.45  ? 403 GLN A CD  1 
ATOM   1275 O OE1 . GLN C 2 42 ? -4.682  -10.025 -9.498  1.00 63.62  ? 403 GLN A OE1 1 
ATOM   1276 N NE2 . GLN C 2 42 ? -4.995  -7.967  -10.351 1.00 63.55  ? 403 GLN A NE2 1 
ATOM   1277 N N   . LYS C 2 43 ? -9.726  -12.669 -8.897  1.00 60.69  ? 404 LYS A N   1 
ATOM   1278 C CA  . LYS C 2 43 ? -10.196 -14.039 -9.057  1.00 63.13  ? 404 LYS A CA  1 
ATOM   1279 C C   . LYS C 2 43 ? -11.570 -13.998 -9.710  1.00 64.08  ? 404 LYS A C   1 
ATOM   1280 O O   . LYS C 2 43 ? -11.771 -14.580 -10.768 1.00 64.77  ? 404 LYS A O   1 
ATOM   1281 C CB  . LYS C 2 43 ? -10.277 -14.736 -7.704  1.00 65.94  ? 404 LYS A CB  1 
ATOM   1282 C CG  . LYS C 2 43 ? -8.917  -15.104 -7.158  1.00 68.22  ? 404 LYS A CG  1 
ATOM   1283 C CD  . LYS C 2 43 ? -8.935  -15.366 -5.668  1.00 70.82  ? 404 LYS A CD  1 
ATOM   1284 C CE  . LYS C 2 43 ? -7.528  -15.573 -5.144  1.00 72.64  ? 404 LYS A CE  1 
ATOM   1285 N NZ  . LYS C 2 43 ? -7.420  -15.266 -3.685  1.00 74.75  ? 404 LYS A NZ  1 
ATOM   1286 N N   . GLU C 2 44 ? -12.512 -13.299 -9.089  1.00 64.59  ? 405 GLU A N   1 
ATOM   1287 C CA  . GLU C 2 44 ? -13.841 -13.203 -9.655  1.00 66.03  ? 405 GLU A CA  1 
ATOM   1288 C C   . GLU C 2 44 ? -13.814 -12.669 -11.076 1.00 65.28  ? 405 GLU A C   1 
ATOM   1289 O O   . GLU C 2 44 ? -14.682 -12.978 -11.871 1.00 65.50  ? 405 GLU A O   1 
ATOM   1290 C CB  . GLU C 2 44 ? -14.729 -12.323 -8.776  1.00 68.75  ? 405 GLU A CB  1 
ATOM   1291 C CG  . GLU C 2 44 ? -14.996 -12.945 -7.408  1.00 75.08  ? 405 GLU A CG  1 
ATOM   1292 C CD  . GLU C 2 44 ? -16.115 -12.263 -6.635  1.00 77.28  ? 405 GLU A CD  1 
ATOM   1293 O OE1 . GLU C 2 44 ? -15.978 -11.065 -6.318  1.00 79.46  ? 405 GLU A OE1 1 
ATOM   1294 O OE2 . GLU C 2 44 ? -17.131 -12.932 -6.341  1.00 77.74  ? 405 GLU A OE2 1 
ATOM   1295 N N   . LEU C 2 45 ? -12.820 -11.865 -11.409 1.00 64.74  ? 406 LEU A N   1 
ATOM   1296 C CA  . LEU C 2 45 ? -12.728 -11.323 -12.769 1.00 65.12  ? 406 LEU A CA  1 
ATOM   1297 C C   . LEU C 2 45 ? -12.289 -12.429 -13.721 1.00 64.90  ? 406 LEU A C   1 
ATOM   1298 O O   . LEU C 2 45 ? -12.756 -12.500 -14.842 1.00 62.68  ? 406 LEU A O   1 
ATOM   1299 C CB  . LEU C 2 45 ? -11.727 -10.164 -12.820 1.00 65.47  ? 406 LEU A CB  1 
ATOM   1300 C CG  . LEU C 2 45 ? -12.259 -8.774  -13.156 1.00 63.31  ? 406 LEU A CG  1 
ATOM   1301 C CD1 . LEU C 2 45 ? -13.577 -8.531  -12.438 1.00 62.58  ? 406 LEU A CD1 1 
ATOM   1302 C CD2 . LEU C 2 45 ? -11.219 -7.728  -12.757 1.00 61.14  ? 406 LEU A CD2 1 
ATOM   1303 N N   . GLU C 2 46 ? -11.388 -13.283 -13.251 1.00 67.66  ? 407 GLU A N   1 
ATOM   1304 C CA  . GLU C 2 46 ? -10.896 -14.393 -14.032 1.00 70.40  ? 407 GLU A CA  1 
ATOM   1305 C C   . GLU C 2 46 ? -12.020 -15.401 -14.267 1.00 71.94  ? 407 GLU A C   1 
ATOM   1306 O O   . GLU C 2 46 ? -12.255 -15.828 -15.396 1.00 72.89  ? 407 GLU A O   1 
ATOM   1307 C CB  . GLU C 2 46 ? -9.745  -15.052 -13.291 1.00 72.83  ? 407 GLU A CB  1 
ATOM   1308 C CG  . GLU C 2 46 ? -9.249  -16.341 -13.914 1.00 79.25  ? 407 GLU A CG  1 
ATOM   1309 C CD  . GLU C 2 46 ? -8.571  -16.125 -15.258 1.00 82.19  ? 407 GLU A CD  1 
ATOM   1310 O OE1 . GLU C 2 46 ? -7.636  -15.294 -15.330 1.00 83.64  ? 407 GLU A OE1 1 
ATOM   1311 O OE2 . GLU C 2 46 ? -8.968  -16.791 -16.237 1.00 83.23  ? 407 GLU A OE2 1 
ATOM   1312 N N   . ASP C 2 47 ? -12.721 -15.784 -13.203 1.00 73.49  ? 408 ASP A N   1 
ATOM   1313 C CA  . ASP C 2 47 ? -13.817 -16.737 -13.339 1.00 74.57  ? 408 ASP A CA  1 
ATOM   1314 C C   . ASP C 2 47 ? -14.825 -16.193 -14.338 1.00 74.28  ? 408 ASP A C   1 
ATOM   1315 O O   . ASP C 2 47 ? -15.388 -16.934 -15.127 1.00 74.57  ? 408 ASP A O   1 
ATOM   1316 C CB  . ASP C 2 47 ? -14.529 -16.978 -11.995 1.00 76.69  ? 408 ASP A CB  1 
ATOM   1317 C CG  . ASP C 2 47 ? -13.614 -17.573 -10.924 1.00 78.91  ? 408 ASP A CG  1 
ATOM   1318 O OD1 . ASP C 2 47 ? -12.784 -18.443 -11.261 1.00 78.14  ? 408 ASP A OD1 1 
ATOM   1319 O OD2 . ASP C 2 47 ? -13.760 -17.182 -9.746  1.00 80.17  ? 408 ASP A OD2 1 
ATOM   1320 N N   . LEU C 2 48 ? -15.028 -14.883 -14.296 1.00 74.97  ? 409 LEU A N   1 
ATOM   1321 C CA  . LEU C 2 48 ? -15.976 -14.183 -15.159 1.00 74.99  ? 409 LEU A CA  1 
ATOM   1322 C C   . LEU C 2 48 ? -15.519 -14.120 -16.614 1.00 75.18  ? 409 LEU A C   1 
ATOM   1323 O O   . LEU C 2 48 ? -16.328 -13.928 -17.521 1.00 74.65  ? 409 LEU A O   1 
ATOM   1324 C CB  . LEU C 2 48 ? -16.207 -12.768 -14.598 1.00 75.71  ? 409 LEU A CB  1 
ATOM   1325 C CG  . LEU C 2 48 ? -17.252 -11.787 -15.147 1.00 76.84  ? 409 LEU A CG  1 
ATOM   1326 C CD1 . LEU C 2 48 ? -18.616 -12.413 -15.084 1.00 77.10  ? 409 LEU A CD1 1 
ATOM   1327 C CD2 . LEU C 2 48 ? -17.238 -10.492 -14.327 1.00 74.65  ? 409 LEU A CD2 1 
ATOM   1328 N N   . LEU C 2 49 ? -14.225 -14.304 -16.840 1.00 76.43  ? 410 LEU A N   1 
ATOM   1329 C CA  . LEU C 2 49 ? -13.667 -14.238 -18.189 1.00 78.39  ? 410 LEU A CA  1 
ATOM   1330 C C   . LEU C 2 49 ? -13.639 -15.555 -18.942 1.00 79.57  ? 410 LEU A C   1 
ATOM   1331 O O   . LEU C 2 49 ? -13.978 -15.597 -20.121 1.00 79.69  ? 410 LEU A O   1 
ATOM   1332 C CB  . LEU C 2 49 ? -12.243 -13.702 -18.153 1.00 78.89  ? 410 LEU A CB  1 
ATOM   1333 C CG  . LEU C 2 49 ? -12.026 -12.268 -17.704 1.00 80.57  ? 410 LEU A CG  1 
ATOM   1334 C CD1 . LEU C 2 49 ? -10.533 -12.005 -17.608 1.00 80.25  ? 410 LEU A CD1 1 
ATOM   1335 C CD2 . LEU C 2 49 ? -12.680 -11.335 -18.672 1.00 81.41  ? 410 LEU A CD2 1 
ATOM   1336 N N   . SER C 2 50 ? -13.218 -16.630 -18.279 1.00 81.54  ? 411 SER A N   1 
ATOM   1337 C CA  . SER C 2 50 ? -13.143 -17.934 -18.938 1.00 83.54  ? 411 SER A CA  1 
ATOM   1338 C C   . SER C 2 50 ? -14.380 -18.234 -19.786 1.00 83.43  ? 411 SER A C   1 
ATOM   1339 O O   . SER C 2 50 ? -14.272 -18.431 -20.986 1.00 84.31  ? 411 SER A O   1 
ATOM   1340 C CB  . SER C 2 50 ? -12.906 -19.040 -17.909 1.00 84.95  ? 411 SER A CB  1 
ATOM   1341 O OG  . SER C 2 50 ? -11.648 -18.879 -17.262 1.00 86.85  ? 411 SER A OG  1 
ATOM   1342 N N   . PRO C 2 51 ? -15.568 -18.270 -19.177 1.00 83.66  ? 412 PRO A N   1 
ATOM   1343 C CA  . PRO C 2 51 ? -16.781 -18.546 -19.946 1.00 85.03  ? 412 PRO A CA  1 
ATOM   1344 C C   . PRO C 2 51 ? -16.931 -17.725 -21.222 1.00 86.41  ? 412 PRO A C   1 
ATOM   1345 O O   . PRO C 2 51 ? -17.350 -18.247 -22.252 1.00 85.30  ? 412 PRO A O   1 
ATOM   1346 C CB  . PRO C 2 51 ? -17.885 -18.259 -18.934 1.00 84.39  ? 412 PRO A CB  1 
ATOM   1347 C CG  . PRO C 2 51 ? -17.283 -18.780 -17.690 1.00 84.45  ? 412 PRO A CG  1 
ATOM   1348 C CD  . PRO C 2 51 ? -15.881 -18.206 -17.741 1.00 84.16  ? 412 PRO A CD  1 
ATOM   1349 N N   . LEU C 2 52 ? -16.590 -16.441 -21.143 1.00 89.38  ? 413 LEU A N   1 
ATOM   1350 C CA  . LEU C 2 52 ? -16.691 -15.536 -22.293 1.00 93.02  ? 413 LEU A CA  1 
ATOM   1351 C C   . LEU C 2 52 ? -15.657 -15.805 -23.382 1.00 96.44  ? 413 LEU A C   1 
ATOM   1352 O O   . LEU C 2 52 ? -15.984 -15.741 -24.568 1.00 97.44  ? 413 LEU A O   1 
ATOM   1353 C CB  . LEU C 2 52 ? -16.551 -14.084 -21.842 1.00 90.83  ? 413 LEU A CB  1 
ATOM   1354 C CG  . LEU C 2 52 ? -17.650 -13.512 -20.965 1.00 89.10  ? 413 LEU A CG  1 
ATOM   1355 C CD1 . LEU C 2 52 ? -17.236 -12.143 -20.487 1.00 89.49  ? 413 LEU A CD1 1 
ATOM   1356 C CD2 . LEU C 2 52 ? -18.933 -13.436 -21.746 1.00 87.86  ? 413 LEU A CD2 1 
ATOM   1357 N N   . GLU C 2 53 ? -14.417 -16.088 -22.985 1.00 100.07 ? 414 GLU A N   1 
ATOM   1358 C CA  . GLU C 2 53 ? -13.364 -16.355 -23.956 1.00 104.01 ? 414 GLU A CA  1 
ATOM   1359 C C   . GLU C 2 53 ? -13.415 -17.768 -24.537 1.00 106.42 ? 414 GLU A C   1 
ATOM   1360 O O   . GLU C 2 53 ? -12.677 -18.099 -25.470 1.00 107.52 ? 414 GLU A O   1 
ATOM   1361 C CB  . GLU C 2 53 ? -11.983 -16.052 -23.360 1.00 104.22 ? 414 GLU A CB  1 
ATOM   1362 C CG  . GLU C 2 53 ? -11.775 -16.469 -21.924 1.00 104.92 ? 414 GLU A CG  1 
ATOM   1363 C CD  . GLU C 2 53 ? -10.339 -16.252 -21.455 1.00 105.84 ? 414 GLU A CD  1 
ATOM   1364 O OE1 . GLU C 2 53 ? -9.788  -15.150 -21.655 1.00 104.82 ? 414 GLU A OE1 1 
ATOM   1365 O OE2 . GLU C 2 53 ? -9.760  -17.197 -20.879 1.00 107.43 ? 414 GLU A OE2 1 
ATOM   1366 N N   . GLU C 2 54 ? -14.295 -18.602 -23.993 1.00 108.85 ? 415 GLU A N   1 
ATOM   1367 C CA  . GLU C 2 54 ? -14.434 -19.966 -24.471 1.00 111.57 ? 415 GLU A CA  1 
ATOM   1368 C C   . GLU C 2 54 ? -15.492 -20.005 -25.576 1.00 113.35 ? 415 GLU A C   1 
ATOM   1369 O O   . GLU C 2 54 ? -15.258 -20.564 -26.644 1.00 114.06 ? 415 GLU A O   1 
ATOM   1370 C CB  . GLU C 2 54 ? -14.894 -20.902 -23.346 1.00 112.35 ? 415 GLU A CB  1 
ATOM   1371 C CG  . GLU C 2 54 ? -13.814 -21.171 -22.306 1.00 115.90 ? 415 GLU A CG  1 
ATOM   1372 C CD  . GLU C 2 54 ? -12.537 -21.729 -22.922 1.00 117.37 ? 415 GLU A CD  1 
ATOM   1373 O OE1 . GLU C 2 54 ? -12.624 -22.769 -23.615 1.00 118.34 ? 415 GLU A OE1 1 
ATOM   1374 O OE2 . GLU C 2 54 ? -11.452 -21.133 -22.705 1.00 117.45 ? 415 GLU A OE2 1 
ATOM   1375 N N   . SER C 2 55 ? -16.641 -19.386 -25.345 1.00 115.64 ? 416 SER A N   1 
ATOM   1376 C CA  . SER C 2 55 ? -17.709 -19.385 -26.341 1.00 118.17 ? 416 SER A CA  1 
ATOM   1377 C C   . SER C 2 55 ? -17.296 -18.670 -27.619 1.00 119.44 ? 416 SER A C   1 
ATOM   1378 O O   . SER C 2 55 ? -18.039 -18.674 -28.606 1.00 120.08 ? 416 SER A O   1 
ATOM   1379 C CB  . SER C 2 55 ? -18.922 -18.602 -25.765 1.00 118.48 ? 416 SER A CB  1 
ATOM   1380 O OG  . SER C 2 55 ? -19.267 -19.061 -24.461 1.00 118.14 ? 416 SER A OG  1 
ATOM   1381 N N   . VAL C 2 56 ? -16.079 -18.152 -27.625 1.00 120.80 ? 417 VAL A N   1 
ATOM   1382 C CA  . VAL C 2 56 ? -15.547 -17.470 -28.793 1.00 122.13 ? 417 VAL A CA  1 
ATOM   1383 C C   . VAL C 2 56 ? -14.281 -18.025 -29.380 1.00 123.15 ? 417 VAL A C   1 
ATOM   1384 O O   . VAL C 2 56 ? -13.750 -17.489 -30.347 1.00 123.32 ? 417 VAL A O   1 
ATOM   1385 C CB  . VAL C 2 56 ? -15.301 -15.988 -28.358 1.00 122.07 ? 417 VAL A CB  1 
ATOM   1386 C CG1 . VAL C 2 56 ? -14.052 -15.910 -27.471 1.00 121.58 ? 417 VAL A CG1 1 
ATOM   1387 C CG2 . VAL C 2 56 ? -15.164 -15.087 -29.564 1.00 122.83 ? 417 VAL A CG2 1 
ATOM   1388 N N   . LYS C 2 57 ? -13.794 -19.102 -28.787 1.00 124.89 ? 418 LYS A N   1 
ATOM   1389 C CA  . LYS C 2 57 ? -12.568 -19.752 -29.250 1.00 126.76 ? 418 LYS A CA  1 
ATOM   1390 C C   . LYS C 2 57 ? -12.818 -20.506 -30.549 1.00 127.71 ? 418 LYS A C   1 
ATOM   1391 O O   . LYS C 2 57 ? -12.353 -21.629 -30.725 1.00 127.35 ? 418 LYS A O   1 
ATOM   1392 C CB  . LYS C 2 57 ? -12.048 -20.736 -28.194 1.00 127.35 ? 418 LYS A CB  1 
ATOM   1393 C CG  . LYS C 2 57 ? -12.929 -21.968 -28.014 1.00 128.44 ? 418 LYS A CG  1 
ATOM   1394 C CD  . LYS C 2 57 ? -12.422 -22.868 -26.897 1.00 128.95 ? 418 LYS A CD  1 
ATOM   1395 C CE  . LYS C 2 57 ? -13.351 -24.058 -26.706 1.00 129.42 ? 418 LYS A CE  1 
ATOM   1396 N NZ  . LYS C 2 57 ? -12.997 -24.853 -25.496 1.00 130.36 ? 418 LYS A NZ  1 
ATOM   1397 N N   . GLU C 2 58 ? -13.553 -19.873 -31.456 1.00 129.03 ? 419 GLU A N   1 
ATOM   1398 C CA  . GLU C 2 58 ? -13.877 -20.472 -32.746 1.00 130.32 ? 419 GLU A CA  1 
ATOM   1399 C C   . GLU C 2 58 ? -12.847 -20.138 -33.824 1.00 130.42 ? 419 GLU A C   1 
ATOM   1400 O O   . GLU C 2 58 ? -12.340 -21.087 -34.458 1.00 130.29 ? 419 GLU A O   1 
ATOM   1401 C CB  . GLU C 2 58 ? -15.269 -20.020 -33.190 1.00 130.94 ? 419 GLU A CB  1 
ATOM   1402 C CG  . GLU C 2 58 ? -16.349 -20.355 -32.179 1.00 132.44 ? 419 GLU A CG  1 
ATOM   1403 C CD  . GLU C 2 58 ? -17.740 -20.037 -32.677 1.00 133.32 ? 419 GLU A CD  1 
ATOM   1404 O OE1 . GLU C 2 58 ? -17.984 -18.869 -33.045 1.00 134.66 ? 419 GLU A OE1 1 
ATOM   1405 O OE2 . GLU C 2 58 ? -18.589 -20.950 -32.696 1.00 133.24 ? 419 GLU A OE2 1 
HETATM 1406 O O   . HOH D 3 .  ? -5.006  -17.142 -20.147 1.00 63.36  ? 2   HOH B O   1 
HETATM 1407 O O   . HOH D 3 .  ? 4.051   4.304   24.206  1.00 66.83  ? 3   HOH B O   1 
HETATM 1408 O O   . HOH D 3 .  ? -21.144 -14.969 -37.769 1.00 72.87  ? 6   HOH B O   1 
HETATM 1409 O O   . HOH D 3 .  ? -22.634 -13.229 -27.477 1.00 82.06  ? 13  HOH B O   1 
HETATM 1410 O O   . HOH D 3 .  ? 21.189  7.507   23.344  1.00 52.84  ? 15  HOH B O   1 
HETATM 1411 O O   . HOH D 3 .  ? 13.397  -1.800  3.627   1.00 62.80  ? 17  HOH B O   1 
HETATM 1412 O O   . HOH D 3 .  ? 17.086  10.446  37.637  1.00 55.55  ? 19  HOH B O   1 
HETATM 1413 O O   . HOH D 3 .  ? 1.213   -6.951  -18.649 1.00 48.43  ? 20  HOH B O   1 
HETATM 1414 O O   . HOH D 3 .  ? 12.608  -8.910  9.733   1.00 69.54  ? 26  HOH B O   1 
HETATM 1415 O O   . HOH E 3 .  ? 11.861  5.534   -3.563  1.00 45.54  ? 5   HOH C O   1 
HETATM 1416 O O   . HOH E 3 .  ? 25.158  11.579  19.908  1.00 64.19  ? 11  HOH C O   1 
HETATM 1417 O O   . HOH E 3 .  ? 19.761  4.251   21.758  1.00 59.73  ? 12  HOH C O   1 
HETATM 1418 O O   . HOH E 3 .  ? -12.344 2.108   -6.810  1.00 81.91  ? 16  HOH C O   1 
HETATM 1419 O O   . HOH E 3 .  ? 13.641  17.953  13.954  1.00 76.90  ? 21  HOH C O   1 
HETATM 1420 O O   . HOH E 3 .  ? 17.341  5.858   4.785   1.00 82.28  ? 22  HOH C O   1 
HETATM 1421 O O   . HOH E 3 .  ? -1.179  10.206  -8.579  1.00 41.47  ? 23  HOH C O   1 
HETATM 1422 O O   . HOH E 3 .  ? -25.247 -17.423 -25.497 1.00 57.70  ? 25  HOH C O   1 
HETATM 1423 O O   . HOH E 3 .  ? 3.812   16.208  -1.136  1.00 66.21  ? 27  HOH C O   1 
HETATM 1424 O O   . HOH F 3 .  ? -5.987  -16.307 -23.232 1.00 52.55  ? 1   HOH A O   1 
HETATM 1425 O O   . HOH F 3 .  ? 5.210   14.656  26.830  1.00 55.97  ? 4   HOH A O   1 
HETATM 1426 O O   . HOH F 3 .  ? -11.991 -26.859 -24.189 1.00 50.96  ? 7   HOH A O   1 
HETATM 1427 O O   . HOH F 3 .  ? -12.121 -17.012 -36.318 1.00 37.20  ? 8   HOH A O   1 
HETATM 1428 O O   . HOH F 3 .  ? -9.934  -0.873  4.933   1.00 62.66  ? 9   HOH A O   1 
HETATM 1429 O O   . HOH F 3 .  ? 0.975   13.995  19.219  1.00 46.77  ? 10  HOH A O   1 
HETATM 1430 O O   . HOH F 3 .  ? 14.782  30.790  23.663  1.00 103.84 ? 14  HOH A O   1 
HETATM 1431 O O   . HOH F 3 .  ? 14.060  23.297  20.222  1.00 54.81  ? 18  HOH A O   1 
HETATM 1432 O O   . HOH F 3 .  ? -7.459  -8.968  5.600   1.00 62.66  ? 24  HOH A O   1 
HETATM 1433 O O   . HOH F 3 .  ? -3.089  -8.918  1.532   1.00 69.44  ? 28  HOH A O   1 
HETATM 1434 O O   . HOH F 3 .  ? -11.175 -18.375 -9.557  1.00 92.37  ? 29  HOH A O   1 
# 
